data_3KJK
#
_entry.id   3KJK
#
_cell.length_a   117.032
_cell.length_b   78.275
_cell.length_c   181.871
_cell.angle_alpha   90.00
_cell.angle_beta   103.62
_cell.angle_gamma   90.00
#
_symmetry.space_group_name_H-M   'C 1 2 1'
#
loop_
_entity.id
_entity.type
_entity.pdbx_description
1 polymer 'NMB1025 protein'
2 water water
#
_entity_poly.entity_id   1
_entity_poly.type   'polypeptide(L)'
_entity_poly.pdbx_seq_one_letter_code
;(MSE)AHHHHHH(MSE)DIRYFGTTPRYSEAVGANGLIFLSG(MSE)VPENGETAAEQTADVLAQIDRWLAECGSDKAHV
LDAVIYLRD(MSE)GDYAE(MSE)NGVWDAWVAAGRTPARACVEARLARPEWRVEIKITAVKRDAATA
;
_entity_poly.pdbx_strand_id   A,B,C,D,E,F,G,H,I,J,K,L
#
# COMPACT_ATOMS: atom_id res chain seq x y z
N ASP A 10 -12.17 -2.89 26.37
CA ASP A 10 -12.26 -2.90 24.91
C ASP A 10 -10.97 -2.35 24.32
N ILE A 11 -10.46 -3.03 23.29
CA ILE A 11 -9.20 -2.65 22.67
C ILE A 11 -9.40 -1.87 21.38
N ARG A 12 -8.67 -0.77 21.25
CA ARG A 12 -8.66 0.02 20.03
C ARG A 12 -7.30 -0.15 19.33
N TYR A 13 -7.34 -0.44 18.04
CA TYR A 13 -6.13 -0.62 17.24
C TYR A 13 -5.93 0.55 16.26
N PHE A 14 -4.71 1.07 16.21
CA PHE A 14 -4.37 2.19 15.33
C PHE A 14 -3.17 1.82 14.47
N GLY A 15 -3.29 2.05 13.16
CA GLY A 15 -2.19 1.81 12.22
C GLY A 15 -1.81 0.35 12.13
N THR A 16 -2.85 -0.50 12.07
CA THR A 16 -2.68 -1.95 12.04
C THR A 16 -2.09 -2.43 10.73
N THR A 17 -1.05 -3.26 10.86
CA THR A 17 -0.43 -3.93 9.73
C THR A 17 -0.47 -5.42 10.07
N PRO A 18 -0.06 -6.30 9.13
CA PRO A 18 0.02 -7.73 9.40
C PRO A 18 0.97 -8.11 10.53
N ARG A 19 1.92 -7.24 10.86
CA ARG A 19 2.95 -7.57 11.84
C ARG A 19 2.68 -6.96 13.22
N TYR A 20 2.17 -5.72 13.23
CA TYR A 20 2.01 -4.94 14.45
C TYR A 20 1.03 -3.79 14.25
N SER A 21 0.61 -3.19 15.36
CA SER A 21 -0.14 -1.93 15.30
C SER A 21 0.71 -0.78 15.86
N GLU A 22 0.65 0.39 15.23
CA GLU A 22 1.49 1.51 15.65
C GLU A 22 1.11 1.94 17.07
N ALA A 23 -0.17 1.79 17.38
CA ALA A 23 -0.69 2.07 18.72
C ALA A 23 -1.89 1.19 19.04
N VAL A 24 -1.96 0.73 20.29
CA VAL A 24 -3.17 0.08 20.76
C VAL A 24 -3.60 0.69 22.09
N GLY A 25 -4.90 0.78 22.30
CA GLY A 25 -5.45 1.41 23.48
C GLY A 25 -6.43 0.50 24.19
N ALA A 26 -6.45 0.58 25.52
CA ALA A 26 -7.41 -0.17 26.33
C ALA A 26 -7.52 0.45 27.72
N ASN A 27 -8.76 0.72 28.13
CA ASN A 27 -9.08 1.38 29.40
C ASN A 27 -8.29 2.68 29.61
N GLY A 28 -8.33 3.54 28.62
CA GLY A 28 -7.61 4.81 28.67
C GLY A 28 -6.09 4.75 28.58
N LEU A 29 -5.52 3.55 28.60
CA LEU A 29 -4.06 3.36 28.41
C LEU A 29 -3.69 3.21 26.94
N ILE A 30 -2.52 3.72 26.57
CA ILE A 30 -2.04 3.66 25.19
C ILE A 30 -0.63 3.08 25.10
N PHE A 31 -0.48 2.04 24.28
CA PHE A 31 0.82 1.44 24.03
C PHE A 31 1.24 1.68 22.59
N LEU A 32 2.38 2.34 22.40
CA LEU A 32 2.91 2.56 21.06
C LEU A 32 3.95 1.51 20.74
N SER A 33 3.99 1.09 19.48
CA SER A 33 5.12 0.31 19.00
C SER A 33 6.37 1.15 19.14
N GLY A 34 7.52 0.50 19.19
CA GLY A 34 8.79 1.20 19.11
C GLY A 34 8.77 2.07 17.87
N VAL A 36 10.95 4.06 15.19
CA VAL A 36 12.30 4.05 14.62
C VAL A 36 12.43 5.16 13.57
N PRO A 37 13.68 5.60 13.30
CA PRO A 37 13.92 6.75 12.43
C PRO A 37 13.47 6.51 10.99
N GLU A 38 12.82 7.52 10.42
CA GLU A 38 12.41 7.50 9.03
C GLU A 38 13.23 8.52 8.25
N ASN A 39 13.75 9.51 8.98
CA ASN A 39 14.58 10.56 8.40
C ASN A 39 15.75 10.83 9.32
N GLY A 40 16.80 11.44 8.79
CA GLY A 40 17.93 11.85 9.60
C GLY A 40 19.07 10.85 9.60
N GLU A 41 20.27 11.34 9.91
CA GLU A 41 21.48 10.51 9.94
C GLU A 41 22.11 10.51 11.33
N THR A 42 22.28 11.71 11.90
CA THR A 42 22.84 11.88 13.24
C THR A 42 21.81 11.48 14.31
N ALA A 43 22.31 11.23 15.52
CA ALA A 43 21.45 10.88 16.65
C ALA A 43 20.42 11.97 16.93
N ALA A 44 20.85 13.23 16.81
CA ALA A 44 19.95 14.38 16.98
C ALA A 44 18.79 14.38 15.96
N GLU A 45 19.12 14.28 14.67
CA GLU A 45 18.12 14.26 13.59
C GLU A 45 17.13 13.11 13.74
N GLN A 46 17.66 11.93 14.06
CA GLN A 46 16.85 10.73 14.18
C GLN A 46 15.91 10.79 15.38
N THR A 47 16.44 11.29 16.50
CA THR A 47 15.63 11.50 17.70
C THR A 47 14.45 12.45 17.44
N ALA A 48 14.71 13.59 16.81
CA ALA A 48 13.63 14.54 16.50
C ALA A 48 12.57 13.90 15.61
N ASP A 49 12.98 13.05 14.67
CA ASP A 49 12.05 12.37 13.77
C ASP A 49 11.18 11.38 14.54
N VAL A 50 11.82 10.56 15.37
CA VAL A 50 11.14 9.60 16.23
C VAL A 50 10.12 10.30 17.15
N LEU A 51 10.54 11.38 17.81
CA LEU A 51 9.66 12.16 18.67
C LEU A 51 8.52 12.80 17.88
N ALA A 52 8.81 13.23 16.64
CA ALA A 52 7.75 13.76 15.78
C ALA A 52 6.71 12.69 15.41
N GLN A 53 7.15 11.45 15.21
CA GLN A 53 6.24 10.32 14.97
C GLN A 53 5.41 10.02 16.21
N ILE A 54 6.06 10.08 17.37
CA ILE A 54 5.37 9.89 18.63
C ILE A 54 4.26 10.94 18.81
N ASP A 55 4.55 12.20 18.47
CA ASP A 55 3.55 13.26 18.50
C ASP A 55 2.33 12.95 17.64
N ARG A 56 2.57 12.45 16.42
CA ARG A 56 1.51 12.11 15.48
C ARG A 56 0.62 10.95 15.94
N TRP A 57 1.23 9.89 16.47
CA TRP A 57 0.46 8.72 16.93
C TRP A 57 -0.31 8.97 18.22
N LEU A 58 0.32 9.67 19.16
CA LEU A 58 -0.38 10.15 20.36
C LEU A 58 -1.64 10.93 19.97
N ALA A 59 -1.49 11.89 19.06
CA ALA A 59 -2.62 12.68 18.58
C ALA A 59 -3.72 11.82 17.97
N GLU A 60 -3.33 10.80 17.22
CA GLU A 60 -4.29 9.81 16.69
C GLU A 60 -5.12 9.15 17.79
N CYS A 61 -4.47 8.85 18.92
CA CYS A 61 -5.05 8.09 20.01
C CYS A 61 -5.76 8.93 21.07
N GLY A 62 -5.85 10.24 20.86
CA GLY A 62 -6.47 11.14 21.83
C GLY A 62 -5.52 11.56 22.96
N SER A 63 -4.23 11.54 22.66
CA SER A 63 -3.21 11.86 23.64
C SER A 63 -2.17 12.85 23.10
N ASP A 64 -1.13 13.12 23.89
CA ASP A 64 -0.06 14.04 23.52
C ASP A 64 1.12 13.81 24.45
N LYS A 65 2.21 14.53 24.22
CA LYS A 65 3.44 14.34 24.98
C LYS A 65 3.32 14.69 26.48
N ALA A 66 2.33 15.51 26.83
CA ALA A 66 2.07 15.89 28.22
C ALA A 66 1.23 14.84 28.95
N HIS A 67 0.89 13.76 28.25
CA HIS A 67 0.18 12.65 28.86
C HIS A 67 0.88 11.30 28.65
N VAL A 68 2.21 11.37 28.54
CA VAL A 68 3.08 10.20 28.44
C VAL A 68 3.44 9.73 29.85
N LEU A 69 3.30 8.44 30.11
CA LEU A 69 3.58 7.87 31.42
C LEU A 69 5.00 7.38 31.49
N ASP A 70 5.42 6.72 30.41
CA ASP A 70 6.62 5.91 30.40
C ASP A 70 7.31 5.97 29.05
N ALA A 71 8.64 6.03 29.06
CA ALA A 71 9.42 6.04 27.84
C ALA A 71 10.70 5.22 27.99
N VAL A 72 10.90 4.24 27.12
CA VAL A 72 12.16 3.48 27.11
C VAL A 72 12.90 3.86 25.86
N ILE A 73 14.14 4.33 26.02
CA ILE A 73 14.94 4.79 24.88
C ILE A 73 16.12 3.83 24.64
N TYR A 74 16.09 3.15 23.50
CA TYR A 74 17.18 2.25 23.11
C TYR A 74 18.09 2.99 22.15
N LEU A 75 19.37 3.05 22.49
CA LEU A 75 20.37 3.63 21.62
C LEU A 75 21.25 2.54 21.07
N ARG A 76 21.54 2.60 19.76
CA ARG A 76 22.53 1.69 19.16
C ARG A 76 23.88 1.80 19.87
N ASP A 77 24.31 3.04 20.08
CA ASP A 77 25.60 3.31 20.69
C ASP A 77 25.40 4.35 21.77
N GLY A 79 27.35 6.16 23.04
CA GLY A 79 28.14 7.36 22.75
C GLY A 79 27.26 8.53 22.30
N ASP A 80 26.02 8.22 21.97
CA ASP A 80 25.06 9.20 21.46
C ASP A 80 24.15 9.78 22.54
N TYR A 81 24.47 9.50 23.80
CA TYR A 81 23.60 9.80 24.93
C TYR A 81 23.29 11.30 25.07
N ALA A 82 24.32 12.14 25.10
CA ALA A 82 24.14 13.60 25.28
C ALA A 82 23.40 14.25 24.11
N GLU A 83 23.73 13.82 22.89
CA GLU A 83 23.08 14.31 21.68
C GLU A 83 21.59 13.95 21.64
N ASN A 85 19.80 13.24 24.38
CA ASN A 85 19.25 14.01 25.49
C ASN A 85 18.89 15.44 25.12
N GLY A 86 19.80 16.12 24.41
CA GLY A 86 19.56 17.49 23.96
C GLY A 86 18.22 17.67 23.24
N VAL A 87 17.86 16.72 22.39
CA VAL A 87 16.61 16.78 21.64
C VAL A 87 15.42 16.40 22.53
N TRP A 88 15.58 15.33 23.29
CA TRP A 88 14.58 14.85 24.25
C TRP A 88 14.20 15.93 25.28
N ASP A 89 15.20 16.59 25.86
CA ASP A 89 14.99 17.64 26.88
C ASP A 89 14.17 18.81 26.35
N ALA A 90 14.46 19.23 25.12
CA ALA A 90 13.74 20.33 24.49
C ALA A 90 12.33 19.94 24.03
N TRP A 91 12.05 18.63 24.02
CA TRP A 91 10.77 18.10 23.53
C TRP A 91 9.72 17.87 24.64
N VAL A 92 10.16 17.41 25.81
CA VAL A 92 9.22 17.05 26.89
C VAL A 92 8.41 18.23 27.42
N ALA A 93 7.24 17.91 27.97
CA ALA A 93 6.39 18.92 28.62
C ALA A 93 6.93 19.23 30.00
N ALA A 94 7.35 20.48 30.21
CA ALA A 94 7.90 20.92 31.49
C ALA A 94 6.92 20.64 32.62
N GLY A 95 7.44 20.09 33.73
CA GLY A 95 6.60 19.70 34.86
C GLY A 95 5.79 18.43 34.64
N ARG A 96 5.79 17.91 33.41
CA ARG A 96 5.06 16.68 33.11
C ARG A 96 5.94 15.68 32.32
N THR A 97 7.21 15.60 32.70
CA THR A 97 8.16 14.65 32.12
C THR A 97 7.81 13.24 32.57
N PRO A 98 7.96 12.25 31.68
CA PRO A 98 7.51 10.88 31.99
C PRO A 98 8.57 10.06 32.72
N ALA A 99 8.19 8.87 33.20
CA ALA A 99 9.19 7.90 33.67
C ALA A 99 10.08 7.54 32.49
N ARG A 100 11.38 7.39 32.74
CA ARG A 100 12.34 7.15 31.66
C ARG A 100 13.40 6.10 31.96
N ALA A 101 13.71 5.30 30.95
CA ALA A 101 14.84 4.40 30.97
C ALA A 101 15.61 4.50 29.65
N CYS A 102 16.95 4.57 29.73
CA CYS A 102 17.79 4.57 28.55
C CYS A 102 18.88 3.52 28.65
N VAL A 103 19.04 2.77 27.57
CA VAL A 103 19.75 1.50 27.59
C VAL A 103 20.34 1.31 26.17
N GLU A 104 21.48 0.62 26.07
CA GLU A 104 22.12 0.38 24.77
C GLU A 104 21.71 -0.98 24.16
N ALA A 105 21.08 -0.92 22.98
CA ALA A 105 20.72 -2.13 22.22
C ALA A 105 20.73 -1.83 20.72
N ARG A 106 21.28 -2.74 19.93
CA ARG A 106 21.25 -2.58 18.48
C ARG A 106 19.82 -2.74 17.97
N LEU A 107 19.49 -2.07 16.88
CA LEU A 107 18.14 -2.06 16.34
C LEU A 107 18.07 -2.81 15.01
N ALA A 108 16.90 -2.81 14.38
CA ALA A 108 16.64 -3.69 13.23
C ALA A 108 17.48 -3.37 12.01
N ARG A 109 17.82 -2.09 11.84
CA ARG A 109 18.74 -1.67 10.78
C ARG A 109 19.97 -0.97 11.39
N PRO A 110 21.15 -1.16 10.78
CA PRO A 110 22.39 -0.62 11.36
C PRO A 110 22.46 0.91 11.37
N GLU A 111 21.74 1.57 10.46
CA GLU A 111 21.74 3.03 10.35
C GLU A 111 20.84 3.67 11.41
N TRP A 112 20.05 2.86 12.10
CA TRP A 112 19.17 3.37 13.17
C TRP A 112 19.96 3.53 14.46
N ARG A 113 19.98 4.75 14.98
CA ARG A 113 20.75 5.07 16.17
C ARG A 113 19.91 5.12 17.44
N VAL A 114 18.59 5.21 17.27
CA VAL A 114 17.68 5.41 18.40
C VAL A 114 16.29 4.84 18.13
N GLU A 115 15.72 4.21 19.14
CA GLU A 115 14.33 3.74 19.11
C GLU A 115 13.71 4.09 20.45
N ILE A 116 12.50 4.63 20.41
CA ILE A 116 11.82 5.05 21.64
C ILE A 116 10.46 4.34 21.74
N LYS A 117 10.19 3.78 22.91
CA LYS A 117 8.96 3.03 23.17
C LYS A 117 8.12 3.71 24.25
N ILE A 118 6.89 4.09 23.88
CA ILE A 118 6.05 4.95 24.71
C ILE A 118 4.81 4.23 25.26
N THR A 119 4.53 4.48 26.54
CA THR A 119 3.24 4.14 27.13
C THR A 119 2.59 5.46 27.55
N ALA A 120 1.31 5.62 27.21
CA ALA A 120 0.61 6.87 27.48
C ALA A 120 -0.86 6.68 27.92
N VAL A 121 -1.54 7.81 28.13
CA VAL A 121 -2.92 7.81 28.57
C VAL A 121 -3.74 8.80 27.72
N LYS A 122 -4.99 8.45 27.46
CA LYS A 122 -5.95 9.36 26.81
C LYS A 122 -6.27 10.53 27.72
N ARG A 123 -6.53 11.70 27.12
CA ARG A 123 -7.03 12.86 27.87
C ARG A 123 -8.49 12.65 28.28
N ASP A 124 -8.93 13.41 29.28
CA ASP A 124 -10.32 13.38 29.73
C ASP A 124 -11.07 14.63 29.28
N ASP B 10 -6.77 -5.19 42.84
CA ASP B 10 -6.40 -6.48 43.42
C ASP B 10 -5.42 -7.21 42.51
N ILE B 11 -4.39 -7.80 43.10
CA ILE B 11 -3.33 -8.46 42.33
C ILE B 11 -3.43 -9.99 42.38
N ARG B 12 -3.46 -10.61 41.20
CA ARG B 12 -3.41 -12.06 41.07
C ARG B 12 -2.03 -12.49 40.58
N TYR B 13 -1.50 -13.55 41.18
CA TYR B 13 -0.22 -14.10 40.78
C TYR B 13 -0.39 -15.50 40.19
N PHE B 14 0.26 -15.74 39.06
CA PHE B 14 0.17 -17.02 38.34
C PHE B 14 1.55 -17.63 38.16
N GLY B 15 1.66 -18.94 38.36
CA GLY B 15 2.94 -19.65 38.24
C GLY B 15 4.06 -19.00 39.06
N THR B 16 3.76 -18.75 40.33
CA THR B 16 4.68 -18.05 41.22
C THR B 16 5.86 -18.95 41.62
N THR B 17 7.06 -18.40 41.51
CA THR B 17 8.27 -19.04 42.04
C THR B 17 8.88 -18.07 43.07
N PRO B 18 9.87 -18.53 43.86
CA PRO B 18 10.59 -17.63 44.77
C PRO B 18 11.24 -16.42 44.07
N ARG B 19 11.42 -16.49 42.76
CA ARG B 19 12.13 -15.44 42.01
C ARG B 19 11.22 -14.52 41.19
N TYR B 20 10.14 -15.07 40.66
CA TYR B 20 9.24 -14.36 39.76
C TYR B 20 7.90 -15.09 39.66
N SER B 21 6.90 -14.43 39.13
CA SER B 21 5.68 -15.11 38.70
C SER B 21 5.61 -15.05 37.18
N GLU B 22 5.06 -16.11 36.59
CA GLU B 22 4.99 -16.22 35.15
C GLU B 22 4.00 -15.21 34.58
N ALA B 23 3.00 -14.86 35.38
CA ALA B 23 2.02 -13.85 35.02
C ALA B 23 1.48 -13.18 36.27
N VAL B 24 1.25 -11.88 36.16
CA VAL B 24 0.62 -11.09 37.21
C VAL B 24 -0.50 -10.29 36.57
N GLY B 25 -1.67 -10.32 37.20
CA GLY B 25 -2.84 -9.60 36.72
C GLY B 25 -3.35 -8.58 37.72
N ALA B 26 -3.68 -7.39 37.24
CA ALA B 26 -4.28 -6.36 38.07
C ALA B 26 -5.26 -5.55 37.26
N ASN B 27 -6.46 -5.35 37.81
CA ASN B 27 -7.51 -4.55 37.16
C ASN B 27 -7.67 -4.84 35.66
N GLY B 28 -7.85 -6.11 35.32
CA GLY B 28 -8.00 -6.53 33.94
C GLY B 28 -6.72 -6.63 33.11
N LEU B 29 -5.62 -6.01 33.59
CA LEU B 29 -4.34 -6.04 32.88
C LEU B 29 -3.52 -7.26 33.25
N ILE B 30 -2.75 -7.76 32.29
CA ILE B 30 -1.94 -8.96 32.49
C ILE B 30 -0.49 -8.73 32.06
N PHE B 31 0.45 -9.02 32.95
CA PHE B 31 1.86 -8.87 32.65
C PHE B 31 2.53 -10.23 32.72
N LEU B 32 3.07 -10.69 31.59
CA LEU B 32 3.79 -11.95 31.57
C LEU B 32 5.27 -11.70 31.84
N SER B 33 5.92 -12.67 32.47
CA SER B 33 7.38 -12.66 32.54
C SER B 33 7.94 -12.76 31.14
N GLY B 34 9.20 -12.37 30.95
CA GLY B 34 9.88 -12.67 29.70
C GLY B 34 9.79 -14.17 29.47
N VAL B 36 11.10 -17.47 27.67
CA VAL B 36 12.36 -17.94 27.08
C VAL B 36 12.17 -19.34 26.53
N PRO B 37 12.99 -19.74 25.54
CA PRO B 37 12.73 -21.02 24.87
C PRO B 37 12.97 -22.21 25.78
N GLU B 38 12.10 -23.20 25.68
CA GLU B 38 12.22 -24.46 26.41
C GLU B 38 12.53 -25.61 25.44
N ASN B 39 12.33 -25.35 24.14
CA ASN B 39 12.59 -26.31 23.07
C ASN B 39 13.08 -25.60 21.82
N GLY B 40 13.82 -26.30 20.96
CA GLY B 40 14.30 -25.76 19.70
C GLY B 40 15.68 -25.13 19.79
N GLU B 41 16.32 -24.97 18.64
CA GLU B 41 17.71 -24.50 18.56
C GLU B 41 17.84 -23.27 17.66
N THR B 42 17.15 -23.30 16.52
CA THR B 42 17.15 -22.17 15.59
C THR B 42 16.18 -21.12 16.08
N ALA B 43 16.34 -19.89 15.60
CA ALA B 43 15.44 -18.80 15.95
C ALA B 43 13.97 -19.09 15.61
N ALA B 44 13.74 -19.76 14.48
CA ALA B 44 12.38 -20.13 14.06
C ALA B 44 11.71 -21.07 15.05
N GLU B 45 12.46 -22.09 15.48
CA GLU B 45 11.94 -23.09 16.41
C GLU B 45 11.69 -22.49 17.80
N GLN B 46 12.64 -21.68 18.26
CA GLN B 46 12.57 -21.10 19.60
C GLN B 46 11.48 -20.04 19.70
N THR B 47 11.29 -19.29 18.62
CA THR B 47 10.17 -18.35 18.50
C THR B 47 8.83 -19.07 18.59
N ALA B 48 8.69 -20.21 17.90
CA ALA B 48 7.45 -21.00 17.96
C ALA B 48 7.17 -21.43 19.39
N ASP B 49 8.19 -21.97 20.06
CA ASP B 49 8.06 -22.45 21.42
C ASP B 49 7.65 -21.33 22.38
N VAL B 50 8.27 -20.16 22.22
CA VAL B 50 7.99 -19.01 23.08
C VAL B 50 6.55 -18.54 22.89
N LEU B 51 6.11 -18.49 21.63
CA LEU B 51 4.74 -18.10 21.30
C LEU B 51 3.68 -19.11 21.74
N ALA B 52 4.06 -20.38 21.86
CA ALA B 52 3.17 -21.39 22.39
C ALA B 52 3.02 -21.24 23.91
N GLN B 53 4.12 -20.94 24.58
CA GLN B 53 4.07 -20.65 26.02
C GLN B 53 3.14 -19.47 26.27
N ILE B 54 3.32 -18.41 25.49
CA ILE B 54 2.52 -17.20 25.60
C ILE B 54 1.03 -17.54 25.44
N ASP B 55 0.72 -18.43 24.50
CA ASP B 55 -0.64 -18.91 24.29
C ASP B 55 -1.21 -19.60 25.54
N ARG B 56 -0.43 -20.47 26.16
CA ARG B 56 -0.87 -21.20 27.33
C ARG B 56 -1.05 -20.28 28.53
N TRP B 57 -0.11 -19.38 28.77
CA TRP B 57 -0.23 -18.41 29.86
C TRP B 57 -1.38 -17.43 29.65
N LEU B 58 -1.52 -16.92 28.43
CA LEU B 58 -2.65 -16.05 28.14
C LEU B 58 -3.97 -16.76 28.41
N ALA B 59 -4.04 -18.05 28.06
CA ALA B 59 -5.23 -18.85 28.33
C ALA B 59 -5.49 -19.01 29.83
N GLU B 60 -4.43 -19.27 30.60
CA GLU B 60 -4.53 -19.36 32.06
C GLU B 60 -5.14 -18.12 32.68
N CYS B 61 -4.67 -16.95 32.26
CA CYS B 61 -5.09 -15.68 32.83
C CYS B 61 -6.38 -15.14 32.23
N GLY B 62 -7.10 -15.98 31.48
CA GLY B 62 -8.37 -15.58 30.85
C GLY B 62 -8.22 -14.62 29.69
N SER B 63 -7.12 -14.77 28.95
CA SER B 63 -6.83 -13.93 27.79
C SER B 63 -6.51 -14.79 26.57
N ASP B 64 -6.06 -14.15 25.50
CA ASP B 64 -5.59 -14.82 24.29
C ASP B 64 -4.78 -13.83 23.46
N LYS B 65 -4.22 -14.30 22.35
CA LYS B 65 -3.38 -13.48 21.48
C LYS B 65 -4.08 -12.28 20.82
N ALA B 66 -5.40 -12.35 20.70
CA ALA B 66 -6.19 -11.25 20.14
C ALA B 66 -6.40 -10.11 21.16
N HIS B 67 -5.88 -10.30 22.36
CA HIS B 67 -6.03 -9.32 23.45
C HIS B 67 -4.67 -8.89 23.99
N VAL B 68 -3.63 -9.09 23.17
CA VAL B 68 -2.30 -8.62 23.49
C VAL B 68 -2.17 -7.14 23.13
N LEU B 69 -1.69 -6.36 24.08
CA LEU B 69 -1.53 -4.92 23.91
C LEU B 69 -0.15 -4.61 23.38
N ASP B 70 0.85 -5.28 23.94
CA ASP B 70 2.24 -4.90 23.80
C ASP B 70 3.15 -6.12 23.82
N ALA B 71 4.18 -6.10 22.97
CA ALA B 71 5.18 -7.16 22.92
C ALA B 71 6.57 -6.58 22.66
N VAL B 72 7.49 -6.79 23.61
CA VAL B 72 8.89 -6.46 23.38
C VAL B 72 9.65 -7.75 23.07
N ILE B 73 10.32 -7.76 21.94
CA ILE B 73 11.04 -8.94 21.48
C ILE B 73 12.53 -8.69 21.58
N TYR B 74 13.21 -9.49 22.40
CA TYR B 74 14.66 -9.40 22.50
C TYR B 74 15.31 -10.56 21.74
N LEU B 75 16.20 -10.21 20.82
CA LEU B 75 16.94 -11.20 20.05
C LEU B 75 18.39 -11.14 20.47
N ARG B 76 19.00 -12.31 20.73
CA ARG B 76 20.44 -12.38 20.98
C ARG B 76 21.21 -11.76 19.80
N ASP B 77 20.72 -12.02 18.58
CA ASP B 77 21.42 -11.65 17.36
C ASP B 77 20.42 -11.14 16.33
N GLY B 79 20.63 -10.67 13.39
CA GLY B 79 20.67 -11.48 12.16
C GLY B 79 19.50 -12.45 12.02
N ASP B 80 18.78 -12.67 13.13
CA ASP B 80 17.62 -13.58 13.15
C ASP B 80 16.30 -12.83 12.99
N TYR B 81 16.37 -11.55 12.66
CA TYR B 81 15.18 -10.71 12.52
C TYR B 81 14.13 -11.32 11.60
N ALA B 82 14.53 -11.65 10.38
CA ALA B 82 13.63 -12.18 9.36
C ALA B 82 13.03 -13.54 9.72
N GLU B 83 13.87 -14.43 10.27
CA GLU B 83 13.45 -15.77 10.65
C GLU B 83 12.45 -15.71 11.80
N ASN B 85 10.57 -13.07 12.44
CA ASN B 85 9.37 -12.43 11.87
C ASN B 85 8.44 -13.43 11.17
N GLY B 86 9.02 -14.40 10.47
CA GLY B 86 8.24 -15.44 9.79
C GLY B 86 7.29 -16.19 10.70
N VAL B 87 7.76 -16.50 11.91
CA VAL B 87 6.94 -17.22 12.89
C VAL B 87 5.95 -16.25 13.56
N TRP B 88 6.45 -15.06 13.92
CA TRP B 88 5.61 -14.02 14.50
C TRP B 88 4.43 -13.65 13.61
N ASP B 89 4.71 -13.36 12.34
CA ASP B 89 3.69 -12.96 11.36
C ASP B 89 2.58 -14.01 11.21
N ALA B 90 2.97 -15.29 11.19
CA ALA B 90 2.00 -16.39 11.09
C ALA B 90 1.17 -16.57 12.36
N TRP B 91 1.70 -16.10 13.49
CA TRP B 91 1.06 -16.32 14.79
C TRP B 91 0.03 -15.26 15.17
N VAL B 92 0.34 -13.98 14.92
CA VAL B 92 -0.52 -12.86 15.32
C VAL B 92 -1.97 -12.99 14.82
N ALA B 93 -2.91 -12.45 15.60
CA ALA B 93 -4.30 -12.46 15.19
C ALA B 93 -4.50 -11.33 14.18
N ALA B 94 -4.95 -11.69 12.98
CA ALA B 94 -5.18 -10.74 11.89
C ALA B 94 -6.12 -9.60 12.32
N GLY B 95 -5.69 -8.37 12.08
CA GLY B 95 -6.48 -7.19 12.42
C GLY B 95 -6.45 -6.83 13.88
N ARG B 96 -5.80 -7.67 14.69
CA ARG B 96 -5.68 -7.44 16.12
C ARG B 96 -4.23 -7.58 16.58
N THR B 97 -3.32 -7.09 15.75
CA THR B 97 -1.89 -7.17 16.02
C THR B 97 -1.50 -6.15 17.10
N PRO B 98 -0.56 -6.50 18.00
CA PRO B 98 -0.25 -5.62 19.13
C PRO B 98 0.78 -4.56 18.78
N ALA B 99 1.01 -3.63 19.71
CA ALA B 99 2.17 -2.76 19.61
C ALA B 99 3.41 -3.64 19.77
N ARG B 100 4.49 -3.28 19.09
CA ARG B 100 5.67 -4.13 19.07
C ARG B 100 6.97 -3.35 19.04
N ALA B 101 7.98 -3.88 19.70
CA ALA B 101 9.33 -3.38 19.57
C ALA B 101 10.28 -4.57 19.60
N CYS B 102 11.30 -4.54 18.75
CA CYS B 102 12.28 -5.61 18.68
C CYS B 102 13.68 -5.02 18.75
N VAL B 103 14.44 -5.40 19.77
CA VAL B 103 15.81 -4.93 19.96
C VAL B 103 16.74 -6.11 20.26
N GLU B 104 18.04 -5.87 20.10
CA GLU B 104 19.05 -6.90 20.29
C GLU B 104 19.67 -6.82 21.68
N ALA B 105 19.45 -7.88 22.46
CA ALA B 105 20.05 -8.03 23.78
C ALA B 105 20.29 -9.52 24.07
N ARG B 106 21.48 -9.83 24.58
CA ARG B 106 21.83 -11.19 24.97
C ARG B 106 20.97 -11.61 26.14
N LEU B 107 20.65 -12.89 26.20
CA LEU B 107 19.75 -13.39 27.22
C LEU B 107 20.49 -14.21 28.28
N ALA B 108 19.75 -14.71 29.28
CA ALA B 108 20.32 -15.38 30.46
C ALA B 108 21.10 -16.68 30.15
N ARG B 109 20.77 -17.33 29.04
CA ARG B 109 21.57 -18.45 28.56
C ARG B 109 22.02 -18.22 27.11
N PRO B 110 23.27 -18.59 26.78
CA PRO B 110 23.80 -18.30 25.45
C PRO B 110 23.05 -19.00 24.32
N GLU B 111 22.36 -20.09 24.63
CA GLU B 111 21.60 -20.82 23.61
C GLU B 111 20.27 -20.16 23.28
N TRP B 112 19.82 -19.23 24.12
CA TRP B 112 18.55 -18.55 23.89
C TRP B 112 18.70 -17.45 22.86
N ARG B 113 18.00 -17.60 21.75
CA ARG B 113 18.13 -16.68 20.63
C ARG B 113 17.03 -15.62 20.62
N VAL B 114 15.98 -15.84 21.41
CA VAL B 114 14.81 -14.95 21.45
C VAL B 114 14.09 -14.99 22.80
N GLU B 115 13.57 -13.83 23.22
CA GLU B 115 12.74 -13.72 24.43
C GLU B 115 11.68 -12.68 24.18
N ILE B 116 10.44 -13.01 24.52
CA ILE B 116 9.31 -12.13 24.24
C ILE B 116 8.57 -11.74 25.52
N LYS B 117 8.39 -10.42 25.71
CA LYS B 117 7.72 -9.89 26.89
C LYS B 117 6.37 -9.28 26.58
N ILE B 118 5.31 -9.92 27.08
CA ILE B 118 3.93 -9.59 26.72
C ILE B 118 3.20 -8.79 27.81
N THR B 119 2.39 -7.84 27.37
CA THR B 119 1.37 -7.18 28.19
C THR B 119 0.04 -7.47 27.48
N ALA B 120 -0.95 -7.90 28.24
CA ALA B 120 -2.25 -8.21 27.65
C ALA B 120 -3.39 -7.80 28.57
N VAL B 121 -4.60 -8.10 28.15
CA VAL B 121 -5.76 -7.71 28.89
C VAL B 121 -6.73 -8.90 28.99
N LYS B 122 -7.40 -9.00 30.13
CA LYS B 122 -8.50 -9.95 30.32
C LYS B 122 -9.67 -9.69 29.37
N ARG B 123 -10.27 -10.75 28.85
CA ARG B 123 -11.57 -10.66 28.18
C ARG B 123 -12.65 -10.25 29.18
N ASP B 124 -13.69 -9.57 28.69
CA ASP B 124 -14.83 -9.13 29.52
C ASP B 124 -15.85 -10.25 29.79
N ASP C 10 -6.32 10.77 35.89
CA ASP C 10 -5.44 11.83 36.38
C ASP C 10 -4.01 11.31 36.56
N ILE C 11 -3.05 12.08 36.05
CA ILE C 11 -1.64 11.71 36.12
C ILE C 11 -0.96 12.46 37.26
N ARG C 12 -0.21 11.72 38.07
CA ARG C 12 0.59 12.32 39.13
C ARG C 12 2.07 12.11 38.84
N TYR C 13 2.86 13.18 38.97
CA TYR C 13 4.30 13.12 38.74
C TYR C 13 5.08 13.22 40.07
N PHE C 14 6.03 12.31 40.25
CA PHE C 14 6.83 12.26 41.46
C PHE C 14 8.31 12.39 41.13
N GLY C 15 8.99 13.35 41.77
CA GLY C 15 10.43 13.56 41.59
C GLY C 15 10.77 14.01 40.18
N THR C 16 10.03 15.01 39.71
CA THR C 16 10.13 15.50 38.36
C THR C 16 11.40 16.34 38.17
N THR C 17 12.13 16.03 37.09
CA THR C 17 13.25 16.83 36.64
C THR C 17 12.90 17.39 35.25
N PRO C 18 13.74 18.29 34.71
CA PRO C 18 13.55 18.73 33.32
C PRO C 18 13.62 17.60 32.29
N ARG C 19 14.17 16.44 32.67
CA ARG C 19 14.34 15.31 31.74
C ARG C 19 13.33 14.18 31.93
N TYR C 20 13.04 13.83 33.18
CA TYR C 20 12.21 12.68 33.48
C TYR C 20 11.63 12.85 34.87
N SER C 21 10.62 12.04 35.19
CA SER C 21 10.14 11.89 36.56
C SER C 21 10.53 10.52 37.08
N GLU C 22 10.99 10.46 38.32
CA GLU C 22 11.33 9.21 39.01
C GLU C 22 10.17 8.20 39.06
N ALA C 23 8.95 8.69 39.28
CA ALA C 23 7.75 7.88 39.14
C ALA C 23 6.61 8.71 38.58
N VAL C 24 5.74 8.03 37.84
CA VAL C 24 4.51 8.60 37.29
C VAL C 24 3.35 7.65 37.60
N GLY C 25 2.27 8.20 38.14
CA GLY C 25 1.10 7.40 38.51
C GLY C 25 -0.14 7.78 37.72
N ALA C 26 -0.96 6.78 37.39
CA ALA C 26 -2.24 6.99 36.71
C ALA C 26 -3.18 5.81 36.92
N ASN C 27 -4.41 6.10 37.31
CA ASN C 27 -5.44 5.07 37.53
C ASN C 27 -4.91 3.84 38.29
N GLY C 28 -4.33 4.08 39.45
CA GLY C 28 -3.81 3.02 40.31
C GLY C 28 -2.46 2.43 39.90
N LEU C 29 -2.00 2.74 38.69
CA LEU C 29 -0.73 2.20 38.18
C LEU C 29 0.43 3.14 38.43
N ILE C 30 1.61 2.55 38.63
CA ILE C 30 2.82 3.31 38.93
C ILE C 30 3.95 2.86 38.03
N PHE C 31 4.50 3.78 37.27
CA PHE C 31 5.65 3.52 36.42
C PHE C 31 6.86 4.24 36.97
N LEU C 32 7.89 3.49 37.32
CA LEU C 32 9.15 4.04 37.81
C LEU C 32 10.14 4.23 36.68
N SER C 33 10.92 5.30 36.75
CA SER C 33 12.08 5.42 35.87
C SER C 33 13.02 4.25 36.14
N GLY C 34 13.86 3.93 35.17
CA GLY C 34 14.93 2.96 35.38
C GLY C 34 15.75 3.45 36.55
N VAL C 36 19.04 3.35 38.83
CA VAL C 36 20.41 3.16 38.42
C VAL C 36 21.32 3.31 39.65
N PRO C 37 22.45 2.58 39.69
CA PRO C 37 23.23 2.56 40.93
C PRO C 37 23.78 3.93 41.33
N GLU C 38 23.62 4.27 42.62
CA GLU C 38 24.18 5.49 43.21
C GLU C 38 25.32 5.13 44.18
N ASN C 39 25.36 3.86 44.58
CA ASN C 39 26.40 3.34 45.48
C ASN C 39 26.84 1.94 45.05
N GLY C 40 28.03 1.53 45.52
CA GLY C 40 28.50 0.16 45.30
C GLY C 40 29.26 -0.04 44.01
N GLU C 41 30.04 -1.11 43.97
CA GLU C 41 30.92 -1.39 42.84
C GLU C 41 30.55 -2.71 42.18
N THR C 42 30.32 -3.74 42.99
CA THR C 42 29.98 -5.07 42.48
C THR C 42 28.52 -5.14 42.11
N ALA C 43 28.17 -6.15 41.33
CA ALA C 43 26.78 -6.42 40.96
C ALA C 43 25.88 -6.56 42.18
N ALA C 44 26.32 -7.31 43.19
CA ALA C 44 25.58 -7.48 44.45
C ALA C 44 25.29 -6.14 45.12
N GLU C 45 26.34 -5.34 45.30
CA GLU C 45 26.27 -4.03 45.94
C GLU C 45 25.33 -3.08 45.21
N GLN C 46 25.48 -3.01 43.88
CA GLN C 46 24.69 -2.11 43.05
C GLN C 46 23.23 -2.53 42.94
N THR C 47 22.98 -3.83 42.96
CA THR C 47 21.60 -4.37 42.97
C THR C 47 20.89 -4.01 44.26
N ALA C 48 21.57 -4.14 45.40
CA ALA C 48 20.99 -3.76 46.69
C ALA C 48 20.67 -2.26 46.72
N ASP C 49 21.57 -1.45 46.18
CA ASP C 49 21.34 -0.01 46.08
C ASP C 49 20.15 0.36 45.18
N VAL C 50 20.08 -0.27 44.01
CA VAL C 50 18.99 -0.04 43.07
C VAL C 50 17.65 -0.42 43.70
N LEU C 51 17.61 -1.55 44.41
CA LEU C 51 16.39 -2.04 45.04
C LEU C 51 15.99 -1.17 46.25
N ALA C 52 16.96 -0.58 46.93
CA ALA C 52 16.69 0.35 48.02
C ALA C 52 16.05 1.63 47.47
N GLN C 53 16.46 2.04 46.27
CA GLN C 53 15.82 3.18 45.62
C GLN C 53 14.39 2.86 45.22
N ILE C 54 14.18 1.66 44.70
CA ILE C 54 12.85 1.23 44.29
C ILE C 54 11.92 1.26 45.52
N ASP C 55 12.43 0.78 46.65
CA ASP C 55 11.69 0.78 47.91
C ASP C 55 11.19 2.18 48.30
N ARG C 56 12.08 3.17 48.20
CA ARG C 56 11.73 4.55 48.57
C ARG C 56 10.68 5.13 47.64
N TRP C 57 10.90 4.96 46.34
CA TRP C 57 9.97 5.50 45.34
C TRP C 57 8.60 4.85 45.36
N LEU C 58 8.57 3.55 45.67
CA LEU C 58 7.30 2.86 45.81
C LEU C 58 6.55 3.42 47.01
N ALA C 59 7.25 3.60 48.13
CA ALA C 59 6.66 4.16 49.34
C ALA C 59 6.10 5.56 49.08
N GLU C 60 6.88 6.36 48.36
CA GLU C 60 6.46 7.68 47.91
C GLU C 60 5.12 7.68 47.16
N CYS C 61 4.91 6.67 46.33
CA CYS C 61 3.75 6.58 45.46
C CYS C 61 2.59 5.78 46.08
N GLY C 62 2.74 5.39 47.34
CA GLY C 62 1.71 4.61 48.03
C GLY C 62 1.73 3.13 47.70
N SER C 63 2.92 2.62 47.38
CA SER C 63 3.12 1.22 47.04
C SER C 63 4.29 0.62 47.82
N ASP C 64 4.59 -0.64 47.53
CA ASP C 64 5.75 -1.33 48.10
C ASP C 64 6.10 -2.50 47.19
N LYS C 65 7.13 -3.25 47.59
CA LYS C 65 7.66 -4.34 46.77
C LYS C 65 6.72 -5.54 46.65
N ALA C 66 5.77 -5.65 47.59
CA ALA C 66 4.76 -6.70 47.54
C ALA C 66 3.58 -6.33 46.63
N HIS C 67 3.69 -5.18 45.96
CA HIS C 67 2.67 -4.71 45.02
C HIS C 67 3.28 -4.35 43.67
N VAL C 68 4.45 -4.92 43.39
CA VAL C 68 5.11 -4.76 42.10
C VAL C 68 4.53 -5.76 41.11
N LEU C 69 4.24 -5.28 39.90
CA LEU C 69 3.65 -6.10 38.85
C LEU C 69 4.70 -6.67 37.93
N ASP C 70 5.72 -5.86 37.65
CA ASP C 70 6.61 -6.10 36.52
C ASP C 70 7.98 -5.50 36.76
N ALA C 71 9.02 -6.25 36.40
CA ALA C 71 10.39 -5.77 36.52
C ALA C 71 11.22 -6.21 35.33
N VAL C 72 11.79 -5.25 34.61
CA VAL C 72 12.78 -5.53 33.58
C VAL C 72 14.13 -5.17 34.18
N ILE C 73 15.05 -6.14 34.14
CA ILE C 73 16.36 -5.97 34.74
C ILE C 73 17.41 -5.95 33.62
N TYR C 74 18.11 -4.84 33.50
CA TYR C 74 19.16 -4.72 32.50
C TYR C 74 20.52 -4.91 33.17
N LEU C 75 21.26 -5.93 32.73
CA LEU C 75 22.63 -6.12 33.18
C LEU C 75 23.61 -5.67 32.11
N ARG C 76 24.65 -4.95 32.50
CA ARG C 76 25.70 -4.61 31.57
C ARG C 76 26.35 -5.90 31.06
N ASP C 77 26.60 -6.83 31.97
CA ASP C 77 27.27 -8.10 31.66
C ASP C 77 26.48 -9.26 32.28
N GLY C 79 27.30 -12.09 32.81
CA GLY C 79 28.14 -12.84 33.75
C GLY C 79 27.79 -12.51 35.19
N ASP C 80 27.07 -11.41 35.40
CA ASP C 80 26.67 -10.95 36.73
C ASP C 80 25.30 -11.49 37.14
N TYR C 81 24.77 -12.41 36.35
CA TYR C 81 23.41 -12.91 36.54
C TYR C 81 23.13 -13.52 37.91
N ALA C 82 23.96 -14.49 38.32
CA ALA C 82 23.74 -15.20 39.58
C ALA C 82 23.88 -14.27 40.79
N GLU C 83 24.88 -13.39 40.75
CA GLU C 83 25.12 -12.43 41.82
C GLU C 83 23.94 -11.48 41.99
N ASN C 85 20.87 -12.06 41.06
CA ASN C 85 19.75 -12.91 41.52
C ASN C 85 19.76 -13.16 43.02
N GLY C 86 20.94 -13.43 43.58
CA GLY C 86 21.08 -13.67 45.02
C GLY C 86 20.48 -12.55 45.85
N VAL C 87 20.74 -11.31 45.42
CA VAL C 87 20.24 -10.11 46.10
C VAL C 87 18.74 -9.92 45.81
N TRP C 88 18.35 -10.14 44.55
CA TRP C 88 16.95 -10.02 44.14
C TRP C 88 16.05 -10.99 44.89
N ASP C 89 16.47 -12.26 44.92
CA ASP C 89 15.73 -13.33 45.60
C ASP C 89 15.49 -13.06 47.08
N ALA C 90 16.42 -12.36 47.72
CA ALA C 90 16.35 -12.07 49.14
C ALA C 90 15.53 -10.81 49.44
N TRP C 91 15.21 -10.06 48.40
CA TRP C 91 14.49 -8.79 48.53
C TRP C 91 13.01 -8.95 48.18
N VAL C 92 12.73 -9.84 47.23
CA VAL C 92 11.40 -10.01 46.69
C VAL C 92 10.42 -10.50 47.80
N ALA C 93 9.13 -10.16 47.70
CA ALA C 93 8.15 -10.59 48.70
C ALA C 93 7.62 -12.00 48.41
N ALA C 94 7.76 -12.89 49.39
CA ALA C 94 7.38 -14.29 49.22
C ALA C 94 5.90 -14.42 48.83
N GLY C 95 5.64 -15.23 47.81
CA GLY C 95 4.29 -15.42 47.30
C GLY C 95 3.78 -14.28 46.43
N ARG C 96 4.58 -13.21 46.31
CA ARG C 96 4.16 -12.01 45.58
C ARG C 96 5.31 -11.47 44.71
N THR C 97 5.99 -12.41 44.06
CA THR C 97 7.09 -12.10 43.17
C THR C 97 6.50 -11.61 41.84
N PRO C 98 7.12 -10.59 41.23
CA PRO C 98 6.53 -9.94 40.06
C PRO C 98 6.83 -10.67 38.76
N ALA C 99 6.14 -10.30 37.69
CA ALA C 99 6.57 -10.69 36.36
C ALA C 99 7.98 -10.12 36.18
N ARG C 100 8.85 -10.86 35.51
CA ARG C 100 10.25 -10.44 35.39
C ARG C 100 10.85 -10.78 34.03
N ALA C 101 11.75 -9.93 33.56
CA ALA C 101 12.60 -10.19 32.42
C ALA C 101 13.97 -9.64 32.73
N CYS C 102 15.00 -10.36 32.30
CA CYS C 102 16.38 -9.91 32.48
C CYS C 102 17.17 -10.06 31.19
N VAL C 103 17.72 -8.96 30.71
CA VAL C 103 18.48 -8.95 29.45
C VAL C 103 19.76 -8.14 29.61
N GLU C 104 20.69 -8.34 28.68
CA GLU C 104 21.99 -7.69 28.75
C GLU C 104 22.03 -6.45 27.88
N ALA C 105 22.25 -5.31 28.51
CA ALA C 105 22.36 -4.05 27.81
C ALA C 105 23.31 -3.13 28.55
N ARG C 106 24.24 -2.50 27.84
CA ARG C 106 25.12 -1.50 28.45
C ARG C 106 24.30 -0.31 28.93
N LEU C 107 24.72 0.32 30.01
CA LEU C 107 23.98 1.45 30.58
C LEU C 107 24.66 2.80 30.34
N ALA C 108 24.11 3.89 30.88
CA ALA C 108 24.59 5.25 30.55
C ALA C 108 26.01 5.55 31.01
N ARG C 109 26.48 4.84 32.04
CA ARG C 109 27.89 4.90 32.46
C ARG C 109 28.49 3.51 32.48
N PRO C 110 29.79 3.41 32.16
CA PRO C 110 30.42 2.09 32.07
C PRO C 110 30.47 1.35 33.41
N GLU C 111 30.52 2.10 34.52
CA GLU C 111 30.64 1.52 35.87
C GLU C 111 29.32 0.96 36.40
N TRP C 112 28.20 1.27 35.73
CA TRP C 112 26.89 0.77 36.12
C TRP C 112 26.66 -0.68 35.66
N ARG C 113 26.46 -1.59 36.60
CA ARG C 113 26.33 -3.02 36.26
C ARG C 113 24.88 -3.45 36.10
N VAL C 114 23.97 -2.70 36.69
CA VAL C 114 22.57 -3.10 36.72
C VAL C 114 21.64 -1.90 36.75
N GLU C 115 20.55 -2.00 35.98
CA GLU C 115 19.48 -1.04 36.02
C GLU C 115 18.19 -1.83 36.07
N ILE C 116 17.25 -1.39 36.90
CA ILE C 116 15.96 -2.08 37.04
C ILE C 116 14.79 -1.12 36.79
N LYS C 117 13.88 -1.51 35.90
CA LYS C 117 12.71 -0.73 35.56
C LYS C 117 11.41 -1.38 36.08
N ILE C 118 10.71 -0.65 36.95
CA ILE C 118 9.57 -1.18 37.70
C ILE C 118 8.23 -0.61 37.25
N THR C 119 7.21 -1.47 37.27
CA THR C 119 5.82 -1.09 37.12
C THR C 119 5.10 -1.70 38.32
N ALA C 120 4.25 -0.91 38.96
CA ALA C 120 3.62 -1.32 40.21
C ALA C 120 2.18 -0.82 40.32
N VAL C 121 1.55 -1.06 41.46
CA VAL C 121 0.20 -0.57 41.75
C VAL C 121 0.12 0.05 43.15
N LYS C 122 -0.74 1.04 43.32
CA LYS C 122 -1.02 1.62 44.64
C LYS C 122 -1.78 0.63 45.50
N ARG C 123 -1.65 0.74 46.82
CA ARG C 123 -2.53 0.02 47.75
C ARG C 123 -3.93 0.64 47.74
N ASP C 124 -4.95 -0.19 47.93
CA ASP C 124 -6.34 0.29 48.00
C ASP C 124 -6.72 0.68 49.42
N ASP D 10 62.91 -24.12 9.45
CA ASP D 10 62.51 -25.24 10.30
C ASP D 10 61.69 -24.78 11.50
N ILE D 11 60.53 -25.41 11.68
CA ILE D 11 59.58 -25.02 12.73
C ILE D 11 59.84 -25.80 14.01
N ARG D 12 59.82 -25.11 15.14
CA ARG D 12 59.86 -25.76 16.44
C ARG D 12 58.56 -25.51 17.21
N TYR D 13 57.98 -26.58 17.75
CA TYR D 13 56.72 -26.47 18.48
C TYR D 13 56.94 -26.61 19.98
N PHE D 14 56.31 -25.72 20.74
CA PHE D 14 56.39 -25.72 22.20
C PHE D 14 55.01 -25.90 22.83
N GLY D 15 54.93 -26.82 23.80
CA GLY D 15 53.70 -27.07 24.54
C GLY D 15 52.54 -27.46 23.65
N THR D 16 52.79 -28.38 22.73
CA THR D 16 51.81 -28.79 21.74
C THR D 16 50.67 -29.63 22.33
N THR D 17 49.43 -29.22 22.04
CA THR D 17 48.24 -30.00 22.38
C THR D 17 47.53 -30.40 21.08
N PRO D 18 46.44 -31.18 21.17
CA PRO D 18 45.67 -31.50 19.95
C PRO D 18 45.07 -30.29 19.24
N ARG D 19 44.93 -29.19 19.96
CA ARG D 19 44.26 -28.00 19.42
C ARG D 19 45.20 -26.85 19.01
N TYR D 20 46.29 -26.67 19.75
CA TYR D 20 47.21 -25.55 19.56
C TYR D 20 48.53 -25.84 20.28
N SER D 21 49.58 -25.11 19.88
CA SER D 21 50.83 -25.12 20.61
C SER D 21 50.94 -23.80 21.37
N GLU D 22 51.43 -23.86 22.61
CA GLU D 22 51.65 -22.65 23.40
C GLU D 22 52.59 -21.67 22.69
N ALA D 23 53.60 -22.21 21.99
CA ALA D 23 54.49 -21.38 21.20
C ALA D 23 54.99 -22.10 19.96
N VAL D 24 55.22 -21.33 18.90
CA VAL D 24 55.77 -21.83 17.66
C VAL D 24 56.89 -20.89 17.21
N GLY D 25 58.08 -21.45 17.00
CA GLY D 25 59.23 -20.69 16.54
C GLY D 25 59.69 -21.11 15.16
N ALA D 26 59.99 -20.13 14.32
CA ALA D 26 60.61 -20.38 13.02
C ALA D 26 61.52 -19.21 12.64
N ASN D 27 62.70 -19.52 12.13
CA ASN D 27 63.66 -18.49 11.67
C ASN D 27 63.85 -17.35 12.65
N GLY D 28 64.05 -17.68 13.93
CA GLY D 28 64.24 -16.68 14.97
C GLY D 28 62.99 -15.96 15.46
N LEU D 29 61.85 -16.17 14.79
CA LEU D 29 60.57 -15.58 15.22
C LEU D 29 59.79 -16.51 16.14
N ILE D 30 59.00 -15.93 17.04
CA ILE D 30 58.23 -16.70 18.03
C ILE D 30 56.79 -16.21 18.14
N PHE D 31 55.85 -17.10 17.88
CA PHE D 31 54.44 -16.79 18.01
C PHE D 31 53.88 -17.54 19.19
N LEU D 32 53.42 -16.82 20.21
CA LEU D 32 52.72 -17.44 21.32
C LEU D 32 51.22 -17.50 21.02
N SER D 33 50.58 -18.57 21.48
CA SER D 33 49.12 -18.61 21.56
C SER D 33 48.64 -17.46 22.43
N GLY D 34 47.34 -17.15 22.32
CA GLY D 34 46.71 -16.24 23.26
C GLY D 34 46.82 -16.81 24.65
N VAL D 36 45.63 -16.88 28.42
CA VAL D 36 44.39 -16.59 29.13
C VAL D 36 44.58 -16.88 30.62
N PRO D 37 43.80 -16.19 31.49
CA PRO D 37 44.11 -16.24 32.91
C PRO D 37 43.87 -17.62 33.52
N GLU D 38 44.80 -18.07 34.35
CA GLU D 38 44.66 -19.32 35.10
C GLU D 38 44.38 -19.04 36.58
N ASN D 39 44.60 -17.80 36.98
CA ASN D 39 44.35 -17.37 38.35
C ASN D 39 43.82 -15.95 38.35
N GLY D 40 43.14 -15.58 39.43
CA GLY D 40 42.67 -14.22 39.61
C GLY D 40 41.28 -13.99 39.08
N GLU D 41 40.67 -12.91 39.57
CA GLU D 41 39.31 -12.50 39.20
C GLU D 41 39.28 -11.11 38.57
N THR D 42 40.01 -10.16 39.16
CA THR D 42 40.09 -8.80 38.65
C THR D 42 41.03 -8.73 37.44
N ALA D 43 40.86 -7.68 36.64
CA ALA D 43 41.70 -7.45 35.47
C ALA D 43 43.18 -7.37 35.83
N ALA D 44 43.49 -6.75 36.97
CA ALA D 44 44.86 -6.65 37.46
C ALA D 44 45.46 -8.02 37.83
N GLU D 45 44.67 -8.83 38.54
CA GLU D 45 45.11 -10.16 38.96
C GLU D 45 45.37 -11.06 37.76
N GLN D 46 44.38 -11.12 36.87
CA GLN D 46 44.47 -11.90 35.63
C GLN D 46 45.56 -11.42 34.66
N THR D 47 45.75 -10.10 34.54
CA THR D 47 46.86 -9.59 33.72
C THR D 47 48.20 -10.13 34.26
N ALA D 48 48.42 -9.96 35.57
CA ALA D 48 49.60 -10.53 36.24
C ALA D 48 49.80 -12.01 35.91
N ASP D 49 48.74 -12.80 36.00
CA ASP D 49 48.84 -14.23 35.70
C ASP D 49 49.19 -14.48 34.23
N VAL D 50 48.54 -13.75 33.33
CA VAL D 50 48.77 -13.88 31.89
C VAL D 50 50.21 -13.50 31.52
N LEU D 51 50.72 -12.42 32.09
CA LEU D 51 52.09 -11.97 31.79
C LEU D 51 53.14 -12.93 32.32
N ALA D 52 52.85 -13.55 33.48
CA ALA D 52 53.70 -14.61 34.05
C ALA D 52 53.80 -15.83 33.12
N GLN D 53 52.69 -16.19 32.49
CA GLN D 53 52.70 -17.27 31.51
C GLN D 53 53.56 -16.90 30.30
N ILE D 54 53.37 -15.67 29.82
CA ILE D 54 54.16 -15.14 28.73
C ILE D 54 55.66 -15.21 29.06
N ASP D 55 56.02 -14.78 30.28
CA ASP D 55 57.41 -14.87 30.76
C ASP D 55 57.97 -16.28 30.72
N ARG D 56 57.13 -17.26 31.07
CA ARG D 56 57.48 -18.68 31.02
C ARG D 56 57.86 -19.10 29.61
N TRP D 57 56.91 -18.93 28.69
CA TRP D 57 57.09 -19.43 27.33
C TRP D 57 58.19 -18.70 26.55
N LEU D 58 58.34 -17.40 26.80
CA LEU D 58 59.46 -16.67 26.24
C LEU D 58 60.79 -17.28 26.66
N ALA D 59 60.94 -17.54 27.96
CA ALA D 59 62.15 -18.18 28.49
C ALA D 59 62.38 -19.56 27.89
N GLU D 60 61.31 -20.36 27.81
CA GLU D 60 61.34 -21.66 27.14
C GLU D 60 61.82 -21.58 25.70
N CYS D 61 61.40 -20.53 24.99
CA CYS D 61 61.74 -20.37 23.58
C CYS D 61 63.06 -19.63 23.36
N GLY D 62 63.73 -19.27 24.45
CA GLY D 62 65.04 -18.59 24.38
C GLY D 62 64.89 -17.10 24.16
N SER D 63 63.77 -16.54 24.59
CA SER D 63 63.48 -15.12 24.45
C SER D 63 63.12 -14.55 25.81
N ASP D 64 62.72 -13.28 25.84
CA ASP D 64 62.25 -12.64 27.06
C ASP D 64 61.46 -11.38 26.72
N LYS D 65 60.96 -10.69 27.74
CA LYS D 65 60.05 -9.55 27.54
C LYS D 65 60.72 -8.36 26.84
N ALA D 66 62.04 -8.28 26.91
CA ALA D 66 62.81 -7.25 26.20
C ALA D 66 63.09 -7.62 24.74
N HIS D 67 62.53 -8.75 24.30
CA HIS D 67 62.64 -9.15 22.90
C HIS D 67 61.28 -9.43 22.29
N VAL D 68 60.26 -8.78 22.84
CA VAL D 68 58.90 -8.86 22.32
C VAL D 68 58.77 -7.82 21.22
N LEU D 69 58.15 -8.21 20.11
CA LEU D 69 58.01 -7.30 18.98
C LEU D 69 56.64 -6.68 19.00
N ASP D 70 55.65 -7.50 19.37
CA ASP D 70 54.27 -7.18 19.10
C ASP D 70 53.37 -7.78 20.15
N ALA D 71 52.38 -7.02 20.60
CA ALA D 71 51.40 -7.52 21.57
C ALA D 71 50.00 -7.03 21.24
N VAL D 72 49.06 -7.95 21.13
CA VAL D 72 47.66 -7.60 20.99
C VAL D 72 46.97 -8.00 22.27
N ILE D 73 46.32 -7.02 22.90
CA ILE D 73 45.60 -7.23 24.16
C ILE D 73 44.08 -7.15 23.96
N TYR D 74 43.41 -8.26 24.24
CA TYR D 74 41.97 -8.34 24.14
C TYR D 74 41.34 -8.23 25.54
N LEU D 75 40.55 -7.19 25.75
CA LEU D 75 39.81 -7.05 27.01
C LEU D 75 38.35 -7.38 26.81
N ARG D 76 37.76 -8.09 27.78
CA ARG D 76 36.33 -8.40 27.74
C ARG D 76 35.51 -7.13 27.81
N ASP D 77 35.95 -6.22 28.68
CA ASP D 77 35.25 -4.97 28.93
C ASP D 77 36.31 -3.87 28.98
N GLY D 79 36.22 -1.05 30.01
CA GLY D 79 36.24 -0.42 31.34
C GLY D 79 37.39 -0.87 32.24
N ASP D 80 38.08 -1.95 31.85
CA ASP D 80 39.24 -2.46 32.60
C ASP D 80 40.56 -1.94 32.04
N TYR D 81 40.52 -0.94 31.17
CA TYR D 81 41.72 -0.44 30.48
C TYR D 81 42.81 0.01 31.45
N ALA D 82 42.49 0.95 32.34
CA ALA D 82 43.50 1.53 33.22
C ALA D 82 44.09 0.48 34.15
N GLU D 83 43.23 -0.41 34.63
CA GLU D 83 43.64 -1.46 35.55
C GLU D 83 44.62 -2.43 34.89
N ASN D 85 46.49 -1.69 32.18
CA ASN D 85 47.66 -0.89 31.85
C ASN D 85 48.63 -0.75 33.04
N GLY D 86 48.07 -0.61 34.24
CA GLY D 86 48.85 -0.53 35.47
C GLY D 86 49.82 -1.71 35.62
N VAL D 87 49.32 -2.92 35.36
CA VAL D 87 50.13 -4.12 35.46
C VAL D 87 51.09 -4.24 34.27
N TRP D 88 50.56 -4.01 33.06
CA TRP D 88 51.35 -4.00 31.84
C TRP D 88 52.53 -3.05 31.92
N ASP D 89 52.26 -1.81 32.31
CA ASP D 89 53.29 -0.75 32.36
C ASP D 89 54.45 -1.13 33.27
N ALA D 90 54.13 -1.76 34.39
CA ALA D 90 55.13 -2.18 35.35
C ALA D 90 55.87 -3.43 34.89
N TRP D 91 55.31 -4.10 33.88
CA TRP D 91 55.89 -5.35 33.38
C TRP D 91 56.89 -5.15 32.24
N VAL D 92 56.56 -4.29 31.28
CA VAL D 92 57.37 -4.06 30.08
C VAL D 92 58.80 -3.57 30.38
N ALA D 93 59.75 -3.96 29.52
CA ALA D 93 61.14 -3.55 29.68
C ALA D 93 61.33 -2.12 29.19
N ALA D 94 61.72 -1.25 30.10
CA ALA D 94 61.93 0.18 29.81
C ALA D 94 62.86 0.37 28.61
N GLY D 95 62.45 1.25 27.69
CA GLY D 95 63.25 1.55 26.51
C GLY D 95 63.13 0.49 25.41
N ARG D 96 62.43 -0.61 25.71
CA ARG D 96 62.28 -1.73 24.80
C ARG D 96 60.84 -2.27 24.76
N THR D 97 59.90 -1.34 24.81
CA THR D 97 58.48 -1.66 24.84
C THR D 97 58.04 -2.08 23.43
N PRO D 98 57.16 -3.08 23.34
CA PRO D 98 56.80 -3.63 22.02
C PRO D 98 55.71 -2.81 21.32
N ALA D 99 55.43 -3.15 20.06
CA ALA D 99 54.27 -2.58 19.36
C ALA D 99 53.02 -3.11 20.05
N ARG D 100 52.03 -2.25 20.22
CA ARG D 100 50.87 -2.65 21.00
C ARG D 100 49.54 -2.27 20.35
N ALA D 101 48.53 -3.10 20.56
CA ALA D 101 47.17 -2.76 20.23
C ALA D 101 46.30 -3.37 21.32
N CYS D 102 45.28 -2.62 21.75
CA CYS D 102 44.35 -3.10 22.77
C CYS D 102 42.95 -2.84 22.30
N VAL D 103 42.12 -3.88 22.38
CA VAL D 103 40.85 -3.90 21.71
C VAL D 103 39.89 -4.72 22.58
N GLU D 104 38.61 -4.41 22.51
CA GLU D 104 37.59 -5.10 23.31
C GLU D 104 36.96 -6.28 22.57
N ALA D 105 37.11 -7.47 23.14
CA ALA D 105 36.52 -8.68 22.55
C ALA D 105 36.25 -9.70 23.65
N ARG D 106 35.06 -10.30 23.61
CA ARG D 106 34.74 -11.37 24.56
C ARG D 106 35.62 -12.59 24.29
N LEU D 107 35.94 -13.30 25.37
CA LEU D 107 36.86 -14.43 25.32
C LEU D 107 36.12 -15.75 25.56
N ALA D 108 36.86 -16.86 25.49
CA ALA D 108 36.23 -18.19 25.50
C ALA D 108 35.46 -18.54 26.78
N ARG D 109 35.81 -17.87 27.89
CA ARG D 109 35.09 -18.02 29.15
C ARG D 109 34.63 -16.65 29.68
N PRO D 110 33.42 -16.61 30.27
CA PRO D 110 32.85 -15.37 30.79
C PRO D 110 33.70 -14.66 31.86
N GLU D 111 34.41 -15.43 32.69
CA GLU D 111 35.20 -14.90 33.81
C GLU D 111 36.56 -14.35 33.35
N TRP D 112 36.94 -14.66 32.11
CA TRP D 112 38.19 -14.18 31.54
C TRP D 112 38.07 -12.72 31.11
N ARG D 113 38.81 -11.86 31.79
CA ARG D 113 38.75 -10.42 31.52
C ARG D 113 39.80 -9.95 30.51
N VAL D 114 40.83 -10.77 30.30
CA VAL D 114 41.97 -10.37 29.48
C VAL D 114 42.68 -11.55 28.80
N GLU D 115 43.06 -11.34 27.54
CA GLU D 115 43.88 -12.27 26.78
C GLU D 115 44.96 -11.47 26.05
N ILE D 116 46.20 -11.97 26.10
CA ILE D 116 47.30 -11.27 25.45
C ILE D 116 48.05 -12.19 24.47
N LYS D 117 48.23 -11.70 23.24
CA LYS D 117 48.88 -12.45 22.18
C LYS D 117 50.21 -11.81 21.77
N ILE D 118 51.27 -12.61 21.82
CA ILE D 118 52.62 -12.10 21.69
C ILE D 118 53.33 -12.66 20.46
N THR D 119 54.10 -11.78 19.81
CA THR D 119 55.08 -12.15 18.81
C THR D 119 56.44 -11.63 19.29
N ALA D 120 57.46 -12.48 19.24
CA ALA D 120 58.79 -12.13 19.76
C ALA D 120 59.92 -12.72 18.92
N VAL D 121 61.15 -12.46 19.33
CA VAL D 121 62.34 -12.99 18.67
C VAL D 121 63.28 -13.64 19.69
N LYS D 122 64.00 -14.68 19.27
CA LYS D 122 65.08 -15.27 20.07
C LYS D 122 66.23 -14.30 20.25
N ARG D 123 66.86 -14.33 21.42
CA ARG D 123 68.16 -13.69 21.60
C ARG D 123 69.20 -14.44 20.77
N ASP D 124 70.17 -13.72 20.23
CA ASP D 124 71.19 -14.31 19.35
C ASP D 124 72.28 -15.07 20.10
N ALA D 125 73.50 -15.07 19.54
CA ALA D 125 74.62 -15.84 20.06
C ALA D 125 75.10 -15.33 21.43
N ASP E 10 62.10 -9.80 -0.80
CA ASP E 10 61.21 -9.46 -1.91
C ASP E 10 59.80 -10.03 -1.73
N ILE E 11 58.81 -9.15 -1.84
CA ILE E 11 57.43 -9.51 -1.56
C ILE E 11 56.75 -10.15 -2.77
N ARG E 12 56.08 -11.26 -2.55
CA ARG E 12 55.20 -11.82 -3.57
C ARG E 12 53.75 -11.64 -3.15
N TYR E 13 52.91 -11.23 -4.09
CA TYR E 13 51.48 -11.03 -3.85
C TYR E 13 50.68 -12.12 -4.55
N PHE E 14 49.71 -12.70 -3.83
CA PHE E 14 48.84 -13.75 -4.37
C PHE E 14 47.39 -13.31 -4.28
N GLY E 15 46.64 -13.56 -5.36
CA GLY E 15 45.19 -13.26 -5.43
C GLY E 15 44.86 -11.81 -5.11
N THR E 16 45.62 -10.91 -5.74
CA THR E 16 45.55 -9.47 -5.48
C THR E 16 44.28 -8.84 -6.01
N THR E 17 43.56 -8.12 -5.14
CA THR E 17 42.40 -7.31 -5.53
C THR E 17 42.72 -5.82 -5.30
N PRO E 18 41.82 -4.91 -5.71
CA PRO E 18 42.07 -3.49 -5.44
C PRO E 18 42.08 -3.15 -3.93
N ARG E 19 41.60 -4.07 -3.11
CA ARG E 19 41.48 -3.83 -1.66
C ARG E 19 42.49 -4.59 -0.80
N TYR E 20 42.83 -5.80 -1.21
CA TYR E 20 43.70 -6.68 -0.42
C TYR E 20 44.22 -7.80 -1.29
N SER E 21 45.26 -8.49 -0.81
CA SER E 21 45.73 -9.71 -1.44
C SER E 21 45.34 -10.91 -0.59
N GLU E 22 44.94 -12.01 -1.23
CA GLU E 22 44.55 -13.20 -0.50
C GLU E 22 45.70 -13.71 0.35
N ALA E 23 46.92 -13.54 -0.15
CA ALA E 23 48.13 -13.88 0.58
C ALA E 23 49.28 -13.01 0.10
N VAL E 24 50.23 -12.76 1.01
CA VAL E 24 51.44 -11.98 0.74
C VAL E 24 52.60 -12.78 1.32
N GLY E 25 53.67 -12.92 0.54
CA GLY E 25 54.85 -13.66 0.97
C GLY E 25 56.11 -12.83 0.99
N ALA E 26 56.93 -13.02 2.04
CA ALA E 26 58.22 -12.34 2.15
C ALA E 26 59.19 -13.15 2.98
N ASN E 27 60.34 -13.47 2.38
CA ASN E 27 61.40 -14.23 3.04
C ASN E 27 60.90 -15.50 3.73
N GLY E 28 60.15 -16.32 3.00
CA GLY E 28 59.64 -17.57 3.54
C GLY E 28 58.44 -17.47 4.45
N LEU E 29 58.12 -16.26 4.92
CA LEU E 29 56.92 -16.02 5.70
C LEU E 29 55.71 -15.78 4.81
N ILE E 30 54.55 -16.27 5.25
CA ILE E 30 53.29 -16.15 4.51
C ILE E 30 52.18 -15.57 5.39
N PHE E 31 51.56 -14.48 4.92
CA PHE E 31 50.45 -13.85 5.63
C PHE E 31 49.18 -13.96 4.82
N LEU E 32 48.22 -14.74 5.28
CA LEU E 32 46.94 -14.82 4.59
C LEU E 32 46.02 -13.72 5.08
N SER E 33 45.14 -13.25 4.19
CA SER E 33 44.02 -12.40 4.57
C SER E 33 43.11 -13.19 5.49
N GLY E 34 42.30 -12.47 6.26
CA GLY E 34 41.22 -13.10 7.02
C GLY E 34 40.37 -13.87 6.04
N VAL E 36 36.94 -15.75 5.11
CA VAL E 36 35.54 -15.65 5.51
C VAL E 36 34.73 -16.70 4.76
N PRO E 37 33.54 -17.05 5.30
CA PRO E 37 32.72 -18.10 4.70
C PRO E 37 32.23 -17.74 3.30
N GLU E 38 32.39 -18.67 2.36
CA GLU E 38 31.79 -18.55 1.04
C GLU E 38 30.60 -19.49 0.94
N ASN E 39 30.53 -20.44 1.86
CA ASN E 39 29.43 -21.40 1.91
C ASN E 39 29.09 -21.74 3.36
N GLY E 40 27.91 -22.30 3.57
CA GLY E 40 27.50 -22.78 4.88
C GLY E 40 26.79 -21.74 5.70
N GLU E 41 25.96 -22.20 6.63
CA GLU E 41 25.19 -21.30 7.49
C GLU E 41 25.63 -21.39 8.95
N THR E 42 25.90 -22.60 9.42
CA THR E 42 26.27 -22.84 10.81
C THR E 42 27.77 -22.68 11.02
N ALA E 43 28.16 -22.49 12.28
CA ALA E 43 29.56 -22.37 12.67
C ALA E 43 30.41 -23.50 12.10
N ALA E 44 29.91 -24.74 12.20
CA ALA E 44 30.63 -25.92 11.71
C ALA E 44 30.81 -25.96 10.19
N GLU E 45 29.74 -25.65 9.45
CA GLU E 45 29.75 -25.64 7.99
C GLU E 45 30.71 -24.59 7.45
N GLN E 46 30.59 -23.39 8.01
CA GLN E 46 31.40 -22.25 7.59
C GLN E 46 32.85 -22.46 7.94
N THR E 47 33.11 -23.12 9.07
CA THR E 47 34.49 -23.41 9.50
C THR E 47 35.15 -24.33 8.48
N ALA E 48 34.44 -25.39 8.09
CA ALA E 48 34.90 -26.33 7.06
C ALA E 48 35.24 -25.61 5.74
N ASP E 49 34.44 -24.62 5.40
CA ASP E 49 34.66 -23.83 4.18
C ASP E 49 35.89 -22.94 4.32
N VAL E 50 36.03 -22.32 5.49
CA VAL E 50 37.13 -21.39 5.74
C VAL E 50 38.46 -22.14 5.74
N LEU E 51 38.49 -23.30 6.40
CA LEU E 51 39.71 -24.09 6.46
C LEU E 51 40.09 -24.67 5.09
N ALA E 52 39.10 -24.91 4.24
CA ALA E 52 39.35 -25.38 2.88
C ALA E 52 39.98 -24.29 2.02
N GLN E 53 39.59 -23.03 2.27
CA GLN E 53 40.19 -21.88 1.59
C GLN E 53 41.63 -21.75 2.02
N ILE E 54 41.85 -21.84 3.33
CA ILE E 54 43.20 -21.77 3.90
C ILE E 54 44.10 -22.84 3.31
N ASP E 55 43.58 -24.06 3.15
CA ASP E 55 44.34 -25.15 2.51
C ASP E 55 44.73 -24.80 1.08
N ARG E 56 43.79 -24.19 0.36
CA ARG E 56 44.00 -23.77 -1.01
C ARG E 56 45.09 -22.70 -1.16
N TRP E 57 45.04 -21.69 -0.32
CA TRP E 57 45.99 -20.58 -0.39
C TRP E 57 47.38 -20.95 0.12
N LEU E 58 47.44 -21.76 1.16
CA LEU E 58 48.71 -22.29 1.63
C LEU E 58 49.39 -23.08 0.51
N ALA E 59 48.60 -23.88 -0.21
CA ALA E 59 49.12 -24.68 -1.33
C ALA E 59 49.69 -23.80 -2.44
N GLU E 60 48.98 -22.72 -2.76
CA GLU E 60 49.46 -21.74 -3.74
C GLU E 60 50.81 -21.16 -3.33
N CYS E 61 50.93 -20.84 -2.04
CA CYS E 61 52.12 -20.18 -1.48
C CYS E 61 53.27 -21.12 -1.15
N GLY E 62 53.13 -22.41 -1.47
CA GLY E 62 54.16 -23.40 -1.19
C GLY E 62 54.22 -23.83 0.28
N SER E 63 53.05 -23.85 0.93
CA SER E 63 52.97 -24.23 2.33
C SER E 63 51.86 -25.27 2.51
N ASP E 64 51.52 -25.56 3.76
CA ASP E 64 50.38 -26.41 4.10
C ASP E 64 50.05 -26.28 5.59
N LYS E 65 48.96 -26.91 6.03
CA LYS E 65 48.49 -26.78 7.41
C LYS E 65 49.50 -27.23 8.45
N ALA E 66 50.46 -28.05 8.05
CA ALA E 66 51.49 -28.54 8.95
C ALA E 66 52.64 -27.54 9.06
N HIS E 67 52.51 -26.40 8.39
CA HIS E 67 53.52 -25.34 8.43
C HIS E 67 52.90 -24.01 8.81
N VAL E 68 51.84 -24.05 9.60
CA VAL E 68 51.17 -22.85 10.09
C VAL E 68 51.76 -22.51 11.43
N LEU E 69 52.15 -21.25 11.59
CA LEU E 69 52.77 -20.76 12.83
C LEU E 69 51.73 -20.19 13.77
N ASP E 70 50.75 -19.51 13.18
CA ASP E 70 49.81 -18.69 13.92
C ASP E 70 48.41 -18.66 13.30
N ALA E 71 47.39 -18.70 14.15
CA ALA E 71 46.02 -18.61 13.72
C ALA E 71 45.20 -17.80 14.73
N VAL E 72 44.61 -16.70 14.25
CA VAL E 72 43.65 -15.93 15.03
C VAL E 72 42.28 -16.28 14.48
N ILE E 73 41.37 -16.69 15.37
CA ILE E 73 40.04 -17.09 14.99
C ILE E 73 39.01 -16.14 15.61
N TYR E 74 38.29 -15.42 14.75
CA TYR E 74 37.25 -14.51 15.19
C TYR E 74 35.90 -15.19 15.03
N LEU E 75 35.11 -15.16 16.09
CA LEU E 75 33.77 -15.71 16.06
C LEU E 75 32.79 -14.58 16.26
N ARG E 76 31.75 -14.57 15.46
CA ARG E 76 30.67 -13.63 15.68
C ARG E 76 30.09 -13.84 17.09
N ASP E 77 29.94 -15.10 17.48
CA ASP E 77 29.28 -15.45 18.74
C ASP E 77 30.05 -16.58 19.42
N GLY E 79 29.29 -18.38 21.57
CA GLY E 79 28.42 -19.53 21.77
C GLY E 79 28.67 -20.63 20.76
N ASP E 80 29.51 -20.32 19.77
CA ASP E 80 29.87 -21.26 18.69
C ASP E 80 31.23 -21.90 18.89
N TYR E 81 31.83 -21.66 20.06
CA TYR E 81 33.21 -22.04 20.36
C TYR E 81 33.47 -23.55 20.18
N ALA E 82 32.66 -24.37 20.85
CA ALA E 82 32.81 -25.82 20.75
C ALA E 82 32.57 -26.37 19.32
N GLU E 83 31.52 -25.86 18.67
CA GLU E 83 31.19 -26.29 17.31
C GLU E 83 32.35 -26.02 16.34
N ASN E 85 35.51 -25.57 17.22
CA ASN E 85 36.57 -26.43 17.71
C ASN E 85 36.46 -27.86 17.19
N GLY E 86 35.22 -28.34 17.05
CA GLY E 86 34.98 -29.67 16.53
C GLY E 86 35.56 -29.86 15.14
N VAL E 87 35.43 -28.84 14.30
CA VAL E 87 35.96 -28.91 12.94
C VAL E 87 37.47 -28.60 12.91
N TRP E 88 37.89 -27.62 13.69
CA TRP E 88 39.30 -27.25 13.79
C TRP E 88 40.16 -28.44 14.22
N ASP E 89 39.76 -29.08 15.32
CA ASP E 89 40.49 -30.22 15.88
C ASP E 89 40.67 -31.36 14.89
N ALA E 90 39.66 -31.58 14.03
CA ALA E 90 39.72 -32.63 13.02
C ALA E 90 40.59 -32.24 11.80
N TRP E 91 40.84 -30.96 11.66
CA TRP E 91 41.62 -30.43 10.55
C TRP E 91 43.13 -30.33 10.86
N VAL E 92 43.50 -29.87 12.05
CA VAL E 92 44.93 -29.64 12.38
C VAL E 92 45.82 -30.88 12.24
N ALA E 93 47.07 -30.67 11.85
CA ALA E 93 48.04 -31.77 11.78
C ALA E 93 48.55 -32.12 13.18
N ALA E 94 48.34 -33.37 13.57
CA ALA E 94 48.73 -33.85 14.90
C ALA E 94 50.21 -33.62 15.20
N GLY E 95 50.49 -33.04 16.37
CA GLY E 95 51.85 -32.74 16.79
C GLY E 95 52.43 -31.51 16.10
N ARG E 96 51.63 -30.91 15.22
CA ARG E 96 52.03 -29.73 14.46
C ARG E 96 50.91 -28.69 14.45
N THR E 97 50.30 -28.51 15.61
CA THR E 97 49.23 -27.53 15.78
C THR E 97 49.84 -26.13 15.98
N PRO E 98 49.19 -25.09 15.42
CA PRO E 98 49.78 -23.74 15.43
C PRO E 98 49.54 -23.00 16.74
N ALA E 99 50.22 -21.85 16.90
CA ALA E 99 49.86 -20.92 17.96
C ALA E 99 48.48 -20.39 17.60
N ARG E 100 47.60 -20.28 18.60
CA ARG E 100 46.21 -19.94 18.35
C ARG E 100 45.66 -18.94 19.37
N ALA E 101 44.76 -18.08 18.89
CA ALA E 101 43.91 -17.27 19.74
C ALA E 101 42.50 -17.26 19.15
N CYS E 102 41.49 -17.27 20.03
CA CYS E 102 40.11 -17.19 19.60
C CYS E 102 39.40 -16.14 20.42
N VAL E 103 38.81 -15.14 19.74
CA VAL E 103 38.06 -14.07 20.40
C VAL E 103 36.77 -13.79 19.67
N GLU E 104 35.88 -13.03 20.31
CA GLU E 104 34.59 -12.72 19.71
C GLU E 104 34.55 -11.33 19.10
N ALA E 105 34.28 -11.28 17.80
CA ALA E 105 34.21 -10.03 17.07
C ALA E 105 33.25 -10.20 15.90
N ARG E 106 32.35 -9.23 15.71
CA ARG E 106 31.43 -9.28 14.58
C ARG E 106 32.19 -9.10 13.28
N LEU E 107 31.74 -9.78 12.23
CA LEU E 107 32.44 -9.72 10.95
C LEU E 107 31.69 -8.86 9.93
N ALA E 108 32.23 -8.75 8.72
CA ALA E 108 31.77 -7.77 7.72
C ALA E 108 30.34 -8.00 7.23
N ARG E 109 29.87 -9.23 7.24
CA ARG E 109 28.48 -9.58 6.95
C ARG E 109 27.91 -10.23 8.19
N PRO E 110 26.61 -10.04 8.44
CA PRO E 110 25.93 -10.64 9.59
C PRO E 110 25.86 -12.17 9.58
N GLU E 111 25.84 -12.76 8.39
CA GLU E 111 25.68 -14.21 8.26
C GLU E 111 27.00 -14.94 8.48
N TRP E 112 28.10 -14.18 8.54
CA TRP E 112 29.42 -14.77 8.75
C TRP E 112 29.67 -15.06 10.22
N ARG E 113 29.85 -16.33 10.55
CA ARG E 113 30.02 -16.75 11.95
C ARG E 113 31.47 -16.89 12.36
N VAL E 114 32.36 -16.94 11.38
CA VAL E 114 33.76 -17.25 11.66
C VAL E 114 34.69 -16.68 10.63
N GLU E 115 35.84 -16.17 11.09
CA GLU E 115 36.91 -15.69 10.24
C GLU E 115 38.23 -16.07 10.86
N ILE E 116 39.13 -16.60 10.04
CA ILE E 116 40.40 -17.13 10.54
C ILE E 116 41.56 -16.48 9.79
N LYS E 117 42.50 -15.93 10.54
CA LYS E 117 43.63 -15.22 9.99
C LYS E 117 44.93 -16.00 10.23
N ILE E 118 45.60 -16.36 9.15
CA ILE E 118 46.71 -17.31 9.19
C ILE E 118 48.06 -16.64 8.87
N THR E 119 49.07 -17.02 9.64
CA THR E 119 50.47 -16.75 9.32
C THR E 119 51.15 -18.11 9.23
N ALA E 120 51.91 -18.31 8.16
CA ALA E 120 52.56 -19.60 7.88
C ALA E 120 53.96 -19.42 7.31
N VAL E 121 54.65 -20.54 7.09
CA VAL E 121 55.98 -20.53 6.51
C VAL E 121 56.03 -21.44 5.27
N LYS E 122 56.84 -21.06 4.28
CA LYS E 122 57.13 -21.89 3.10
C LYS E 122 57.86 -23.16 3.49
N ARG E 123 57.53 -24.29 2.87
CA ARG E 123 58.33 -25.51 3.02
C ARG E 123 59.71 -25.33 2.33
N ASP E 124 60.74 -25.96 2.89
CA ASP E 124 62.09 -25.90 2.32
C ASP E 124 62.32 -26.98 1.26
N ASP F 10 68.75 -8.26 15.38
CA ASP F 10 68.77 -7.00 16.14
C ASP F 10 67.40 -6.34 16.12
N ILE F 11 66.98 -5.84 17.28
CA ILE F 11 65.68 -5.17 17.40
C ILE F 11 65.87 -3.66 17.47
N ARG F 12 65.12 -2.93 16.65
CA ARG F 12 65.12 -1.47 16.68
C ARG F 12 63.75 -0.95 17.11
N TYR F 13 63.75 0.04 18.00
CA TYR F 13 62.51 0.58 18.56
C TYR F 13 62.29 2.02 18.13
N PHE F 14 61.08 2.33 17.67
CA PHE F 14 60.75 3.68 17.18
C PHE F 14 59.60 4.29 17.95
N GLY F 15 59.73 5.57 18.30
CA GLY F 15 58.71 6.31 19.05
C GLY F 15 58.33 5.63 20.35
N THR F 16 59.34 5.33 21.16
CA THR F 16 59.19 4.51 22.37
C THR F 16 58.64 5.29 23.57
N THR F 17 57.56 4.77 24.14
CA THR F 17 56.98 5.30 25.38
C THR F 17 57.15 4.28 26.50
N PRO F 18 56.77 4.64 27.76
CA PRO F 18 56.79 3.65 28.85
C PRO F 18 55.83 2.47 28.65
N ARG F 19 54.85 2.62 27.77
CA ARG F 19 53.83 1.59 27.54
C ARG F 19 54.04 0.76 26.27
N TYR F 20 54.51 1.42 25.21
CA TYR F 20 54.62 0.81 23.89
C TYR F 20 55.58 1.58 22.99
N SER F 21 56.07 0.91 21.96
CA SER F 21 56.76 1.59 20.86
C SER F 21 55.83 1.69 19.65
N GLU F 22 55.83 2.84 19.00
CA GLU F 22 55.06 3.05 17.79
C GLU F 22 55.39 2.00 16.75
N ALA F 23 56.68 1.68 16.65
CA ALA F 23 57.15 0.71 15.67
C ALA F 23 58.34 -0.05 16.21
N VAL F 24 58.38 -1.34 15.91
CA VAL F 24 59.50 -2.20 16.26
C VAL F 24 59.99 -2.87 14.98
N GLY F 25 61.31 -2.86 14.79
CA GLY F 25 61.93 -3.47 13.61
C GLY F 25 62.85 -4.61 13.98
N ALA F 26 62.81 -5.68 13.20
CA ALA F 26 63.66 -6.86 13.41
C ALA F 26 63.81 -7.64 12.10
N ASN F 27 65.06 -7.91 11.72
CA ASN F 27 65.38 -8.59 10.45
C ASN F 27 64.47 -8.22 9.28
N GLY F 28 64.46 -6.93 8.95
CA GLY F 28 63.68 -6.44 7.82
C GLY F 28 62.18 -6.34 8.06
N LEU F 29 61.66 -7.02 9.08
CA LEU F 29 60.24 -6.92 9.42
C LEU F 29 59.96 -5.70 10.30
N ILE F 30 58.74 -5.18 10.19
CA ILE F 30 58.33 -3.98 10.91
C ILE F 30 56.92 -4.17 11.47
N PHE F 31 56.81 -4.04 12.79
CA PHE F 31 55.52 -4.12 13.47
C PHE F 31 55.15 -2.78 14.00
N LEU F 32 54.02 -2.26 13.52
CA LEU F 32 53.48 -1.01 14.02
C LEU F 32 52.48 -1.31 15.11
N SER F 33 52.42 -0.41 16.10
CA SER F 33 51.34 -0.41 17.06
C SER F 33 50.02 -0.16 16.35
N GLY F 34 48.90 -0.52 16.98
CA GLY F 34 47.61 -0.08 16.50
C GLY F 34 47.64 1.43 16.37
N VAL F 36 45.62 4.93 15.99
CA VAL F 36 44.35 5.31 16.57
C VAL F 36 44.13 6.80 16.23
N PRO F 37 42.86 7.23 16.05
CA PRO F 37 42.63 8.56 15.48
C PRO F 37 43.07 9.70 16.40
N GLU F 38 43.74 10.70 15.83
CA GLU F 38 44.13 11.91 16.56
C GLU F 38 43.32 13.11 16.08
N ASN F 39 42.72 12.97 14.90
CA ASN F 39 41.85 13.97 14.30
C ASN F 39 40.65 13.30 13.64
N GLY F 40 39.59 14.07 13.45
CA GLY F 40 38.40 13.60 12.73
C GLY F 40 37.34 13.07 13.66
N GLU F 41 36.11 13.04 13.16
CA GLU F 41 34.97 12.56 13.93
C GLU F 41 34.32 11.38 13.22
N THR F 42 34.14 11.50 11.90
CA THR F 42 33.52 10.44 11.11
C THR F 42 34.54 9.34 10.82
N ALA F 43 34.04 8.17 10.42
CA ALA F 43 34.89 7.03 10.09
C ALA F 43 35.90 7.36 8.99
N ALA F 44 35.47 8.16 8.02
CA ALA F 44 36.31 8.54 6.88
C ALA F 44 37.44 9.50 7.26
N GLU F 45 37.12 10.48 8.09
CA GLU F 45 38.10 11.42 8.59
C GLU F 45 39.15 10.72 9.46
N GLN F 46 38.70 9.79 10.30
CA GLN F 46 39.59 9.10 11.23
C GLN F 46 40.43 8.05 10.52
N THR F 47 39.88 7.45 9.47
CA THR F 47 40.65 6.47 8.70
C THR F 47 41.79 7.22 7.99
N ALA F 48 41.47 8.38 7.43
CA ALA F 48 42.49 9.22 6.77
C ALA F 48 43.59 9.61 7.73
N ASP F 49 43.22 9.94 8.97
CA ASP F 49 44.20 10.33 9.98
C ASP F 49 45.10 9.16 10.37
N VAL F 50 44.50 7.99 10.58
CA VAL F 50 45.21 6.77 10.95
C VAL F 50 46.20 6.33 9.87
N LEU F 51 45.75 6.29 8.62
CA LEU F 51 46.60 5.92 7.48
C LEU F 51 47.74 6.91 7.28
N ALA F 52 47.51 8.17 7.63
CA ALA F 52 48.56 9.20 7.60
C ALA F 52 49.64 8.94 8.65
N GLN F 53 49.22 8.47 9.82
CA GLN F 53 50.17 8.09 10.86
C GLN F 53 51.01 6.89 10.40
N ILE F 54 50.33 5.90 9.83
CA ILE F 54 50.99 4.73 9.26
C ILE F 54 52.04 5.16 8.23
N ASP F 55 51.69 6.10 7.36
CA ASP F 55 52.61 6.61 6.35
C ASP F 55 53.87 7.18 6.98
N ARG F 56 53.71 7.88 8.09
CA ARG F 56 54.82 8.54 8.76
C ARG F 56 55.74 7.51 9.42
N TRP F 57 55.15 6.54 10.10
CA TRP F 57 55.93 5.51 10.76
C TRP F 57 56.66 4.56 9.81
N LEU F 58 55.99 4.21 8.71
CA LEU F 58 56.64 3.47 7.64
C LEU F 58 57.86 4.21 7.08
N ALA F 59 57.73 5.51 6.85
CA ALA F 59 58.85 6.32 6.37
C ALA F 59 60.00 6.38 7.37
N GLU F 60 59.68 6.46 8.66
CA GLU F 60 60.69 6.43 9.72
C GLU F 60 61.46 5.12 9.72
N CYS F 61 60.77 4.02 9.45
CA CYS F 61 61.33 2.67 9.53
C CYS F 61 61.92 2.18 8.20
N GLY F 62 62.05 3.09 7.23
CA GLY F 62 62.55 2.73 5.90
C GLY F 62 61.61 1.85 5.08
N SER F 63 60.31 2.05 5.24
CA SER F 63 59.32 1.32 4.48
C SER F 63 58.32 2.28 3.85
N ASP F 64 57.27 1.72 3.25
CA ASP F 64 56.16 2.49 2.66
C ASP F 64 54.94 1.61 2.44
N LYS F 65 53.84 2.23 2.01
CA LYS F 65 52.58 1.52 1.81
C LYS F 65 52.62 0.41 0.75
N ALA F 66 53.58 0.51 -0.16
CA ALA F 66 53.76 -0.53 -1.18
C ALA F 66 54.54 -1.73 -0.65
N HIS F 67 54.91 -1.68 0.64
CA HIS F 67 55.69 -2.76 1.28
C HIS F 67 55.03 -3.26 2.57
N VAL F 68 53.72 -3.07 2.65
CA VAL F 68 52.93 -3.56 3.77
C VAL F 68 52.51 -4.99 3.48
N LEU F 69 52.71 -5.87 4.46
CA LEU F 69 52.39 -7.28 4.29
C LEU F 69 50.99 -7.56 4.79
N ASP F 70 50.64 -6.93 5.91
CA ASP F 70 49.47 -7.32 6.67
C ASP F 70 48.84 -6.12 7.36
N ALA F 71 47.51 -6.13 7.42
CA ALA F 71 46.77 -5.11 8.13
C ALA F 71 45.54 -5.69 8.77
N VAL F 72 45.38 -5.46 10.07
CA VAL F 72 44.16 -5.79 10.78
C VAL F 72 43.46 -4.49 11.08
N ILE F 73 42.22 -4.37 10.63
CA ILE F 73 41.44 -3.17 10.85
C ILE F 73 40.31 -3.45 11.83
N TYR F 74 40.39 -2.82 13.01
CA TYR F 74 39.32 -2.92 14.01
C TYR F 74 38.36 -1.75 13.84
N LEU F 75 37.08 -2.07 13.69
CA LEU F 75 36.05 -1.04 13.64
C LEU F 75 35.20 -1.09 14.89
N ARG F 76 34.95 0.07 15.49
CA ARG F 76 34.01 0.17 16.60
C ARG F 76 32.63 -0.37 16.19
N ASP F 77 32.19 0.01 15.00
CA ASP F 77 30.86 -0.31 14.49
C ASP F 77 30.99 -0.72 13.03
N GLY F 79 28.96 -1.03 10.88
CA GLY F 79 28.16 -0.15 10.04
C GLY F 79 29.01 0.87 9.31
N ASP F 80 30.25 1.07 9.78
CA ASP F 80 31.20 1.99 9.17
C ASP F 80 32.07 1.35 8.11
N TYR F 81 31.71 0.14 7.67
CA TYR F 81 32.56 -0.65 6.76
C TYR F 81 32.82 0.04 5.42
N ALA F 82 31.76 0.38 4.71
CA ALA F 82 31.87 1.01 3.39
C ALA F 82 32.67 2.31 3.45
N GLU F 83 32.35 3.13 4.45
CA GLU F 83 32.95 4.44 4.61
C GLU F 83 34.45 4.34 4.86
N ASN F 85 36.27 1.62 3.93
CA ASN F 85 36.78 1.04 2.69
C ASN F 85 37.04 2.08 1.59
N GLY F 86 36.19 3.10 1.52
CA GLY F 86 36.38 4.21 0.58
C GLY F 86 37.73 4.88 0.71
N VAL F 87 38.17 5.13 1.94
CA VAL F 87 39.45 5.78 2.19
C VAL F 87 40.62 4.80 2.05
N TRP F 88 40.44 3.59 2.58
CA TRP F 88 41.42 2.51 2.44
C TRP F 88 41.75 2.21 0.98
N ASP F 89 40.71 2.04 0.16
CA ASP F 89 40.87 1.77 -1.28
C ASP F 89 41.65 2.86 -2.02
N ALA F 90 41.49 4.11 -1.58
CA ALA F 90 42.17 5.23 -2.24
C ALA F 90 43.62 5.40 -1.77
N TRP F 91 43.96 4.74 -0.67
CA TRP F 91 45.27 4.88 -0.06
C TRP F 91 46.22 3.79 -0.56
N VAL F 92 45.68 2.58 -0.61
CA VAL F 92 46.41 1.35 -0.91
C VAL F 92 47.13 1.45 -2.26
N ALA F 93 48.31 0.85 -2.38
CA ALA F 93 49.08 0.91 -3.64
C ALA F 93 48.56 -0.12 -4.63
N ALA F 94 48.07 0.33 -5.78
CA ALA F 94 47.47 -0.57 -6.78
C ALA F 94 48.44 -1.68 -7.18
N GLY F 95 47.95 -2.91 -7.19
CA GLY F 95 48.78 -4.07 -7.54
C GLY F 95 49.66 -4.58 -6.41
N ARG F 96 49.69 -3.84 -5.30
CA ARG F 96 50.50 -4.21 -4.14
C ARG F 96 49.73 -4.10 -2.82
N THR F 97 48.50 -4.62 -2.81
CA THR F 97 47.62 -4.52 -1.66
C THR F 97 47.95 -5.61 -0.64
N PRO F 98 47.92 -5.27 0.66
CA PRO F 98 48.38 -6.24 1.66
C PRO F 98 47.31 -7.28 2.02
N ALA F 99 47.72 -8.32 2.74
CA ALA F 99 46.74 -9.22 3.37
C ALA F 99 45.97 -8.40 4.39
N ARG F 100 44.67 -8.68 4.52
CA ARG F 100 43.79 -7.83 5.30
C ARG F 100 42.75 -8.62 6.07
N ALA F 101 42.40 -8.11 7.25
CA ALA F 101 41.24 -8.57 8.00
C ALA F 101 40.56 -7.37 8.65
N CYS F 102 39.24 -7.44 8.72
CA CYS F 102 38.48 -6.38 9.34
C CYS F 102 37.41 -6.99 10.23
N VAL F 103 37.44 -6.61 11.51
CA VAL F 103 36.52 -7.13 12.52
C VAL F 103 36.05 -6.00 13.45
N GLU F 104 34.93 -6.25 14.12
CA GLU F 104 34.33 -5.25 14.98
C GLU F 104 34.79 -5.43 16.42
N ALA F 105 35.36 -4.37 16.96
CA ALA F 105 35.84 -4.34 18.33
C ALA F 105 35.86 -2.90 18.78
N ARG F 106 35.32 -2.63 19.96
CA ARG F 106 35.37 -1.28 20.49
C ARG F 106 36.79 -0.96 20.92
N LEU F 107 37.17 0.30 20.82
CA LEU F 107 38.53 0.73 21.10
C LEU F 107 38.64 1.43 22.46
N ALA F 108 39.85 1.85 22.81
CA ALA F 108 40.12 2.41 24.14
C ALA F 108 39.29 3.64 24.47
N ARG F 109 38.89 4.39 23.44
CA ARG F 109 38.00 5.54 23.62
C ARG F 109 36.73 5.35 22.80
N PRO F 110 35.59 5.87 23.31
CA PRO F 110 34.31 5.71 22.60
C PRO F 110 34.21 6.51 21.29
N GLU F 111 34.97 7.60 21.18
CA GLU F 111 34.95 8.43 19.97
C GLU F 111 35.76 7.79 18.84
N TRP F 112 36.60 6.81 19.18
CA TRP F 112 37.44 6.14 18.19
C TRP F 112 36.64 5.13 17.39
N ARG F 113 36.63 5.30 16.08
CA ARG F 113 35.79 4.49 15.23
C ARG F 113 36.57 3.43 14.46
N VAL F 114 37.89 3.56 14.46
CA VAL F 114 38.78 2.70 13.68
C VAL F 114 40.21 2.67 14.24
N GLU F 115 40.78 1.46 14.30
CA GLU F 115 42.18 1.28 14.65
C GLU F 115 42.76 0.29 13.66
N ILE F 116 43.94 0.60 13.13
CA ILE F 116 44.58 -0.22 12.11
C ILE F 116 45.99 -0.67 12.56
N LYS F 117 46.21 -1.99 12.52
CA LYS F 117 47.48 -2.59 12.92
C LYS F 117 48.27 -3.19 11.75
N ILE F 118 49.46 -2.68 11.52
CA ILE F 118 50.26 -2.97 10.33
C ILE F 118 51.51 -3.82 10.61
N THR F 119 51.78 -4.77 9.71
CA THR F 119 53.05 -5.46 9.62
C THR F 119 53.64 -5.19 8.21
N ALA F 120 54.88 -4.77 8.17
CA ALA F 120 55.53 -4.34 6.92
C ALA F 120 56.97 -4.85 6.79
N VAL F 121 57.60 -4.59 5.65
CA VAL F 121 59.03 -4.87 5.45
C VAL F 121 59.84 -3.65 5.07
N LYS F 122 61.09 -3.59 5.51
CA LYS F 122 62.05 -2.57 5.06
C LYS F 122 62.44 -2.81 3.61
N ARG F 123 62.56 -1.73 2.84
CA ARG F 123 63.16 -1.80 1.50
C ARG F 123 64.62 -2.20 1.63
N ASP F 124 65.09 -3.05 0.70
CA ASP F 124 66.46 -3.54 0.72
C ASP F 124 67.42 -2.59 -0.01
N ASP G 10 -25.71 -8.86 16.08
CA ASP G 10 -26.52 -9.96 15.57
C ASP G 10 -27.42 -9.53 14.43
N ILE G 11 -27.37 -10.29 13.34
CA ILE G 11 -28.08 -9.94 12.11
C ILE G 11 -29.45 -10.62 12.04
N ARG G 12 -30.49 -9.81 11.83
CA ARG G 12 -31.85 -10.33 11.67
C ARG G 12 -32.34 -10.13 10.23
N TYR G 13 -32.72 -11.21 9.57
CA TYR G 13 -33.16 -11.18 8.19
C TYR G 13 -34.69 -11.19 8.06
N PHE G 14 -35.21 -10.23 7.29
CA PHE G 14 -36.67 -10.11 7.09
C PHE G 14 -37.02 -10.30 5.61
N GLY G 15 -38.06 -11.10 5.36
CA GLY G 15 -38.56 -11.35 4.01
C GLY G 15 -37.50 -11.95 3.09
N THR G 16 -36.76 -12.90 3.64
CA THR G 16 -35.69 -13.60 2.92
C THR G 16 -36.21 -14.32 1.68
N THR G 17 -35.49 -14.18 0.57
CA THR G 17 -35.71 -15.01 -0.62
C THR G 17 -34.35 -15.68 -0.93
N PRO G 18 -34.32 -16.58 -1.93
CA PRO G 18 -33.02 -17.13 -2.33
C PRO G 18 -32.06 -16.09 -2.89
N ARG G 19 -32.59 -14.90 -3.21
CA ARG G 19 -31.82 -13.88 -3.91
C ARG G 19 -31.43 -12.72 -3.00
N TYR G 20 -32.39 -12.29 -2.17
CA TYR G 20 -32.23 -11.12 -1.31
C TYR G 20 -33.22 -11.15 -0.15
N SER G 21 -32.93 -10.40 0.90
CA SER G 21 -33.90 -10.15 1.95
C SER G 21 -34.43 -8.73 1.80
N GLU G 22 -35.73 -8.57 2.04
CA GLU G 22 -36.41 -7.28 1.94
C GLU G 22 -35.80 -6.25 2.90
N ALA G 23 -35.40 -6.73 4.08
CA ALA G 23 -34.77 -5.88 5.09
C ALA G 23 -33.78 -6.69 5.91
N VAL G 24 -32.64 -6.09 6.21
CA VAL G 24 -31.62 -6.68 7.08
C VAL G 24 -31.39 -5.76 8.28
N GLY G 25 -31.37 -6.32 9.48
CA GLY G 25 -31.13 -5.54 10.70
C GLY G 25 -29.87 -5.94 11.43
N ALA G 26 -29.12 -4.96 11.93
CA ALA G 26 -27.88 -5.23 12.67
C ALA G 26 -27.55 -4.14 13.68
N ASN G 27 -27.58 -4.51 14.95
CA ASN G 27 -27.44 -3.60 16.11
C ASN G 27 -27.92 -2.16 15.91
N GLY G 28 -29.23 -2.02 15.80
CA GLY G 28 -29.88 -0.72 15.67
C GLY G 28 -30.10 -0.28 14.23
N LEU G 29 -29.24 -0.73 13.33
CA LEU G 29 -29.31 -0.32 11.91
C LEU G 29 -30.19 -1.24 11.07
N ILE G 30 -30.80 -0.66 10.05
CA ILE G 30 -31.72 -1.35 9.14
C ILE G 30 -31.38 -0.96 7.71
N PHE G 31 -31.22 -1.96 6.85
CA PHE G 31 -30.98 -1.76 5.43
C PHE G 31 -32.08 -2.43 4.64
N LEU G 32 -32.91 -1.63 3.98
CA LEU G 32 -33.95 -2.21 3.14
C LEU G 32 -33.40 -2.48 1.75
N SER G 33 -33.96 -3.48 1.08
CA SER G 33 -33.68 -3.71 -0.33
C SER G 33 -34.25 -2.54 -1.11
N GLY G 34 -33.79 -2.38 -2.35
CA GLY G 34 -34.42 -1.44 -3.26
C GLY G 34 -35.88 -1.82 -3.39
N VAL G 36 -39.28 -1.58 -5.40
CA VAL G 36 -39.76 -1.33 -6.75
C VAL G 36 -41.28 -1.37 -6.80
N PRO G 37 -41.89 -0.62 -7.75
CA PRO G 37 -43.34 -0.50 -7.79
C PRO G 37 -44.02 -1.83 -8.02
N GLU G 38 -45.08 -2.08 -7.27
CA GLU G 38 -45.90 -3.26 -7.43
C GLU G 38 -47.27 -2.86 -7.99
N ASN G 39 -47.63 -1.58 -7.81
CA ASN G 39 -48.84 -1.00 -8.39
C ASN G 39 -48.54 0.35 -9.04
N GLY G 40 -49.46 0.79 -9.90
CA GLY G 40 -49.40 2.14 -10.48
C GLY G 40 -48.65 2.25 -11.79
N GLU G 41 -49.09 3.21 -12.61
CA GLU G 41 -48.48 3.48 -13.91
C GLU G 41 -47.63 4.75 -13.88
N THR G 42 -48.20 5.83 -13.33
CA THR G 42 -47.52 7.12 -13.26
C THR G 42 -46.43 7.16 -12.18
N ALA G 43 -45.52 8.12 -12.30
CA ALA G 43 -44.46 8.36 -11.33
C ALA G 43 -45.02 8.52 -9.91
N ALA G 44 -46.11 9.29 -9.80
CA ALA G 44 -46.77 9.55 -8.52
C ALA G 44 -47.36 8.28 -7.89
N GLU G 45 -48.10 7.50 -8.69
CA GLU G 45 -48.71 6.25 -8.20
C GLU G 45 -47.62 5.26 -7.78
N GLN G 46 -46.59 5.14 -8.61
CA GLN G 46 -45.48 4.24 -8.32
C GLN G 46 -44.68 4.66 -7.08
N THR G 47 -44.37 5.95 -6.97
CA THR G 47 -43.70 6.49 -5.77
C THR G 47 -44.49 6.15 -4.51
N ALA G 48 -45.79 6.45 -4.51
CA ALA G 48 -46.70 6.14 -3.40
C ALA G 48 -46.63 4.67 -3.00
N ASP G 49 -46.71 3.79 -4.00
CA ASP G 49 -46.66 2.34 -3.79
C ASP G 49 -45.33 1.92 -3.16
N VAL G 50 -44.24 2.50 -3.64
CA VAL G 50 -42.89 2.22 -3.15
C VAL G 50 -42.71 2.67 -1.69
N LEU G 51 -43.22 3.85 -1.37
CA LEU G 51 -43.17 4.39 -0.01
C LEU G 51 -44.06 3.61 0.97
N ALA G 52 -45.18 3.08 0.47
CA ALA G 52 -46.06 2.24 1.28
C ALA G 52 -45.39 0.90 1.61
N GLN G 53 -44.62 0.37 0.66
CA GLN G 53 -43.81 -0.82 0.90
C GLN G 53 -42.75 -0.53 1.97
N ILE G 54 -42.04 0.58 1.81
CA ILE G 54 -41.05 1.04 2.78
C ILE G 54 -41.69 1.16 4.18
N ASP G 55 -42.89 1.72 4.23
CA ASP G 55 -43.64 1.83 5.49
C ASP G 55 -43.87 0.47 6.16
N ARG G 56 -44.14 -0.54 5.35
CA ARG G 56 -44.45 -1.90 5.82
C ARG G 56 -43.25 -2.61 6.40
N TRP G 57 -42.11 -2.48 5.72
CA TRP G 57 -40.89 -3.18 6.14
C TRP G 57 -40.21 -2.49 7.31
N LEU G 58 -40.23 -1.16 7.32
CA LEU G 58 -39.77 -0.42 8.48
C LEU G 58 -40.50 -0.91 9.73
N ALA G 59 -41.84 -0.97 9.66
CA ALA G 59 -42.65 -1.47 10.78
C ALA G 59 -42.24 -2.86 11.22
N GLU G 60 -42.07 -3.77 10.25
CA GLU G 60 -41.60 -5.13 10.52
C GLU G 60 -40.27 -5.18 11.26
N CYS G 61 -39.42 -4.16 11.05
CA CYS G 61 -38.09 -4.09 11.63
C CYS G 61 -38.03 -3.28 12.93
N GLY G 62 -39.18 -2.80 13.39
CA GLY G 62 -39.25 -1.96 14.59
C GLY G 62 -38.79 -0.54 14.32
N SER G 63 -39.19 -0.01 13.16
CA SER G 63 -38.86 1.36 12.75
C SER G 63 -40.03 2.00 12.03
N ASP G 64 -39.84 3.24 11.60
CA ASP G 64 -40.85 4.00 10.86
C ASP G 64 -40.15 5.05 10.02
N LYS G 65 -40.91 5.81 9.22
CA LYS G 65 -40.35 6.81 8.32
C LYS G 65 -39.69 7.99 9.07
N ALA G 66 -40.10 8.20 10.32
CA ALA G 66 -39.51 9.22 11.19
C ALA G 66 -38.14 8.81 11.74
N HIS G 67 -37.69 7.62 11.36
CA HIS G 67 -36.39 7.10 11.79
C HIS G 67 -35.53 6.67 10.61
N VAL G 68 -35.83 7.19 9.43
CA VAL G 68 -35.02 6.95 8.24
C VAL G 68 -33.77 7.85 8.27
N LEU G 69 -32.60 7.25 8.10
CA LEU G 69 -31.34 7.99 8.05
C LEU G 69 -31.03 8.48 6.67
N ASP G 70 -31.30 7.62 5.68
CA ASP G 70 -30.73 7.76 4.35
C ASP G 70 -31.64 7.18 3.30
N ALA G 71 -31.80 7.91 2.20
CA ALA G 71 -32.56 7.41 1.05
C ALA G 71 -31.89 7.77 -0.27
N VAL G 72 -31.67 6.76 -1.11
CA VAL G 72 -31.22 6.97 -2.48
C VAL G 72 -32.39 6.70 -3.43
N ILE G 73 -32.72 7.69 -4.25
CA ILE G 73 -33.85 7.57 -5.18
C ILE G 73 -33.34 7.44 -6.61
N TYR G 74 -33.62 6.30 -7.23
CA TYR G 74 -33.28 6.11 -8.63
C TYR G 74 -34.52 6.32 -9.50
N LEU G 75 -34.41 7.25 -10.43
CA LEU G 75 -35.46 7.46 -11.43
C LEU G 75 -35.03 6.93 -12.79
N ARG G 76 -35.94 6.26 -13.49
CA ARG G 76 -35.68 5.85 -14.87
C ARG G 76 -35.48 7.07 -15.78
N ASP G 77 -36.24 8.12 -15.50
CA ASP G 77 -36.26 9.33 -16.29
C ASP G 77 -36.36 10.53 -15.35
N GLY G 79 -37.12 13.30 -15.88
CA GLY G 79 -38.31 14.08 -16.21
C GLY G 79 -39.44 13.87 -15.22
N ASP G 80 -39.33 12.82 -14.41
CA ASP G 80 -40.30 12.51 -13.35
C ASP G 80 -39.92 13.11 -11.99
N TYR G 81 -38.91 13.98 -11.97
CA TYR G 81 -38.37 14.51 -10.72
C TYR G 81 -39.45 15.18 -9.86
N ALA G 82 -40.08 16.22 -10.39
CA ALA G 82 -41.11 16.98 -9.65
C ALA G 82 -42.28 16.11 -9.19
N GLU G 83 -42.79 15.23 -10.06
CA GLU G 83 -43.91 14.35 -9.74
C GLU G 83 -43.55 13.41 -8.57
N ASN G 85 -41.09 13.96 -6.37
CA ASN G 85 -40.96 14.92 -5.26
C ASN G 85 -42.28 15.28 -4.58
N GLY G 86 -43.30 15.52 -5.40
CA GLY G 86 -44.66 15.82 -4.89
C GLY G 86 -45.16 14.81 -3.89
N VAL G 87 -44.91 13.52 -4.13
CA VAL G 87 -45.34 12.45 -3.24
C VAL G 87 -44.36 12.26 -2.09
N TRP G 88 -43.07 12.35 -2.39
CA TRP G 88 -42.03 12.24 -1.37
C TRP G 88 -42.21 13.30 -0.28
N ASP G 89 -42.44 14.54 -0.68
CA ASP G 89 -42.61 15.67 0.26
C ASP G 89 -43.79 15.46 1.21
N ALA G 90 -44.92 14.99 0.67
CA ALA G 90 -46.12 14.75 1.47
C ALA G 90 -46.01 13.50 2.35
N TRP G 91 -44.95 12.72 2.14
CA TRP G 91 -44.76 11.47 2.87
C TRP G 91 -43.82 11.62 4.05
N VAL G 92 -42.66 12.25 3.83
CA VAL G 92 -41.65 12.43 4.89
C VAL G 92 -42.20 12.99 6.22
N ALA G 93 -41.55 12.63 7.33
CA ALA G 93 -41.88 13.19 8.63
C ALA G 93 -41.25 14.59 8.80
N ALA G 94 -42.11 15.57 9.03
CA ALA G 94 -41.68 16.97 9.18
C ALA G 94 -40.66 17.12 10.31
N GLY G 95 -39.61 17.88 10.03
CA GLY G 95 -38.52 18.10 10.99
C GLY G 95 -37.58 16.93 11.18
N ARG G 96 -37.86 15.82 10.51
CA ARG G 96 -37.09 14.59 10.65
C ARG G 96 -36.82 13.93 9.28
N THR G 97 -36.58 14.78 8.28
CA THR G 97 -36.35 14.34 6.91
C THR G 97 -34.94 13.75 6.75
N PRO G 98 -34.82 12.65 5.98
CA PRO G 98 -33.53 11.95 5.91
C PRO G 98 -32.52 12.63 4.98
N ALA G 99 -31.28 12.14 5.01
CA ALA G 99 -30.31 12.42 3.98
C ALA G 99 -30.81 11.79 2.70
N ARG G 100 -30.68 12.51 1.60
CA ARG G 100 -31.25 12.07 0.33
C ARG G 100 -30.31 12.32 -0.84
N ALA G 101 -30.43 11.47 -1.85
CA ALA G 101 -29.83 11.71 -3.16
C ALA G 101 -30.78 11.15 -4.20
N CYS G 102 -30.95 11.88 -5.31
CA CYS G 102 -31.74 11.40 -6.44
C CYS G 102 -30.93 11.36 -7.73
N VAL G 103 -31.04 10.24 -8.44
CA VAL G 103 -30.14 9.93 -9.54
C VAL G 103 -30.92 9.20 -10.65
N GLU G 104 -30.52 9.40 -11.90
CA GLU G 104 -31.18 8.72 -13.02
C GLU G 104 -30.52 7.39 -13.40
N ALA G 105 -31.30 6.32 -13.34
CA ALA G 105 -30.83 4.98 -13.72
C ALA G 105 -32.02 4.11 -14.08
N ARG G 106 -31.90 3.39 -15.19
CA ARG G 106 -32.93 2.44 -15.59
C ARG G 106 -32.95 1.28 -14.60
N LEU G 107 -34.13 0.68 -14.44
CA LEU G 107 -34.35 -0.35 -13.45
C LEU G 107 -34.62 -1.72 -14.11
N ALA G 108 -34.87 -2.74 -13.30
CA ALA G 108 -34.91 -4.12 -13.80
C ALA G 108 -36.01 -4.40 -14.84
N ARG G 109 -37.12 -3.68 -14.75
CA ARG G 109 -38.17 -3.72 -15.78
C ARG G 109 -38.47 -2.32 -16.32
N PRO G 110 -38.79 -2.21 -17.61
CA PRO G 110 -38.99 -0.89 -18.22
C PRO G 110 -40.17 -0.09 -17.66
N GLU G 111 -41.18 -0.80 -17.13
CA GLU G 111 -42.39 -0.19 -16.54
C GLU G 111 -42.11 0.58 -15.25
N TRP G 112 -41.02 0.23 -14.57
CA TRP G 112 -40.66 0.82 -13.28
C TRP G 112 -39.99 2.17 -13.44
N ARG G 113 -40.61 3.20 -12.89
CA ARG G 113 -40.13 4.58 -13.07
C ARG G 113 -39.27 5.06 -11.92
N VAL G 114 -39.33 4.36 -10.80
CA VAL G 114 -38.73 4.80 -9.56
C VAL G 114 -38.39 3.62 -8.65
N GLU G 115 -37.20 3.67 -8.05
CA GLU G 115 -36.75 2.73 -7.02
C GLU G 115 -36.13 3.50 -5.89
N ILE G 116 -36.43 3.10 -4.67
CA ILE G 116 -35.97 3.83 -3.48
C ILE G 116 -35.28 2.85 -2.52
N LYS G 117 -34.05 3.19 -2.13
CA LYS G 117 -33.25 2.38 -1.23
C LYS G 117 -33.05 3.08 0.12
N ILE G 118 -33.50 2.43 1.19
CA ILE G 118 -33.54 3.05 2.52
C ILE G 118 -32.52 2.49 3.50
N THR G 119 -31.97 3.37 4.33
CA THR G 119 -31.21 2.99 5.52
C THR G 119 -31.84 3.66 6.75
N ALA G 120 -32.20 2.85 7.76
CA ALA G 120 -32.91 3.36 8.93
C ALA G 120 -32.36 2.81 10.25
N VAL G 121 -33.01 3.21 11.34
CA VAL G 121 -32.63 2.78 12.67
C VAL G 121 -33.89 2.36 13.45
N LYS G 122 -33.71 1.35 14.32
CA LYS G 122 -34.76 0.88 15.23
C LYS G 122 -35.06 1.91 16.33
N ARG G 123 -36.32 1.96 16.76
CA ARG G 123 -36.71 2.75 17.92
C ARG G 123 -36.22 2.09 19.21
N ASP G 124 -35.70 2.91 20.14
CA ASP G 124 -35.21 2.40 21.43
C ASP G 124 -36.33 2.29 22.46
N ASP H 10 -13.98 3.86 15.90
CA ASP H 10 -12.62 3.78 15.38
C ASP H 10 -12.58 3.30 13.94
N ILE H 11 -11.70 3.91 13.15
CA ILE H 11 -11.57 3.59 11.73
C ILE H 11 -10.30 2.80 11.43
N ARG H 12 -10.49 1.66 10.77
CA ARG H 12 -9.39 0.88 10.23
C ARG H 12 -9.55 0.82 8.71
N TYR H 13 -8.44 1.01 8.01
CA TYR H 13 -8.43 1.04 6.54
C TYR H 13 -7.75 -0.21 6.00
N PHE H 14 -8.30 -0.75 4.92
CA PHE H 14 -7.77 -1.96 4.28
C PHE H 14 -7.52 -1.70 2.80
N GLY H 15 -6.35 -2.09 2.33
CA GLY H 15 -5.97 -1.93 0.92
C GLY H 15 -5.98 -0.48 0.47
N THR H 16 -5.37 0.38 1.29
CA THR H 16 -5.32 1.81 1.04
C THR H 16 -4.43 2.15 -0.15
N THR H 17 -5.00 2.93 -1.07
CA THR H 17 -4.25 3.54 -2.16
C THR H 17 -4.30 5.06 -1.95
N PRO H 18 -3.58 5.84 -2.77
CA PRO H 18 -3.72 7.29 -2.69
C PRO H 18 -5.12 7.81 -3.07
N ARG H 19 -5.93 6.97 -3.73
CA ARG H 19 -7.24 7.40 -4.20
C ARG H 19 -8.37 6.91 -3.29
N TYR H 20 -8.24 5.69 -2.78
CA TYR H 20 -9.32 5.01 -2.05
C TYR H 20 -8.79 3.84 -1.21
N SER H 21 -9.62 3.33 -0.32
CA SER H 21 -9.31 2.08 0.38
C SER H 21 -10.28 1.01 -0.08
N GLU H 22 -9.77 -0.18 -0.34
CA GLU H 22 -10.58 -1.31 -0.77
C GLU H 22 -11.68 -1.64 0.24
N ALA H 23 -11.35 -1.50 1.53
CA ALA H 23 -12.36 -1.60 2.59
C ALA H 23 -12.06 -0.60 3.69
N VAL H 24 -13.13 -0.11 4.32
CA VAL H 24 -13.03 0.72 5.51
C VAL H 24 -13.92 0.14 6.60
N GLY H 25 -13.40 0.06 7.83
CA GLY H 25 -14.16 -0.47 8.95
C GLY H 25 -14.37 0.56 10.04
N ALA H 26 -15.53 0.48 10.70
CA ALA H 26 -15.84 1.34 11.83
C ALA H 26 -16.77 0.63 12.81
N ASN H 27 -16.28 0.44 14.02
CA ASN H 27 -17.03 -0.21 15.11
C ASN H 27 -17.86 -1.42 14.69
N GLY H 28 -17.21 -2.34 13.98
CA GLY H 28 -17.86 -3.56 13.53
C GLY H 28 -18.43 -3.51 12.12
N LEU H 29 -18.80 -2.32 11.65
CA LEU H 29 -19.33 -2.14 10.29
C LEU H 29 -18.21 -2.16 9.26
N ILE H 30 -18.54 -2.61 8.06
CA ILE H 30 -17.55 -2.68 6.97
C ILE H 30 -18.15 -2.11 5.68
N PHE H 31 -17.44 -1.15 5.10
CA PHE H 31 -17.80 -0.60 3.80
C PHE H 31 -16.73 -1.01 2.80
N LEU H 32 -17.14 -1.72 1.76
CA LEU H 32 -16.22 -2.07 0.70
C LEU H 32 -16.34 -1.04 -0.41
N SER H 33 -15.21 -0.74 -1.05
CA SER H 33 -15.22 -0.01 -2.29
C SER H 33 -16.04 -0.78 -3.33
N GLY H 34 -16.45 -0.08 -4.39
CA GLY H 34 -17.10 -0.73 -5.52
C GLY H 34 -16.12 -1.71 -6.13
N VAL H 36 -14.94 -4.10 -9.07
CA VAL H 36 -15.05 -4.12 -10.53
C VAL H 36 -14.27 -5.30 -11.12
N PRO H 37 -14.66 -5.76 -12.34
CA PRO H 37 -14.06 -6.98 -12.86
C PRO H 37 -12.57 -6.81 -13.17
N GLU H 38 -11.79 -7.83 -12.80
CA GLU H 38 -10.37 -7.89 -13.11
C GLU H 38 -10.13 -8.97 -14.16
N ASN H 39 -11.09 -9.90 -14.24
CA ASN H 39 -11.06 -10.98 -15.21
C ASN H 39 -12.43 -11.20 -15.82
N GLY H 40 -12.48 -11.94 -16.92
CA GLY H 40 -13.75 -12.29 -17.55
C GLY H 40 -14.20 -11.31 -18.60
N GLU H 41 -15.09 -11.77 -19.45
CA GLU H 41 -15.59 -11.01 -20.58
C GLU H 41 -17.10 -10.83 -20.46
N THR H 42 -17.82 -11.92 -20.20
CA THR H 42 -19.29 -11.93 -20.08
C THR H 42 -19.75 -11.44 -18.72
N ALA H 43 -21.05 -11.18 -18.60
CA ALA H 43 -21.65 -10.74 -17.34
C ALA H 43 -21.46 -11.78 -16.24
N ALA H 44 -21.68 -13.05 -16.60
CA ALA H 44 -21.52 -14.17 -15.69
C ALA H 44 -20.09 -14.28 -15.15
N GLU H 45 -19.11 -14.21 -16.05
CA GLU H 45 -17.68 -14.34 -15.70
C GLU H 45 -17.23 -13.18 -14.84
N GLN H 46 -17.72 -11.99 -15.16
CA GLN H 46 -17.33 -10.79 -14.44
C GLN H 46 -17.94 -10.75 -13.04
N THR H 47 -19.22 -11.12 -12.96
CA THR H 47 -19.92 -11.22 -11.67
C THR H 47 -19.17 -12.20 -10.75
N ALA H 48 -18.76 -13.34 -11.31
CA ALA H 48 -17.97 -14.34 -10.58
C ALA H 48 -16.64 -13.77 -10.07
N ASP H 49 -15.98 -12.97 -10.89
CA ASP H 49 -14.73 -12.32 -10.49
C ASP H 49 -14.93 -11.27 -9.41
N VAL H 50 -16.05 -10.53 -9.51
CA VAL H 50 -16.38 -9.46 -8.57
C VAL H 50 -16.71 -10.03 -7.18
N LEU H 51 -17.56 -11.05 -7.15
CA LEU H 51 -17.93 -11.72 -5.91
C LEU H 51 -16.75 -12.38 -5.23
N ALA H 52 -15.82 -12.90 -6.03
CA ALA H 52 -14.60 -13.50 -5.51
C ALA H 52 -13.73 -12.45 -4.81
N GLN H 53 -13.70 -11.23 -5.35
CA GLN H 53 -12.97 -10.12 -4.72
C GLN H 53 -13.65 -9.72 -3.40
N ILE H 54 -14.98 -9.70 -3.43
CA ILE H 54 -15.79 -9.46 -2.24
C ILE H 54 -15.51 -10.49 -1.15
N ASP H 55 -15.47 -11.77 -1.52
CA ASP H 55 -15.14 -12.85 -0.57
C ASP H 55 -13.80 -12.60 0.11
N ARG H 56 -12.79 -12.22 -0.68
CA ARG H 56 -11.44 -11.95 -0.22
C ARG H 56 -11.38 -10.79 0.79
N TRP H 57 -11.95 -9.65 0.43
CA TRP H 57 -11.88 -8.48 1.32
C TRP H 57 -12.69 -8.64 2.59
N LEU H 58 -13.88 -9.22 2.47
CA LEU H 58 -14.68 -9.56 3.64
C LEU H 58 -13.86 -10.40 4.64
N ALA H 59 -13.20 -11.44 4.14
CA ALA H 59 -12.35 -12.31 4.97
C ALA H 59 -11.19 -11.53 5.60
N GLU H 60 -10.64 -10.59 4.84
CA GLU H 60 -9.61 -9.68 5.33
C GLU H 60 -10.15 -8.82 6.48
N CYS H 61 -11.41 -8.42 6.37
CA CYS H 61 -12.06 -7.55 7.34
C CYS H 61 -12.75 -8.28 8.50
N GLY H 62 -12.58 -9.60 8.57
CA GLY H 62 -13.17 -10.40 9.63
C GLY H 62 -14.66 -10.64 9.40
N SER H 63 -15.04 -10.70 8.12
CA SER H 63 -16.43 -10.94 7.74
C SER H 63 -16.51 -12.06 6.71
N ASP H 64 -17.72 -12.34 6.23
CA ASP H 64 -17.94 -13.27 5.12
C ASP H 64 -19.28 -12.94 4.45
N LYS H 65 -19.59 -13.63 3.36
CA LYS H 65 -20.81 -13.37 2.61
C LYS H 65 -22.10 -13.57 3.42
N ALA H 66 -22.02 -14.42 4.44
CA ALA H 66 -23.15 -14.65 5.34
C ALA H 66 -23.30 -13.52 6.36
N HIS H 67 -22.46 -12.50 6.26
CA HIS H 67 -22.53 -11.34 7.15
C HIS H 67 -22.58 -10.01 6.38
N VAL H 68 -23.08 -10.09 5.15
CA VAL H 68 -23.32 -8.92 4.30
C VAL H 68 -24.71 -8.35 4.59
N LEU H 69 -24.78 -7.04 4.80
CA LEU H 69 -26.05 -6.37 5.09
C LEU H 69 -26.68 -5.78 3.83
N ASP H 70 -25.86 -5.16 3.00
CA ASP H 70 -26.34 -4.40 1.85
C ASP H 70 -25.47 -4.61 0.62
N ALA H 71 -26.12 -4.74 -0.53
CA ALA H 71 -25.42 -4.87 -1.80
C ALA H 71 -26.13 -4.06 -2.88
N VAL H 72 -25.42 -3.10 -3.45
CA VAL H 72 -25.90 -2.35 -4.60
C VAL H 72 -25.18 -2.89 -5.82
N ILE H 73 -25.95 -3.33 -6.80
CA ILE H 73 -25.40 -3.91 -8.01
C ILE H 73 -25.64 -2.99 -9.20
N TYR H 74 -24.56 -2.51 -9.81
CA TYR H 74 -24.64 -1.65 -10.98
C TYR H 74 -24.29 -2.44 -12.23
N LEU H 75 -25.23 -2.50 -13.16
CA LEU H 75 -25.00 -3.13 -14.45
C LEU H 75 -24.87 -2.07 -15.54
N ARG H 76 -23.94 -2.27 -16.46
CA ARG H 76 -23.79 -1.38 -17.62
C ARG H 76 -25.05 -1.46 -18.48
N ASP H 77 -25.55 -2.68 -18.64
CA ASP H 77 -26.69 -2.97 -19.49
C ASP H 77 -27.61 -3.88 -18.71
N GLY H 79 -29.91 -5.66 -19.71
CA GLY H 79 -30.08 -6.92 -20.44
C GLY H 79 -29.30 -8.07 -19.82
N ASP H 80 -28.29 -7.73 -19.02
CA ASP H 80 -27.46 -8.71 -18.32
C ASP H 80 -28.02 -9.13 -16.97
N TYR H 81 -29.22 -8.66 -16.64
CA TYR H 81 -29.87 -8.95 -15.37
C TYR H 81 -29.91 -10.45 -15.04
N ALA H 82 -30.46 -11.26 -15.94
CA ALA H 82 -30.62 -12.71 -15.70
C ALA H 82 -29.28 -13.44 -15.46
N GLU H 83 -28.30 -13.20 -16.33
CA GLU H 83 -27.00 -13.88 -16.22
C GLU H 83 -26.25 -13.51 -14.94
N ASN H 85 -27.78 -12.50 -12.17
CA ASN H 85 -28.60 -13.20 -11.17
C ASN H 85 -28.23 -14.69 -11.03
N GLY H 86 -27.89 -15.32 -12.15
CA GLY H 86 -27.50 -16.72 -12.15
C GLY H 86 -26.36 -16.97 -11.21
N VAL H 87 -25.32 -16.15 -11.32
CA VAL H 87 -24.11 -16.24 -10.51
C VAL H 87 -24.36 -15.79 -9.05
N TRP H 88 -25.06 -14.67 -8.90
CA TRP H 88 -25.40 -14.12 -7.58
C TRP H 88 -26.19 -15.08 -6.71
N ASP H 89 -27.25 -15.66 -7.28
CA ASP H 89 -28.10 -16.64 -6.58
C ASP H 89 -27.32 -17.85 -6.06
N ALA H 90 -26.29 -18.24 -6.81
CA ALA H 90 -25.50 -19.42 -6.49
C ALA H 90 -24.41 -19.09 -5.46
N TRP H 91 -24.17 -17.81 -5.22
CA TRP H 91 -23.10 -17.36 -4.35
C TRP H 91 -23.58 -17.04 -2.93
N VAL H 92 -24.75 -16.40 -2.84
CA VAL H 92 -25.31 -15.95 -1.57
C VAL H 92 -25.54 -17.11 -0.59
N ALA H 93 -25.40 -16.82 0.70
CA ALA H 93 -25.68 -17.80 1.75
C ALA H 93 -27.19 -17.94 1.94
N ALA H 94 -27.70 -19.15 1.69
CA ALA H 94 -29.11 -19.47 1.87
C ALA H 94 -29.62 -19.07 3.25
N GLY H 95 -30.75 -18.37 3.29
CA GLY H 95 -31.33 -17.92 4.56
C GLY H 95 -30.67 -16.69 5.14
N ARG H 96 -29.53 -16.28 4.56
CA ARG H 96 -28.79 -15.10 5.02
C ARG H 96 -28.46 -14.16 3.86
N THR H 97 -29.42 -14.00 2.97
CA THR H 97 -29.29 -13.15 1.78
C THR H 97 -29.47 -11.69 2.18
N PRO H 98 -28.59 -10.80 1.65
CA PRO H 98 -28.55 -9.41 2.10
C PRO H 98 -29.63 -8.55 1.44
N ALA H 99 -29.78 -7.31 1.92
CA ALA H 99 -30.55 -6.31 1.18
C ALA H 99 -29.87 -6.07 -0.16
N ARG H 100 -30.67 -5.94 -1.21
CA ARG H 100 -30.15 -5.79 -2.55
C ARG H 100 -30.88 -4.72 -3.33
N ALA H 101 -30.14 -4.02 -4.18
CA ALA H 101 -30.71 -3.14 -5.19
C ALA H 101 -29.84 -3.27 -6.43
N CYS H 102 -30.49 -3.29 -7.59
CA CYS H 102 -29.81 -3.44 -8.86
C CYS H 102 -30.36 -2.43 -9.83
N VAL H 103 -29.47 -1.54 -10.28
CA VAL H 103 -29.81 -0.45 -11.19
C VAL H 103 -28.82 -0.45 -12.36
N GLU H 104 -29.19 0.21 -13.45
CA GLU H 104 -28.31 0.33 -14.61
C GLU H 104 -27.49 1.62 -14.58
N ALA H 105 -26.18 1.47 -14.62
CA ALA H 105 -25.25 2.61 -14.69
C ALA H 105 -23.94 2.19 -15.35
N ARG H 106 -23.42 3.03 -16.25
CA ARG H 106 -22.15 2.74 -16.93
C ARG H 106 -20.99 2.92 -15.96
N LEU H 107 -19.92 2.16 -16.17
CA LEU H 107 -18.82 2.11 -15.21
C LEU H 107 -17.56 2.76 -15.78
N ALA H 108 -16.50 2.82 -14.97
CA ALA H 108 -15.30 3.59 -15.31
C ALA H 108 -14.60 3.17 -16.60
N ARG H 109 -14.88 1.95 -17.06
CA ARG H 109 -14.36 1.43 -18.33
C ARG H 109 -15.46 0.69 -19.09
N PRO H 110 -15.43 0.76 -20.43
CA PRO H 110 -16.48 0.18 -21.29
C PRO H 110 -16.64 -1.33 -21.17
N GLU H 111 -15.54 -2.04 -20.88
CA GLU H 111 -15.54 -3.50 -20.78
C GLU H 111 -16.20 -4.02 -19.50
N TRP H 112 -16.39 -3.13 -18.54
CA TRP H 112 -16.95 -3.51 -17.25
C TRP H 112 -18.47 -3.57 -17.31
N ARG H 113 -19.02 -4.76 -17.10
CA ARG H 113 -20.46 -4.96 -17.24
C ARG H 113 -21.16 -4.97 -15.87
N VAL H 114 -20.38 -5.03 -14.80
CA VAL H 114 -20.95 -5.15 -13.46
C VAL H 114 -20.02 -4.56 -12.39
N GLU H 115 -20.65 -3.91 -11.41
CA GLU H 115 -19.97 -3.43 -10.21
C GLU H 115 -20.89 -3.63 -9.02
N ILE H 116 -20.32 -4.15 -7.94
CA ILE H 116 -21.11 -4.45 -6.75
C ILE H 116 -20.51 -3.76 -5.52
N LYS H 117 -21.35 -3.00 -4.82
CA LYS H 117 -20.93 -2.27 -3.64
C LYS H 117 -21.54 -2.85 -2.36
N ILE H 118 -20.66 -3.25 -1.44
CA ILE H 118 -21.05 -4.02 -0.27
C ILE H 118 -20.95 -3.24 1.05
N THR H 119 -21.95 -3.42 1.91
CA THR H 119 -21.86 -3.06 3.32
C THR H 119 -22.01 -4.36 4.14
N ALA H 120 -21.07 -4.60 5.06
CA ALA H 120 -21.11 -5.81 5.85
C ALA H 120 -20.85 -5.53 7.33
N VAL H 121 -20.84 -6.60 8.13
CA VAL H 121 -20.52 -6.49 9.55
C VAL H 121 -19.48 -7.55 9.93
N LYS H 122 -18.58 -7.20 10.85
CA LYS H 122 -17.63 -8.17 11.37
C LYS H 122 -18.38 -9.27 12.10
N ARG H 123 -17.88 -10.50 11.98
CA ARG H 123 -18.45 -11.65 12.72
C ARG H 123 -18.22 -11.49 14.22
N ASP H 124 -17.20 -10.71 14.58
CA ASP H 124 -16.83 -10.40 15.96
C ASP H 124 -15.74 -11.33 16.48
N ASP I 10 -29.74 7.52 19.10
CA ASP I 10 -30.31 8.85 18.94
C ASP I 10 -29.95 9.47 17.58
N ILE I 11 -30.95 10.09 16.94
CA ILE I 11 -30.77 10.73 15.64
C ILE I 11 -30.65 12.26 15.77
N ARG I 12 -29.68 12.83 15.08
CA ARG I 12 -29.54 14.28 14.94
C ARG I 12 -29.68 14.71 13.48
N TYR I 13 -30.45 15.77 13.25
CA TYR I 13 -30.69 16.28 11.91
C TYR I 13 -30.05 17.65 11.68
N PHE I 14 -29.30 17.77 10.58
CA PHE I 14 -28.58 18.99 10.23
C PHE I 14 -29.10 19.53 8.89
N GLY I 15 -29.34 20.84 8.85
CA GLY I 15 -29.72 21.52 7.59
C GLY I 15 -31.02 20.98 7.04
N THR I 16 -31.99 20.81 7.93
CA THR I 16 -33.27 20.19 7.64
C THR I 16 -34.17 21.09 6.80
N THR I 17 -34.62 20.56 5.67
CA THR I 17 -35.62 21.20 4.82
C THR I 17 -36.86 20.30 4.81
N PRO I 18 -37.97 20.77 4.20
CA PRO I 18 -39.15 19.92 4.10
C PRO I 18 -38.92 18.62 3.29
N ARG I 19 -37.84 18.59 2.49
CA ARG I 19 -37.57 17.48 1.57
C ARG I 19 -36.49 16.51 2.05
N TYR I 20 -35.47 17.04 2.72
CA TYR I 20 -34.30 16.26 3.12
C TYR I 20 -33.50 17.03 4.17
N SER I 21 -32.62 16.32 4.86
CA SER I 21 -31.62 16.95 5.72
C SER I 21 -30.26 16.78 5.04
N GLU I 22 -29.43 17.81 5.12
CA GLU I 22 -28.13 17.78 4.46
C GLU I 22 -27.24 16.74 5.10
N ALA I 23 -27.40 16.58 6.42
CA ALA I 23 -26.72 15.56 7.18
C ALA I 23 -27.66 14.94 8.21
N VAL I 24 -27.42 13.67 8.50
CA VAL I 24 -28.12 12.99 9.57
C VAL I 24 -27.10 12.14 10.32
N GLY I 25 -27.01 12.35 11.63
CA GLY I 25 -26.14 11.58 12.50
C GLY I 25 -26.91 10.54 13.32
N ALA I 26 -26.28 9.40 13.55
CA ALA I 26 -26.82 8.38 14.47
C ALA I 26 -25.69 7.52 15.02
N ASN I 27 -25.52 7.56 16.35
CA ASN I 27 -24.53 6.73 17.06
C ASN I 27 -23.12 6.82 16.47
N GLY I 28 -22.66 8.05 16.23
CA GLY I 28 -21.33 8.28 15.69
C GLY I 28 -21.27 8.29 14.18
N LEU I 29 -22.27 7.69 13.53
CA LEU I 29 -22.32 7.68 12.06
C LEU I 29 -22.90 8.98 11.53
N ILE I 30 -22.41 9.41 10.37
CA ILE I 30 -22.89 10.62 9.72
C ILE I 30 -23.24 10.28 8.28
N PHE I 31 -24.50 10.51 7.94
CA PHE I 31 -24.99 10.31 6.58
C PHE I 31 -25.22 11.66 5.94
N LEU I 32 -24.52 11.90 4.84
CA LEU I 32 -24.64 13.17 4.10
C LEU I 32 -25.53 12.98 2.91
N SER I 33 -26.37 13.99 2.64
CA SER I 33 -27.14 14.01 1.40
C SER I 33 -26.16 14.08 0.23
N GLY I 34 -26.60 13.66 -0.94
CA GLY I 34 -25.82 13.86 -2.15
C GLY I 34 -25.50 15.33 -2.27
N VAL I 36 -24.01 18.53 -4.28
CA VAL I 36 -24.28 18.84 -5.66
C VAL I 36 -23.67 20.21 -5.95
N PRO I 37 -23.28 20.49 -7.22
CA PRO I 37 -22.55 21.71 -7.54
C PRO I 37 -23.37 22.96 -7.28
N GLU I 38 -22.73 23.94 -6.66
CA GLU I 38 -23.34 25.25 -6.44
C GLU I 38 -22.61 26.30 -7.26
N ASN I 39 -21.37 25.97 -7.63
CA ASN I 39 -20.52 26.85 -8.45
C ASN I 39 -19.76 26.01 -9.46
N GLY I 40 -19.31 26.66 -10.53
CA GLY I 40 -18.47 26.01 -11.53
C GLY I 40 -19.25 25.37 -12.66
N GLU I 41 -18.57 25.16 -13.78
CA GLU I 41 -19.17 24.61 -14.98
C GLU I 41 -18.51 23.30 -15.38
N THR I 42 -17.18 23.27 -15.37
CA THR I 42 -16.40 22.09 -15.76
C THR I 42 -16.45 21.05 -14.65
N ALA I 43 -16.14 19.80 -15.01
CA ALA I 43 -16.07 18.70 -14.04
C ALA I 43 -15.11 18.99 -12.89
N ALA I 44 -13.96 19.58 -13.21
CA ALA I 44 -12.96 19.94 -12.20
C ALA I 44 -13.50 20.98 -11.21
N GLU I 45 -14.20 21.98 -11.73
CA GLU I 45 -14.67 23.11 -10.92
C GLU I 45 -15.78 22.69 -9.96
N GLN I 46 -16.67 21.85 -10.47
CA GLN I 46 -17.83 21.40 -9.71
C GLN I 46 -17.43 20.36 -8.66
N THR I 47 -16.44 19.53 -9.00
CA THR I 47 -15.90 18.56 -8.05
C THR I 47 -15.31 19.27 -6.85
N ALA I 48 -14.52 20.33 -7.09
CA ALA I 48 -13.94 21.12 -6.02
C ALA I 48 -15.01 21.76 -5.13
N ASP I 49 -16.10 22.22 -5.77
CA ASP I 49 -17.19 22.88 -5.04
C ASP I 49 -17.91 21.89 -4.14
N VAL I 50 -18.19 20.71 -4.69
CA VAL I 50 -18.88 19.65 -3.96
C VAL I 50 -17.99 19.19 -2.80
N LEU I 51 -16.70 19.04 -3.06
CA LEU I 51 -15.75 18.67 -2.00
C LEU I 51 -15.63 19.72 -0.89
N ALA I 52 -15.70 21.00 -1.26
CA ALA I 52 -15.72 22.08 -0.28
C ALA I 52 -17.00 22.03 0.60
N GLN I 53 -18.15 21.74 -0.03
CA GLN I 53 -19.41 21.52 0.70
C GLN I 53 -19.28 20.39 1.72
N ILE I 54 -18.72 19.27 1.27
CA ILE I 54 -18.43 18.15 2.14
C ILE I 54 -17.54 18.53 3.35
N ASP I 55 -16.45 19.26 3.10
CA ASP I 55 -15.58 19.77 4.17
C ASP I 55 -16.32 20.62 5.21
N ARG I 56 -17.22 21.47 4.72
CA ARG I 56 -17.98 22.34 5.59
C ARG I 56 -19.02 21.57 6.40
N TRP I 57 -19.75 20.66 5.75
CA TRP I 57 -20.73 19.82 6.47
C TRP I 57 -20.08 18.85 7.46
N LEU I 58 -18.94 18.30 7.09
CA LEU I 58 -18.22 17.39 8.00
C LEU I 58 -17.80 18.12 9.26
N ALA I 59 -17.34 19.36 9.10
CA ALA I 59 -16.94 20.20 10.22
C ALA I 59 -18.12 20.51 11.14
N GLU I 60 -19.28 20.80 10.55
CA GLU I 60 -20.49 21.06 11.31
C GLU I 60 -20.87 19.87 12.19
N CYS I 61 -20.74 18.66 11.64
CA CYS I 61 -21.15 17.44 12.33
C CYS I 61 -20.07 16.86 13.26
N GLY I 62 -18.94 17.55 13.37
CA GLY I 62 -17.85 17.15 14.27
C GLY I 62 -16.89 16.16 13.66
N SER I 63 -16.70 16.26 12.35
CA SER I 63 -15.90 15.31 11.58
C SER I 63 -15.00 16.06 10.59
N ASP I 64 -14.32 15.29 9.75
CA ASP I 64 -13.46 15.86 8.70
C ASP I 64 -13.20 14.79 7.65
N LYS I 65 -12.53 15.17 6.57
CA LYS I 65 -12.33 14.27 5.42
C LYS I 65 -11.49 13.02 5.75
N ALA I 66 -10.72 13.12 6.83
CA ALA I 66 -9.89 12.01 7.32
C ALA I 66 -10.73 11.03 8.14
N HIS I 67 -12.04 11.25 8.17
CA HIS I 67 -12.96 10.41 8.91
C HIS I 67 -14.16 10.02 8.03
N VAL I 68 -13.96 10.10 6.71
CA VAL I 68 -14.94 9.63 5.75
C VAL I 68 -14.76 8.12 5.58
N LEU I 69 -15.88 7.40 5.59
CA LEU I 69 -15.88 5.95 5.47
C LEU I 69 -16.10 5.54 4.02
N ASP I 70 -17.07 6.22 3.40
CA ASP I 70 -17.61 5.78 2.14
C ASP I 70 -17.99 6.98 1.29
N ALA I 71 -17.73 6.87 -0.02
CA ALA I 71 -18.04 7.92 -0.98
C ALA I 71 -18.51 7.34 -2.31
N VAL I 72 -19.74 7.63 -2.68
CA VAL I 72 -20.30 7.24 -3.98
C VAL I 72 -20.32 8.48 -4.86
N ILE I 73 -19.64 8.38 -5.99
CA ILE I 73 -19.51 9.50 -6.92
C ILE I 73 -20.35 9.22 -8.17
N TYR I 74 -21.28 10.13 -8.46
CA TYR I 74 -22.10 10.04 -9.66
C TYR I 74 -21.63 11.08 -10.65
N LEU I 75 -21.22 10.62 -11.83
CA LEU I 75 -20.88 11.52 -12.93
C LEU I 75 -21.98 11.49 -13.95
N ARG I 76 -22.33 12.67 -14.49
CA ARG I 76 -23.29 12.76 -15.58
C ARG I 76 -22.74 12.06 -16.83
N ASP I 77 -21.43 12.18 -17.02
CA ASP I 77 -20.73 11.62 -18.17
C ASP I 77 -19.39 11.04 -17.72
N GLY I 79 -16.99 10.33 -19.33
CA GLY I 79 -15.91 11.07 -19.96
C GLY I 79 -15.17 11.98 -19.00
N ASP I 80 -15.84 12.38 -17.91
CA ASP I 80 -15.27 13.30 -16.92
C ASP I 80 -14.43 12.62 -15.83
N TYR I 81 -14.20 11.31 -15.97
CA TYR I 81 -13.54 10.48 -14.96
C TYR I 81 -12.18 11.02 -14.48
N ALA I 82 -11.27 11.24 -15.43
CA ALA I 82 -9.91 11.65 -15.09
C ALA I 82 -9.85 13.05 -14.50
N GLU I 83 -10.73 13.93 -15.00
CA GLU I 83 -10.83 15.30 -14.51
C GLU I 83 -11.35 15.30 -13.08
N ASN I 85 -11.24 12.74 -10.91
CA ASN I 85 -10.18 12.11 -10.10
C ASN I 85 -9.02 13.05 -9.75
N GLY I 86 -8.69 13.95 -10.67
CA GLY I 86 -7.58 14.89 -10.47
C GLY I 86 -7.79 15.76 -9.25
N VAL I 87 -9.02 16.24 -9.08
CA VAL I 87 -9.40 17.05 -7.91
C VAL I 87 -9.54 16.15 -6.68
N TRP I 88 -10.23 15.02 -6.85
CA TRP I 88 -10.45 14.05 -5.76
C TRP I 88 -9.14 13.59 -5.11
N ASP I 89 -8.16 13.23 -5.93
CA ASP I 89 -6.85 12.75 -5.48
C ASP I 89 -6.11 13.79 -4.63
N ALA I 90 -6.19 15.05 -5.04
CA ALA I 90 -5.54 16.15 -4.32
C ALA I 90 -6.21 16.48 -2.98
N TRP I 91 -7.46 16.04 -2.84
CA TRP I 91 -8.28 16.39 -1.68
C TRP I 91 -8.25 15.36 -0.55
N VAL I 92 -8.29 14.07 -0.89
CA VAL I 92 -8.32 13.00 0.11
C VAL I 92 -7.13 13.07 1.08
N ALA I 93 -7.34 12.57 2.30
CA ALA I 93 -6.28 12.58 3.30
C ALA I 93 -5.42 11.34 3.16
N ALA I 94 -4.14 11.56 2.87
CA ALA I 94 -3.17 10.50 2.65
C ALA I 94 -3.22 9.40 3.73
N GLY I 95 -3.29 8.16 3.28
CA GLY I 95 -3.31 7.00 4.18
C GLY I 95 -4.67 6.76 4.84
N ARG I 96 -5.60 7.66 4.59
CA ARG I 96 -6.93 7.62 5.20
C ARG I 96 -8.00 7.87 4.14
N THR I 97 -7.83 7.21 3.01
CA THR I 97 -8.73 7.36 1.87
C THR I 97 -9.92 6.41 2.08
N PRO I 98 -11.14 6.88 1.78
CA PRO I 98 -12.32 6.07 2.11
C PRO I 98 -12.61 4.99 1.06
N ALA I 99 -13.62 4.17 1.33
CA ALA I 99 -14.16 3.28 0.32
C ALA I 99 -14.86 4.14 -0.73
N ARG I 100 -14.82 3.69 -1.98
CA ARG I 100 -15.27 4.51 -3.10
C ARG I 100 -15.93 3.70 -4.22
N ALA I 101 -16.93 4.32 -4.84
CA ALA I 101 -17.57 3.81 -6.05
C ALA I 101 -17.86 4.99 -6.97
N CYS I 102 -17.64 4.81 -8.27
CA CYS I 102 -17.93 5.84 -9.25
C CYS I 102 -18.70 5.25 -10.42
N VAL I 103 -19.90 5.76 -10.62
CA VAL I 103 -20.80 5.27 -11.68
C VAL I 103 -21.39 6.45 -12.43
N GLU I 104 -21.81 6.20 -13.67
CA GLU I 104 -22.39 7.23 -14.50
C GLU I 104 -23.90 7.25 -14.35
N ALA I 105 -24.41 8.39 -13.89
CA ALA I 105 -25.85 8.61 -13.78
C ALA I 105 -26.14 10.10 -13.94
N ARG I 106 -27.15 10.43 -14.73
CA ARG I 106 -27.57 11.80 -14.92
C ARG I 106 -28.17 12.33 -13.63
N LEU I 107 -28.02 13.63 -13.39
CA LEU I 107 -28.46 14.23 -12.13
C LEU I 107 -29.72 15.10 -12.31
N ALA I 108 -30.18 15.73 -11.22
CA ALA I 108 -31.46 16.45 -11.22
C ALA I 108 -31.49 17.71 -12.09
N ARG I 109 -30.33 18.30 -12.34
CA ARG I 109 -30.19 19.37 -13.33
C ARG I 109 -29.15 18.97 -14.38
N PRO I 110 -29.35 19.38 -15.65
CA PRO I 110 -28.41 19.02 -16.72
C PRO I 110 -27.00 19.60 -16.56
N GLU I 111 -26.88 20.77 -15.94
CA GLU I 111 -25.58 21.45 -15.78
C GLU I 111 -24.69 20.78 -14.71
N TRP I 112 -25.30 19.92 -13.91
CA TRP I 112 -24.58 19.22 -12.85
C TRP I 112 -23.79 18.04 -13.39
N ARG I 113 -22.48 18.10 -13.25
CA ARG I 113 -21.62 17.08 -13.85
C ARG I 113 -21.16 16.00 -12.86
N VAL I 114 -21.28 16.31 -11.57
CA VAL I 114 -20.83 15.43 -10.50
C VAL I 114 -21.74 15.57 -9.27
N GLU I 115 -22.00 14.46 -8.58
CA GLU I 115 -22.67 14.47 -7.28
C GLU I 115 -21.96 13.44 -6.41
N ILE I 116 -21.59 13.83 -5.20
CA ILE I 116 -20.87 12.94 -4.30
C ILE I 116 -21.66 12.71 -3.02
N LYS I 117 -21.83 11.45 -2.64
CA LYS I 117 -22.62 11.04 -1.48
C LYS I 117 -21.75 10.35 -0.43
N ILE I 118 -21.69 10.95 0.75
CA ILE I 118 -20.68 10.65 1.76
C ILE I 118 -21.28 10.01 3.01
N THR I 119 -20.62 8.97 3.50
CA THR I 119 -20.88 8.41 4.82
C THR I 119 -19.61 8.59 5.65
N ALA I 120 -19.76 9.09 6.87
CA ALA I 120 -18.61 9.40 7.70
C ALA I 120 -18.81 9.03 9.17
N VAL I 121 -17.83 9.43 9.98
CA VAL I 121 -17.90 9.19 11.41
C VAL I 121 -17.35 10.42 12.15
N LYS I 122 -17.93 10.70 13.32
CA LYS I 122 -17.45 11.77 14.19
C LYS I 122 -16.11 11.40 14.82
N ARG I 123 -15.33 12.41 15.18
CA ARG I 123 -14.17 12.25 16.05
C ARG I 123 -14.65 11.95 17.47
N ASP I 124 -13.83 11.22 18.23
CA ASP I 124 -14.16 10.88 19.62
C ASP I 124 -13.83 12.00 20.58
N ASP J 10 -33.06 21.94 -59.18
CA ASP J 10 -33.49 23.21 -58.63
C ASP J 10 -34.19 23.01 -57.29
N ILE J 11 -33.63 23.59 -56.24
CA ILE J 11 -34.10 23.37 -54.86
C ILE J 11 -35.24 24.29 -54.46
N ARG J 12 -36.21 23.72 -53.76
CA ARG J 12 -37.34 24.47 -53.24
C ARG J 12 -37.43 24.30 -51.74
N TYR J 13 -37.60 25.41 -51.03
CA TYR J 13 -37.62 25.42 -49.56
C TYR J 13 -39.00 25.78 -49.02
N PHE J 14 -39.48 24.97 -48.06
CA PHE J 14 -40.80 25.16 -47.45
C PHE J 14 -40.68 25.33 -45.93
N GLY J 15 -41.40 26.30 -45.38
CA GLY J 15 -41.38 26.56 -43.93
C GLY J 15 -40.01 26.96 -43.41
N THR J 16 -39.35 27.86 -44.13
CA THR J 16 -37.98 28.25 -43.83
C THR J 16 -37.92 29.09 -42.56
N THR J 17 -37.00 28.72 -41.66
CA THR J 17 -36.66 29.50 -40.49
C THR J 17 -35.15 29.75 -40.55
N PRO J 18 -34.60 30.62 -39.67
CA PRO J 18 -33.16 30.91 -39.65
C PRO J 18 -32.27 29.68 -39.40
N ARG J 19 -32.88 28.59 -38.94
CA ARG J 19 -32.17 27.39 -38.53
C ARG J 19 -32.40 26.19 -39.46
N TYR J 20 -33.63 26.01 -39.92
CA TYR J 20 -34.01 24.87 -40.75
C TYR J 20 -35.16 25.24 -41.68
N SER J 21 -35.55 24.31 -42.56
CA SER J 21 -36.82 24.39 -43.29
C SER J 21 -37.59 23.11 -43.01
N GLU J 22 -38.89 23.24 -42.77
CA GLU J 22 -39.75 22.10 -42.50
C GLU J 22 -39.70 21.06 -43.63
N ALA J 23 -39.53 21.52 -44.86
CA ALA J 23 -39.41 20.66 -46.04
C ALA J 23 -38.52 21.28 -47.14
N VAL J 24 -37.79 20.41 -47.84
CA VAL J 24 -36.89 20.82 -48.92
C VAL J 24 -37.06 19.87 -50.10
N GLY J 25 -37.37 20.41 -51.28
CA GLY J 25 -37.62 19.61 -52.47
C GLY J 25 -36.59 19.79 -53.58
N ALA J 26 -36.14 18.69 -54.17
CA ALA J 26 -35.17 18.70 -55.25
C ALA J 26 -35.29 17.44 -56.11
N ASN J 27 -35.49 17.63 -57.41
CA ASN J 27 -35.70 16.55 -58.39
C ASN J 27 -36.71 15.51 -57.92
N GLY J 28 -37.93 15.97 -57.64
CA GLY J 28 -39.02 15.08 -57.23
C GLY J 28 -38.90 14.48 -55.84
N LEU J 29 -37.73 14.59 -55.23
CA LEU J 29 -37.52 14.11 -53.86
C LEU J 29 -37.86 15.17 -52.84
N ILE J 30 -38.42 14.75 -51.72
CA ILE J 30 -38.87 15.66 -50.67
C ILE J 30 -38.25 15.24 -49.35
N PHE J 31 -37.53 16.17 -48.72
CA PHE J 31 -36.95 15.92 -47.39
C PHE J 31 -37.64 16.76 -46.34
N LEU J 32 -38.23 16.09 -45.35
CA LEU J 32 -38.84 16.80 -44.22
C LEU J 32 -37.86 16.84 -43.04
N SER J 33 -37.91 17.95 -42.31
CA SER J 33 -37.27 18.03 -41.00
C SER J 33 -37.91 17.01 -40.07
N GLY J 34 -37.16 16.62 -39.04
CA GLY J 34 -37.71 15.82 -37.95
C GLY J 34 -38.94 16.51 -37.41
N VAL J 36 -41.57 17.06 -34.53
CA VAL J 36 -41.66 16.91 -33.08
C VAL J 36 -43.06 17.27 -32.58
N PRO J 37 -43.50 16.65 -31.46
CA PRO J 37 -44.85 16.84 -30.95
C PRO J 37 -45.14 18.28 -30.53
N GLU J 38 -46.27 18.81 -30.99
CA GLU J 38 -46.72 20.15 -30.65
C GLU J 38 -47.87 20.08 -29.68
N ASN J 39 -48.53 18.92 -29.66
CA ASN J 39 -49.60 18.64 -28.70
C ASN J 39 -49.50 17.22 -28.13
N GLY J 40 -50.19 16.98 -27.01
CA GLY J 40 -50.29 15.65 -26.42
C GLY J 40 -49.24 15.31 -25.39
N GLU J 41 -49.60 14.37 -24.51
CA GLU J 41 -48.74 13.90 -23.43
C GLU J 41 -48.24 12.49 -23.68
N THR J 42 -49.18 11.58 -23.94
CA THR J 42 -48.84 10.17 -24.18
C THR J 42 -48.16 9.96 -25.54
N ALA J 43 -47.43 8.86 -25.68
CA ALA J 43 -46.81 8.47 -26.93
C ALA J 43 -47.82 8.43 -28.08
N ALA J 44 -49.01 7.88 -27.82
CA ALA J 44 -50.07 7.78 -28.82
C ALA J 44 -50.56 9.15 -29.31
N GLU J 45 -50.70 10.09 -28.37
CA GLU J 45 -51.15 11.45 -28.69
C GLU J 45 -50.06 12.19 -29.47
N GLN J 46 -48.81 11.97 -29.08
CA GLN J 46 -47.69 12.67 -29.69
C GLN J 46 -47.35 12.15 -31.08
N THR J 47 -47.52 10.85 -31.28
CA THR J 47 -47.34 10.23 -32.59
C THR J 47 -48.41 10.74 -33.57
N ALA J 48 -49.66 10.84 -33.10
CA ALA J 48 -50.75 11.36 -33.92
C ALA J 48 -50.57 12.83 -34.30
N ASP J 49 -49.98 13.61 -33.39
CA ASP J 49 -49.69 15.01 -33.69
C ASP J 49 -48.56 15.11 -34.72
N VAL J 50 -47.52 14.30 -34.53
CA VAL J 50 -46.35 14.28 -35.42
C VAL J 50 -46.75 13.87 -36.84
N LEU J 51 -47.59 12.84 -36.96
CA LEU J 51 -48.04 12.34 -38.25
C LEU J 51 -48.99 13.31 -38.95
N ALA J 52 -49.75 14.07 -38.17
CA ALA J 52 -50.60 15.13 -38.73
C ALA J 52 -49.76 16.22 -39.37
N GLN J 53 -48.66 16.58 -38.70
CA GLN J 53 -47.68 17.54 -39.23
C GLN J 53 -47.08 17.05 -40.55
N ILE J 54 -46.71 15.77 -40.56
CA ILE J 54 -46.20 15.13 -41.77
C ILE J 54 -47.24 15.16 -42.90
N ASP J 55 -48.51 14.92 -42.57
CA ASP J 55 -49.60 14.98 -43.56
C ASP J 55 -49.74 16.38 -44.17
N ARG J 56 -49.56 17.40 -43.34
CA ARG J 56 -49.65 18.78 -43.78
C ARG J 56 -48.51 19.17 -44.71
N TRP J 57 -47.28 18.90 -44.29
CA TRP J 57 -46.10 19.28 -45.06
C TRP J 57 -45.96 18.50 -46.37
N LEU J 58 -46.42 17.25 -46.38
CA LEU J 58 -46.44 16.45 -47.60
C LEU J 58 -47.38 17.04 -48.65
N ALA J 59 -48.59 17.41 -48.22
CA ALA J 59 -49.59 18.05 -49.09
C ALA J 59 -49.06 19.37 -49.65
N GLU J 60 -48.30 20.10 -48.84
CA GLU J 60 -47.74 21.37 -49.27
C GLU J 60 -46.66 21.16 -50.32
N CYS J 61 -45.94 20.04 -50.20
CA CYS J 61 -44.86 19.70 -51.13
C CYS J 61 -45.33 18.97 -52.38
N GLY J 62 -46.63 18.68 -52.45
CA GLY J 62 -47.22 17.98 -53.60
C GLY J 62 -47.13 16.46 -53.47
N SER J 63 -47.18 15.98 -52.23
CA SER J 63 -47.07 14.55 -51.94
C SER J 63 -48.14 14.13 -50.92
N ASP J 64 -48.06 12.89 -50.48
CA ASP J 64 -48.94 12.34 -49.43
C ASP J 64 -48.28 11.13 -48.78
N LYS J 65 -48.93 10.58 -47.75
CA LYS J 65 -48.36 9.45 -47.00
C LYS J 65 -48.12 8.18 -47.82
N ALA J 66 -48.92 8.03 -48.89
CA ALA J 66 -48.82 6.92 -49.82
C ALA J 66 -47.65 7.06 -50.79
N HIS J 67 -46.93 8.18 -50.68
CA HIS J 67 -45.73 8.39 -51.48
C HIS J 67 -44.50 8.70 -50.62
N VAL J 68 -44.53 8.22 -49.38
CA VAL J 68 -43.37 8.26 -48.49
C VAL J 68 -42.44 7.09 -48.82
N LEU J 69 -41.16 7.39 -48.95
CA LEU J 69 -40.15 6.37 -49.24
C LEU J 69 -39.60 5.81 -47.95
N ASP J 70 -39.25 6.72 -47.04
CA ASP J 70 -38.39 6.40 -45.91
C ASP J 70 -38.84 7.12 -44.63
N ALA J 71 -38.80 6.40 -43.51
CA ALA J 71 -39.12 6.99 -42.21
C ALA J 71 -38.17 6.51 -41.12
N VAL J 72 -37.57 7.45 -40.40
CA VAL J 72 -36.80 7.13 -39.21
C VAL J 72 -37.54 7.66 -37.99
N ILE J 73 -37.87 6.74 -37.08
CA ILE J 73 -38.63 7.05 -35.86
C ILE J 73 -37.72 6.99 -34.64
N TYR J 74 -37.48 8.15 -34.05
CA TYR J 74 -36.71 8.24 -32.81
C TYR J 74 -37.68 8.26 -31.62
N LEU J 75 -37.50 7.30 -30.72
CA LEU J 75 -38.25 7.28 -29.47
C LEU J 75 -37.35 7.63 -28.31
N ARG J 76 -37.87 8.41 -27.37
CA ARG J 76 -37.14 8.78 -26.17
C ARG J 76 -36.96 7.55 -25.29
N ASP J 77 -38.00 6.73 -25.24
CA ASP J 77 -38.01 5.51 -24.44
C ASP J 77 -38.61 4.37 -25.24
N GLY J 79 -39.73 1.74 -24.43
CA GLY J 79 -40.93 1.18 -23.77
C GLY J 79 -42.22 1.70 -24.39
N ASP J 80 -42.08 2.73 -25.23
CA ASP J 80 -43.20 3.33 -25.96
C ASP J 80 -43.44 2.70 -27.33
N TYR J 81 -42.68 1.65 -27.65
CA TYR J 81 -42.64 1.06 -28.98
C TYR J 81 -44.02 0.63 -29.48
N ALA J 82 -44.67 -0.23 -28.69
CA ALA J 82 -45.97 -0.78 -29.07
C ALA J 82 -47.04 0.31 -29.21
N GLU J 83 -47.01 1.30 -28.32
CA GLU J 83 -48.01 2.37 -28.33
C GLU J 83 -47.87 3.24 -29.58
N ASN J 85 -46.43 2.24 -32.44
CA ASN J 85 -46.80 1.36 -33.55
C ASN J 85 -48.31 1.29 -33.77
N GLY J 86 -49.07 1.37 -32.68
CA GLY J 86 -50.53 1.37 -32.75
C GLY J 86 -51.09 2.52 -33.56
N VAL J 87 -50.50 3.71 -33.40
CA VAL J 87 -50.94 4.89 -34.15
C VAL J 87 -50.37 4.86 -35.58
N TRP J 88 -49.09 4.51 -35.68
CA TRP J 88 -48.39 4.44 -36.97
C TRP J 88 -49.08 3.52 -37.97
N ASP J 89 -49.47 2.32 -37.51
CA ASP J 89 -50.12 1.31 -38.36
C ASP J 89 -51.49 1.72 -38.89
N ALA J 90 -52.23 2.48 -38.08
CA ALA J 90 -53.55 2.98 -38.47
C ALA J 90 -53.44 4.15 -39.44
N TRP J 91 -52.24 4.72 -39.54
CA TRP J 91 -52.01 5.90 -40.36
C TRP J 91 -51.45 5.59 -41.75
N VAL J 92 -50.56 4.61 -41.83
CA VAL J 92 -49.91 4.29 -43.11
C VAL J 92 -50.88 3.86 -44.22
N ALA J 93 -50.53 4.17 -45.47
CA ALA J 93 -51.34 3.79 -46.60
C ALA J 93 -51.14 2.30 -46.86
N ALA J 94 -52.23 1.54 -46.71
CA ALA J 94 -52.22 0.10 -46.89
C ALA J 94 -51.56 -0.29 -48.21
N GLY J 95 -50.65 -1.25 -48.16
CA GLY J 95 -50.00 -1.76 -49.36
C GLY J 95 -48.95 -0.82 -49.92
N ARG J 96 -48.80 0.35 -49.29
CA ARG J 96 -47.81 1.33 -49.68
C ARG J 96 -47.04 1.82 -48.45
N THR J 97 -46.72 0.89 -47.56
CA THR J 97 -45.95 1.21 -46.36
C THR J 97 -44.48 1.48 -46.72
N PRO J 98 -43.86 2.48 -46.08
CA PRO J 98 -42.51 2.87 -46.47
C PRO J 98 -41.40 2.07 -45.79
N ALA J 99 -40.15 2.30 -46.20
CA ALA J 99 -39.00 1.78 -45.48
C ALA J 99 -38.98 2.44 -44.11
N ARG J 100 -38.57 1.69 -43.09
CA ARG J 100 -38.72 2.16 -41.72
C ARG J 100 -37.60 1.72 -40.80
N ALA J 101 -37.19 2.63 -39.92
CA ALA J 101 -36.24 2.34 -38.86
C ALA J 101 -36.71 3.00 -37.56
N CYS J 102 -36.59 2.27 -36.45
CA CYS J 102 -36.96 2.81 -35.15
C CYS J 102 -35.86 2.60 -34.13
N VAL J 103 -35.53 3.67 -33.41
CA VAL J 103 -34.32 3.71 -32.64
C VAL J 103 -34.52 4.60 -31.40
N GLU J 104 -33.81 4.30 -30.32
CA GLU J 104 -33.97 5.06 -29.07
C GLU J 104 -32.96 6.19 -28.96
N ALA J 105 -33.49 7.40 -28.87
CA ALA J 105 -32.66 8.59 -28.76
C ALA J 105 -33.46 9.71 -28.14
N ARG J 106 -32.89 10.31 -27.10
CA ARG J 106 -33.48 11.47 -26.43
C ARG J 106 -33.57 12.66 -27.38
N LEU J 107 -34.59 13.49 -27.19
CA LEU J 107 -34.89 14.58 -28.10
C LEU J 107 -34.63 15.93 -27.44
N ALA J 108 -34.88 17.02 -28.17
CA ALA J 108 -34.56 18.38 -27.71
C ALA J 108 -35.21 18.74 -26.36
N ARG J 109 -36.48 18.40 -26.22
CA ARG J 109 -37.20 18.60 -24.96
C ARG J 109 -37.52 17.27 -24.28
N PRO J 110 -37.45 17.23 -22.94
CA PRO J 110 -37.71 16.00 -22.19
C PRO J 110 -39.14 15.52 -22.36
N GLU J 111 -40.05 16.44 -22.61
CA GLU J 111 -41.46 16.10 -22.78
C GLU J 111 -41.73 15.34 -24.08
N TRP J 112 -40.85 15.48 -25.07
CA TRP J 112 -41.09 14.85 -26.37
C TRP J 112 -40.71 13.37 -26.35
N ARG J 113 -41.65 12.52 -26.72
CA ARG J 113 -41.43 11.09 -26.66
C ARG J 113 -41.07 10.48 -28.03
N VAL J 114 -41.39 11.18 -29.10
CA VAL J 114 -41.23 10.66 -30.45
C VAL J 114 -40.88 11.76 -31.44
N GLU J 115 -40.01 11.43 -32.38
CA GLU J 115 -39.70 12.30 -33.50
C GLU J 115 -39.63 11.46 -34.78
N ILE J 116 -40.27 11.94 -35.83
CA ILE J 116 -40.28 11.20 -37.08
C ILE J 116 -39.70 12.04 -38.21
N LYS J 117 -38.79 11.43 -38.97
CA LYS J 117 -38.12 12.10 -40.08
C LYS J 117 -38.43 11.35 -41.38
N ILE J 118 -39.02 12.07 -42.33
CA ILE J 118 -39.57 11.51 -43.56
C ILE J 118 -38.79 11.90 -44.81
N THR J 119 -38.67 10.94 -45.73
CA THR J 119 -38.22 11.18 -47.08
C THR J 119 -39.32 10.69 -48.00
N ALA J 120 -39.68 11.51 -48.98
CA ALA J 120 -40.82 11.21 -49.86
C ALA J 120 -40.58 11.62 -51.31
N VAL J 121 -41.59 11.35 -52.14
CA VAL J 121 -41.53 11.68 -53.55
C VAL J 121 -42.82 12.39 -53.98
N LYS J 122 -42.69 13.40 -54.83
CA LYS J 122 -43.85 14.05 -55.43
C LYS J 122 -44.60 13.08 -56.34
N ARG J 123 -45.92 13.23 -56.40
CA ARG J 123 -46.71 12.63 -57.48
C ARG J 123 -46.29 13.40 -58.74
N ASP J 124 -45.56 12.73 -59.63
CA ASP J 124 -44.90 13.41 -60.75
C ASP J 124 -45.88 14.17 -61.62
N ASP K 10 -24.84 6.52 -62.42
CA ASP K 10 -23.43 6.25 -62.16
C ASP K 10 -22.98 6.86 -60.83
N ILE K 11 -22.20 6.11 -60.07
CA ILE K 11 -21.77 6.53 -58.73
C ILE K 11 -20.36 7.09 -58.75
N ARG K 12 -20.18 8.23 -58.10
CA ARG K 12 -18.84 8.79 -57.89
C ARG K 12 -18.49 8.79 -56.40
N TYR K 13 -17.29 8.28 -56.09
CA TYR K 13 -16.82 8.16 -54.72
C TYR K 13 -15.76 9.22 -54.43
N PHE K 14 -15.88 9.85 -53.25
CA PHE K 14 -14.93 10.88 -52.82
C PHE K 14 -14.34 10.48 -51.48
N GLY K 15 -13.02 10.57 -51.36
CA GLY K 15 -12.32 10.31 -50.10
C GLY K 15 -12.57 8.89 -49.60
N THR K 16 -12.37 7.93 -50.48
CA THR K 16 -12.60 6.54 -50.18
C THR K 16 -11.52 5.99 -49.27
N THR K 17 -11.96 5.39 -48.16
CA THR K 17 -11.09 4.63 -47.27
C THR K 17 -11.53 3.16 -47.38
N PRO K 18 -10.76 2.24 -46.78
CA PRO K 18 -11.18 0.82 -46.74
C PRO K 18 -12.55 0.59 -46.10
N ARG K 19 -13.04 1.57 -45.34
CA ARG K 19 -14.24 1.41 -44.49
C ARG K 19 -15.44 2.22 -44.99
N TYR K 20 -15.17 3.41 -45.54
CA TYR K 20 -16.20 4.34 -45.99
C TYR K 20 -15.62 5.35 -46.98
N SER K 21 -16.51 6.00 -47.75
CA SER K 21 -16.12 7.17 -48.54
C SER K 21 -16.68 8.42 -47.86
N GLU K 22 -15.86 9.47 -47.78
CA GLU K 22 -16.28 10.72 -47.14
C GLU K 22 -17.55 11.27 -47.80
N ALA K 23 -17.62 11.14 -49.12
CA ALA K 23 -18.79 11.55 -49.89
C ALA K 23 -19.02 10.59 -51.05
N VAL K 24 -20.30 10.36 -51.35
CA VAL K 24 -20.70 9.52 -52.48
C VAL K 24 -21.75 10.31 -53.26
N GLY K 25 -21.67 10.25 -54.59
CA GLY K 25 -22.59 11.01 -55.46
C GLY K 25 -23.23 10.19 -56.54
N ALA K 26 -24.55 10.35 -56.71
CA ALA K 26 -25.31 9.63 -57.73
C ALA K 26 -26.57 10.40 -58.14
N ASN K 27 -26.77 10.56 -59.44
CA ASN K 27 -27.92 11.30 -60.00
C ASN K 27 -28.12 12.68 -59.36
N GLY K 28 -27.04 13.46 -59.27
CA GLY K 28 -27.09 14.80 -58.69
C GLY K 28 -27.07 14.86 -57.17
N LEU K 29 -27.54 13.80 -56.52
CA LEU K 29 -27.55 13.69 -55.07
C LEU K 29 -26.16 13.43 -54.49
N ILE K 30 -25.91 13.92 -53.29
CA ILE K 30 -24.63 13.73 -52.59
C ILE K 30 -24.91 13.30 -51.16
N PHE K 31 -24.30 12.18 -50.76
CA PHE K 31 -24.40 11.67 -49.39
C PHE K 31 -23.05 11.77 -48.71
N LEU K 32 -22.97 12.60 -47.68
CA LEU K 32 -21.74 12.72 -46.90
C LEU K 32 -21.72 11.67 -45.80
N SER K 33 -20.52 11.24 -45.41
CA SER K 33 -20.38 10.42 -44.22
C SER K 33 -20.66 11.31 -43.02
N GLY K 34 -21.04 10.72 -41.90
CA GLY K 34 -21.10 11.47 -40.66
C GLY K 34 -19.76 12.16 -40.42
N VAL K 36 -17.16 13.93 -38.05
CA VAL K 36 -16.83 13.87 -36.63
C VAL K 36 -15.73 14.89 -36.30
N PRO K 37 -15.68 15.37 -35.05
CA PRO K 37 -14.70 16.38 -34.66
C PRO K 37 -13.26 15.90 -34.81
N GLU K 38 -12.44 16.70 -35.49
CA GLU K 38 -11.00 16.47 -35.55
C GLU K 38 -10.25 17.46 -34.64
N ASN K 39 -10.94 18.51 -34.21
CA ASN K 39 -10.37 19.52 -33.31
C ASN K 39 -11.43 20.05 -32.37
N GLY K 40 -10.98 20.63 -31.27
CA GLY K 40 -11.88 21.25 -30.30
C GLY K 40 -12.32 20.30 -29.21
N GLU K 41 -12.77 20.87 -28.09
CA GLU K 41 -13.21 20.08 -26.94
C GLU K 41 -14.70 20.27 -26.67
N THR K 42 -15.14 21.53 -26.66
CA THR K 42 -16.54 21.86 -26.36
C THR K 42 -17.41 21.62 -27.58
N ALA K 43 -18.72 21.50 -27.35
CA ALA K 43 -19.69 21.41 -28.42
C ALA K 43 -19.50 22.50 -29.49
N ALA K 44 -19.32 23.74 -29.03
CA ALA K 44 -19.20 24.87 -29.95
C ALA K 44 -17.94 24.77 -30.82
N GLU K 45 -16.82 24.40 -30.20
CA GLU K 45 -15.55 24.26 -30.90
C GLU K 45 -15.60 23.14 -31.94
N GLN K 46 -16.17 22.00 -31.56
CA GLN K 46 -16.27 20.83 -32.42
C GLN K 46 -17.28 21.00 -33.55
N THR K 47 -18.39 21.69 -33.29
CA THR K 47 -19.38 21.99 -34.34
C THR K 47 -18.75 22.85 -35.43
N ALA K 48 -18.01 23.88 -35.04
CA ALA K 48 -17.29 24.71 -35.99
C ALA K 48 -16.30 23.90 -36.84
N ASP K 49 -15.64 22.93 -36.21
CA ASP K 49 -14.72 22.04 -36.91
C ASP K 49 -15.48 21.15 -37.88
N VAL K 50 -16.56 20.54 -37.40
CA VAL K 50 -17.36 19.62 -38.21
C VAL K 50 -17.98 20.34 -39.40
N LEU K 51 -18.50 21.54 -39.17
CA LEU K 51 -19.09 22.33 -40.24
C LEU K 51 -18.05 22.77 -41.29
N ALA K 52 -16.82 22.98 -40.85
CA ALA K 52 -15.72 23.31 -41.76
C ALA K 52 -15.36 22.14 -42.67
N GLN K 53 -15.42 20.92 -42.14
CA GLN K 53 -15.17 19.72 -42.91
C GLN K 53 -16.28 19.54 -43.94
N ILE K 54 -17.52 19.83 -43.52
CA ILE K 54 -18.69 19.72 -44.39
C ILE K 54 -18.52 20.65 -45.58
N ASP K 55 -18.08 21.88 -45.32
CA ASP K 55 -17.82 22.87 -46.38
C ASP K 55 -16.80 22.35 -47.39
N ARG K 56 -15.72 21.75 -46.89
CA ARG K 56 -14.66 21.23 -47.75
C ARG K 56 -15.16 20.13 -48.67
N TRP K 57 -15.85 19.15 -48.10
CA TRP K 57 -16.36 18.02 -48.88
C TRP K 57 -17.45 18.39 -49.86
N LEU K 58 -18.34 19.29 -49.45
CA LEU K 58 -19.38 19.79 -50.34
C LEU K 58 -18.76 20.47 -51.57
N ALA K 59 -17.71 21.24 -51.33
CA ALA K 59 -16.95 21.91 -52.40
C ALA K 59 -16.29 20.92 -53.35
N GLU K 60 -15.79 19.82 -52.80
CA GLU K 60 -15.20 18.75 -53.62
C GLU K 60 -16.23 18.03 -54.49
N CYS K 61 -17.48 17.95 -54.00
CA CYS K 61 -18.58 17.34 -54.75
C CYS K 61 -19.30 18.28 -55.70
N GLY K 62 -18.84 19.53 -55.81
CA GLY K 62 -19.51 20.53 -56.64
C GLY K 62 -20.78 21.09 -56.01
N SER K 63 -20.80 21.13 -54.68
CA SER K 63 -21.93 21.66 -53.93
C SER K 63 -21.45 22.69 -52.91
N ASP K 64 -22.38 23.19 -52.10
CA ASP K 64 -22.08 24.08 -50.98
C ASP K 64 -23.17 24.00 -49.92
N LYS K 65 -22.99 24.72 -48.82
CA LYS K 65 -23.93 24.71 -47.70
C LYS K 65 -25.32 25.25 -48.07
N ALA K 66 -25.39 25.99 -49.17
CA ALA K 66 -26.64 26.58 -49.67
C ALA K 66 -27.39 25.58 -50.56
N HIS K 67 -26.83 24.40 -50.73
CA HIS K 67 -27.45 23.35 -51.51
C HIS K 67 -27.59 22.06 -50.69
N VAL K 68 -27.63 22.20 -49.37
CA VAL K 68 -27.85 21.07 -48.47
C VAL K 68 -29.34 20.80 -48.36
N LEU K 69 -29.74 19.56 -48.59
CA LEU K 69 -31.15 19.20 -48.53
C LEU K 69 -31.55 18.76 -47.14
N ASP K 70 -30.64 18.05 -46.47
CA ASP K 70 -30.95 17.35 -45.22
C ASP K 70 -29.73 17.26 -44.31
N ALA K 71 -29.95 17.45 -43.02
CA ALA K 71 -28.90 17.33 -42.01
C ALA K 71 -29.44 16.69 -40.73
N VAL K 72 -28.84 15.56 -40.35
CA VAL K 72 -29.10 14.93 -39.06
C VAL K 72 -27.95 15.25 -38.12
N ILE K 73 -28.25 15.85 -36.96
CA ILE K 73 -27.23 16.21 -35.99
C ILE K 73 -27.31 15.35 -34.72
N TYR K 74 -26.27 14.56 -34.49
CA TYR K 74 -26.19 13.70 -33.32
C TYR K 74 -25.35 14.36 -32.25
N LEU K 75 -25.92 14.50 -31.06
CA LEU K 75 -25.22 15.06 -29.91
C LEU K 75 -25.03 13.97 -28.87
N ARG K 76 -23.83 13.88 -28.32
CA ARG K 76 -23.54 13.01 -27.18
C ARG K 76 -24.44 13.34 -25.99
N ASP K 77 -24.58 14.64 -25.73
CA ASP K 77 -25.35 15.16 -24.61
C ASP K 77 -26.27 16.27 -25.13
N GLY K 79 -27.79 18.36 -23.59
CA GLY K 79 -27.52 19.59 -22.85
C GLY K 79 -26.67 20.57 -23.66
N ASP K 80 -26.06 20.08 -24.75
CA ASP K 80 -25.25 20.93 -25.62
C ASP K 80 -26.04 21.59 -26.75
N TYR K 81 -27.36 21.38 -26.75
CA TYR K 81 -28.28 21.85 -27.80
C TYR K 81 -28.11 23.32 -28.19
N ALA K 82 -28.35 24.20 -27.22
CA ALA K 82 -28.24 25.64 -27.44
C ALA K 82 -26.84 26.05 -27.92
N GLU K 83 -25.83 25.39 -27.37
CA GLU K 83 -24.43 25.66 -27.72
C GLU K 83 -24.14 25.29 -29.17
N ASN K 85 -26.46 24.86 -31.55
CA ASN K 85 -27.34 25.71 -32.36
C ASN K 85 -26.74 27.09 -32.66
N GLY K 86 -26.01 27.66 -31.70
CA GLY K 86 -25.36 28.95 -31.88
C GLY K 86 -24.44 28.94 -33.08
N VAL K 87 -23.63 27.88 -33.19
CA VAL K 87 -22.68 27.74 -34.28
C VAL K 87 -23.40 27.42 -35.58
N TRP K 88 -24.36 26.50 -35.50
CA TRP K 88 -25.14 26.09 -36.68
C TRP K 88 -25.95 27.24 -37.31
N ASP K 89 -26.70 27.97 -36.48
CA ASP K 89 -27.50 29.12 -36.94
C ASP K 89 -26.67 30.18 -37.68
N ALA K 90 -25.44 30.40 -37.20
CA ALA K 90 -24.55 31.40 -37.78
C ALA K 90 -23.91 30.90 -39.08
N TRP K 91 -23.85 29.57 -39.24
CA TRP K 91 -23.23 28.94 -40.41
C TRP K 91 -24.18 28.72 -41.59
N VAL K 92 -25.41 28.30 -41.32
CA VAL K 92 -26.37 27.98 -42.39
C VAL K 92 -26.56 29.16 -43.33
N ALA K 93 -26.87 28.86 -44.59
CA ALA K 93 -27.17 29.88 -45.57
C ALA K 93 -28.60 30.36 -45.37
N ALA K 94 -28.73 31.63 -44.97
CA ALA K 94 -30.03 32.24 -44.71
C ALA K 94 -30.93 32.11 -45.92
N GLY K 95 -32.20 31.80 -45.67
CA GLY K 95 -33.20 31.62 -46.74
C GLY K 95 -33.07 30.29 -47.46
N ARG K 96 -32.00 29.56 -47.17
CA ARG K 96 -31.71 28.29 -47.83
C ARG K 96 -31.26 27.24 -46.78
N THR K 97 -31.95 27.25 -45.65
CA THR K 97 -31.69 26.31 -44.55
C THR K 97 -32.32 24.94 -44.85
N PRO K 98 -31.57 23.85 -44.57
CA PRO K 98 -32.01 22.51 -44.94
C PRO K 98 -33.03 21.92 -43.96
N ALA K 99 -33.58 20.76 -44.32
CA ALA K 99 -34.36 19.95 -43.39
C ALA K 99 -33.42 19.49 -42.30
N ARG K 100 -33.89 19.48 -41.05
CA ARG K 100 -33.02 19.17 -39.92
C ARG K 100 -33.67 18.28 -38.87
N ALA K 101 -32.86 17.45 -38.24
CA ALA K 101 -33.26 16.71 -37.05
C ALA K 101 -32.05 16.65 -36.12
N CYS K 102 -32.31 16.79 -34.83
CA CYS K 102 -31.25 16.72 -33.82
C CYS K 102 -31.63 15.79 -32.69
N VAL K 103 -30.87 14.69 -32.57
CA VAL K 103 -31.16 13.66 -31.58
C VAL K 103 -29.91 13.32 -30.75
N GLU K 104 -30.12 12.72 -29.58
CA GLU K 104 -29.02 12.37 -28.70
C GLU K 104 -28.51 10.95 -28.92
N ALA K 105 -27.25 10.85 -29.35
CA ALA K 105 -26.60 9.55 -29.53
C ALA K 105 -25.11 9.67 -29.25
N ARG K 106 -24.58 8.74 -28.45
CA ARG K 106 -23.16 8.72 -28.18
C ARG K 106 -22.41 8.35 -29.45
N LEU K 107 -21.19 8.86 -29.57
CA LEU K 107 -20.40 8.70 -30.78
C LEU K 107 -19.19 7.78 -30.56
N ALA K 108 -18.44 7.48 -31.63
CA ALA K 108 -17.40 6.45 -31.62
C ALA K 108 -16.25 6.65 -30.63
N ARG K 109 -16.01 7.90 -30.23
CA ARG K 109 -15.07 8.22 -29.16
C ARG K 109 -15.74 9.05 -28.08
N PRO K 110 -15.32 8.86 -26.81
CA PRO K 110 -15.91 9.61 -25.70
C PRO K 110 -15.87 11.14 -25.86
N GLU K 111 -14.76 11.66 -26.42
CA GLU K 111 -14.54 13.11 -26.54
C GLU K 111 -15.42 13.79 -27.60
N TRP K 112 -15.99 13.01 -28.52
CA TRP K 112 -16.81 13.58 -29.58
C TRP K 112 -18.19 13.97 -29.05
N ARG K 113 -18.52 15.26 -29.11
CA ARG K 113 -19.81 15.75 -28.62
C ARG K 113 -20.85 15.94 -29.72
N VAL K 114 -20.41 15.91 -30.98
CA VAL K 114 -21.29 16.18 -32.11
C VAL K 114 -20.84 15.44 -33.37
N GLU K 115 -21.83 14.93 -34.10
CA GLU K 115 -21.62 14.36 -35.43
C GLU K 115 -22.74 14.83 -36.33
N ILE K 116 -22.38 15.34 -37.51
CA ILE K 116 -23.38 15.81 -38.47
C ILE K 116 -23.36 15.03 -39.77
N LYS K 117 -24.51 14.43 -40.11
CA LYS K 117 -24.66 13.71 -41.36
C LYS K 117 -25.50 14.51 -42.37
N ILE K 118 -24.93 14.72 -43.55
CA ILE K 118 -25.44 15.64 -44.58
C ILE K 118 -25.89 14.94 -45.87
N THR K 119 -26.99 15.41 -46.45
CA THR K 119 -27.39 15.02 -47.80
C THR K 119 -27.57 16.29 -48.62
N ALA K 120 -26.83 16.38 -49.74
CA ALA K 120 -26.86 17.59 -50.57
C ALA K 120 -27.14 17.34 -52.05
N VAL K 121 -27.16 18.41 -52.82
CA VAL K 121 -27.31 18.36 -54.28
C VAL K 121 -26.25 19.21 -54.98
N LYS K 122 -25.95 18.89 -56.23
CA LYS K 122 -24.98 19.64 -57.02
C LYS K 122 -25.58 20.90 -57.62
N ARG K 123 -24.74 21.90 -57.83
CA ARG K 123 -25.09 23.06 -58.67
C ARG K 123 -25.05 22.63 -60.13
N ASP K 124 -26.04 23.07 -60.92
CA ASP K 124 -26.14 22.69 -62.33
C ASP K 124 -25.13 23.41 -63.21
N ASP L 10 -42.13 6.27 -60.57
CA ASP L 10 -42.99 5.17 -60.13
C ASP L 10 -42.39 4.45 -58.94
N ILE L 11 -43.19 4.28 -57.88
CA ILE L 11 -42.71 3.63 -56.65
C ILE L 11 -42.94 2.12 -56.71
N ARG L 12 -41.95 1.38 -56.22
CA ARG L 12 -42.06 -0.07 -56.08
C ARG L 12 -41.77 -0.47 -54.64
N TYR L 13 -42.63 -1.32 -54.10
CA TYR L 13 -42.54 -1.76 -52.72
C TYR L 13 -42.18 -3.24 -52.62
N PHE L 14 -41.12 -3.53 -51.87
CA PHE L 14 -40.62 -4.89 -51.68
C PHE L 14 -40.85 -5.36 -50.24
N GLY L 15 -41.35 -6.58 -50.09
CA GLY L 15 -41.57 -7.22 -48.79
C GLY L 15 -42.45 -6.41 -47.86
N THR L 16 -43.65 -6.10 -48.36
CA THR L 16 -44.58 -5.20 -47.66
C THR L 16 -45.32 -5.89 -46.50
N THR L 17 -45.27 -5.23 -45.34
CA THR L 17 -46.09 -5.60 -44.19
C THR L 17 -47.06 -4.45 -43.89
N PRO L 18 -48.03 -4.67 -42.98
CA PRO L 18 -48.93 -3.58 -42.56
C PRO L 18 -48.22 -2.39 -41.92
N ARG L 19 -46.96 -2.56 -41.56
CA ARG L 19 -46.20 -1.56 -40.79
C ARG L 19 -45.09 -0.89 -41.61
N TYR L 20 -44.40 -1.69 -42.43
CA TYR L 20 -43.27 -1.22 -43.22
C TYR L 20 -43.04 -2.10 -44.44
N SER L 21 -42.26 -1.59 -45.39
CA SER L 21 -41.72 -2.41 -46.47
C SER L 21 -40.23 -2.57 -46.29
N GLU L 22 -39.75 -3.79 -46.54
CA GLU L 22 -38.33 -4.13 -46.43
C GLU L 22 -37.46 -3.26 -47.34
N ALA L 23 -37.99 -2.95 -48.52
CA ALA L 23 -37.33 -2.05 -49.44
C ALA L 23 -38.35 -1.22 -50.24
N VAL L 24 -37.96 0.01 -50.55
CA VAL L 24 -38.73 0.88 -51.43
C VAL L 24 -37.79 1.48 -52.46
N GLY L 25 -38.19 1.37 -53.73
CA GLY L 25 -37.38 1.87 -54.85
C GLY L 25 -38.12 2.89 -55.68
N ALA L 26 -37.40 3.91 -56.12
CA ALA L 26 -37.93 4.99 -56.96
C ALA L 26 -36.78 5.73 -57.63
N ASN L 27 -36.93 5.99 -58.93
CA ASN L 27 -35.91 6.66 -59.75
C ASN L 27 -34.52 6.04 -59.64
N GLY L 28 -34.48 4.71 -59.55
CA GLY L 28 -33.21 4.01 -59.43
C GLY L 28 -32.54 4.12 -58.06
N LEU L 29 -33.15 4.88 -57.15
CA LEU L 29 -32.73 4.91 -55.75
C LEU L 29 -33.43 3.79 -54.99
N ILE L 30 -32.77 3.28 -53.97
CA ILE L 30 -33.29 2.18 -53.16
C ILE L 30 -33.13 2.48 -51.67
N PHE L 31 -34.26 2.53 -50.96
CA PHE L 31 -34.28 2.73 -49.52
C PHE L 31 -34.65 1.43 -48.82
N LEU L 32 -33.72 0.92 -48.02
CA LEU L 32 -33.97 -0.24 -47.19
C LEU L 32 -34.48 0.17 -45.82
N SER L 33 -35.34 -0.68 -45.23
CA SER L 33 -35.69 -0.54 -43.82
C SER L 33 -34.45 -0.82 -42.99
N GLY L 34 -34.46 -0.35 -41.74
CA GLY L 34 -33.46 -0.79 -40.77
C GLY L 34 -33.45 -2.31 -40.77
N VAL L 36 -32.31 -5.68 -38.97
CA VAL L 36 -32.16 -5.97 -37.55
C VAL L 36 -31.88 -7.47 -37.40
N PRO L 37 -31.06 -7.86 -36.40
CA PRO L 37 -30.55 -9.24 -36.32
C PRO L 37 -31.63 -10.30 -36.16
N GLU L 38 -31.56 -11.35 -36.96
CA GLU L 38 -32.46 -12.48 -36.86
C GLU L 38 -31.71 -13.67 -36.26
N ASN L 39 -30.39 -13.56 -36.19
CA ASN L 39 -29.53 -14.65 -35.75
C ASN L 39 -28.26 -14.14 -35.06
N GLY L 40 -27.69 -14.97 -34.20
CA GLY L 40 -26.47 -14.62 -33.50
C GLY L 40 -26.73 -13.87 -32.21
N GLU L 41 -25.74 -13.89 -31.32
CA GLU L 41 -25.85 -13.24 -30.02
C GLU L 41 -24.82 -12.13 -29.87
N THR L 42 -23.62 -12.38 -30.40
CA THR L 42 -22.52 -11.41 -30.33
C THR L 42 -22.63 -10.40 -31.46
N ALA L 43 -22.02 -9.23 -31.23
CA ALA L 43 -22.01 -8.14 -32.21
C ALA L 43 -21.49 -8.57 -33.58
N ALA L 44 -20.43 -9.39 -33.60
CA ALA L 44 -19.86 -9.89 -34.85
C ALA L 44 -20.83 -10.83 -35.58
N GLU L 45 -21.54 -11.66 -34.82
CA GLU L 45 -22.49 -12.60 -35.41
C GLU L 45 -23.69 -11.86 -35.97
N GLN L 46 -24.20 -10.91 -35.20
CA GLN L 46 -25.40 -10.15 -35.55
C GLN L 46 -25.16 -9.22 -36.75
N THR L 47 -23.99 -8.59 -36.79
CA THR L 47 -23.57 -7.80 -37.95
C THR L 47 -23.58 -8.67 -39.22
N ALA L 48 -22.96 -9.84 -39.13
CA ALA L 48 -22.90 -10.77 -40.26
C ALA L 48 -24.29 -11.12 -40.79
N ASP L 49 -25.23 -11.36 -39.87
CA ASP L 49 -26.63 -11.66 -40.23
C ASP L 49 -27.36 -10.47 -40.88
N VAL L 50 -27.12 -9.27 -40.34
CA VAL L 50 -27.75 -8.04 -40.85
C VAL L 50 -27.25 -7.71 -42.26
N LEU L 51 -25.95 -7.87 -42.48
CA LEU L 51 -25.37 -7.59 -43.80
C LEU L 51 -25.81 -8.60 -44.85
N ALA L 52 -26.01 -9.85 -44.44
CA ALA L 52 -26.55 -10.87 -45.33
C ALA L 52 -27.99 -10.54 -45.76
N GLN L 53 -28.76 -9.94 -44.86
CA GLN L 53 -30.10 -9.44 -45.19
C GLN L 53 -30.02 -8.33 -46.23
N ILE L 54 -29.11 -7.38 -45.98
CA ILE L 54 -28.86 -6.28 -46.91
C ILE L 54 -28.52 -6.85 -48.29
N ASP L 55 -27.60 -7.81 -48.32
CA ASP L 55 -27.26 -8.51 -49.56
C ASP L 55 -28.48 -9.07 -50.30
N ARG L 56 -29.42 -9.69 -49.58
CA ARG L 56 -30.58 -10.29 -50.22
C ARG L 56 -31.57 -9.28 -50.75
N TRP L 57 -31.84 -8.25 -49.96
CA TRP L 57 -32.76 -7.19 -50.39
C TRP L 57 -32.20 -6.30 -51.49
N LEU L 58 -30.88 -6.17 -51.53
CA LEU L 58 -30.23 -5.43 -52.62
C LEU L 58 -30.34 -6.18 -53.94
N ALA L 59 -30.17 -7.50 -53.90
CA ALA L 59 -30.31 -8.34 -55.08
C ALA L 59 -31.74 -8.29 -55.63
N GLU L 60 -32.72 -8.40 -54.72
CA GLU L 60 -34.14 -8.29 -55.07
C GLU L 60 -34.44 -6.98 -55.78
N CYS L 61 -33.78 -5.91 -55.34
CA CYS L 61 -34.01 -4.57 -55.87
C CYS L 61 -33.09 -4.18 -57.03
N GLY L 62 -32.31 -5.12 -57.53
CA GLY L 62 -31.44 -4.89 -58.69
C GLY L 62 -30.19 -4.12 -58.36
N SER L 63 -29.74 -4.27 -57.12
CA SER L 63 -28.52 -3.61 -56.67
C SER L 63 -27.58 -4.64 -56.02
N ASP L 64 -26.57 -4.13 -55.32
CA ASP L 64 -25.60 -4.95 -54.58
C ASP L 64 -24.79 -4.04 -53.66
N LYS L 65 -23.91 -4.63 -52.85
CA LYS L 65 -23.11 -3.86 -51.89
C LYS L 65 -22.16 -2.84 -52.55
N ALA L 66 -21.82 -3.08 -53.80
CA ALA L 66 -20.93 -2.20 -54.56
C ALA L 66 -21.69 -1.00 -55.15
N HIS L 67 -22.98 -0.90 -54.84
CA HIS L 67 -23.81 0.19 -55.31
C HIS L 67 -24.61 0.82 -54.18
N VAL L 68 -24.05 0.77 -52.98
CA VAL L 68 -24.65 1.40 -51.82
C VAL L 68 -24.12 2.82 -51.70
N LEU L 69 -25.02 3.76 -51.44
CA LEU L 69 -24.67 5.16 -51.34
C LEU L 69 -24.39 5.55 -49.91
N ASP L 70 -25.22 5.03 -49.01
CA ASP L 70 -25.29 5.50 -47.64
C ASP L 70 -25.66 4.37 -46.68
N ALA L 71 -24.94 4.31 -45.57
CA ALA L 71 -25.24 3.38 -44.49
C ALA L 71 -25.22 4.11 -43.15
N VAL L 72 -26.31 3.97 -42.40
CA VAL L 72 -26.34 4.44 -41.02
C VAL L 72 -26.32 3.22 -40.11
N ILE L 73 -25.31 3.13 -39.26
CA ILE L 73 -25.18 1.98 -38.36
C ILE L 73 -25.46 2.39 -36.93
N TYR L 74 -26.49 1.77 -36.35
CA TYR L 74 -26.86 2.01 -34.97
C TYR L 74 -26.38 0.84 -34.13
N LEU L 75 -25.59 1.16 -33.09
CA LEU L 75 -25.16 0.14 -32.13
C LEU L 75 -25.85 0.38 -30.79
N ARG L 76 -26.24 -0.70 -30.11
CA ARG L 76 -26.80 -0.61 -28.76
C ARG L 76 -25.75 -0.11 -27.78
N ASP L 77 -24.51 -0.57 -27.97
CA ASP L 77 -23.38 -0.23 -27.12
C ASP L 77 -22.18 0.05 -27.99
N GLY L 79 -19.26 0.19 -27.27
CA GLY L 79 -18.16 -0.72 -26.91
C GLY L 79 -17.96 -1.85 -27.92
N ASP L 80 -18.93 -2.00 -28.82
CA ASP L 80 -18.91 -3.03 -29.87
C ASP L 80 -18.39 -2.49 -31.19
N TYR L 81 -17.91 -1.25 -31.17
CA TYR L 81 -17.47 -0.55 -32.38
C TYR L 81 -16.46 -1.35 -33.21
N ALA L 82 -15.38 -1.80 -32.56
CA ALA L 82 -14.32 -2.53 -33.24
C ALA L 82 -14.78 -3.90 -33.76
N GLU L 83 -15.62 -4.58 -32.97
CA GLU L 83 -16.15 -5.89 -33.35
C GLU L 83 -17.08 -5.80 -34.58
N ASN L 85 -17.11 -3.25 -36.79
CA ASN L 85 -16.20 -2.82 -37.87
C ASN L 85 -15.42 -3.95 -38.53
N GLY L 86 -15.03 -4.95 -37.74
CA GLY L 86 -14.33 -6.14 -38.24
C GLY L 86 -15.10 -6.86 -39.34
N VAL L 87 -16.39 -7.11 -39.11
CA VAL L 87 -17.24 -7.75 -40.12
C VAL L 87 -17.53 -6.78 -41.28
N TRP L 88 -17.86 -5.54 -40.93
CA TRP L 88 -18.13 -4.48 -41.92
C TRP L 88 -16.99 -4.31 -42.93
N ASP L 89 -15.75 -4.20 -42.43
CA ASP L 89 -14.56 -4.02 -43.26
C ASP L 89 -14.36 -5.16 -44.25
N ALA L 90 -14.69 -6.38 -43.81
CA ALA L 90 -14.53 -7.58 -44.64
C ALA L 90 -15.64 -7.73 -45.68
N TRP L 91 -16.82 -7.19 -45.37
CA TRP L 91 -18.01 -7.33 -46.22
C TRP L 91 -18.00 -6.34 -47.37
N VAL L 92 -17.43 -5.16 -47.10
CA VAL L 92 -17.52 -4.01 -47.98
C VAL L 92 -16.75 -4.21 -49.30
N ALA L 93 -17.23 -3.60 -50.39
CA ALA L 93 -16.54 -3.70 -51.68
C ALA L 93 -15.41 -2.68 -51.76
N ALA L 94 -14.18 -3.17 -51.94
CA ALA L 94 -13.00 -2.31 -51.98
C ALA L 94 -13.10 -1.25 -53.06
N GLY L 95 -12.76 -0.01 -52.69
CA GLY L 95 -12.78 1.13 -53.60
C GLY L 95 -14.18 1.69 -53.86
N ARG L 96 -15.21 1.00 -53.35
CA ARG L 96 -16.60 1.37 -53.55
C ARG L 96 -17.36 1.31 -52.22
N THR L 97 -16.71 1.83 -51.18
CA THR L 97 -17.27 1.89 -49.84
C THR L 97 -18.21 3.08 -49.73
N PRO L 98 -19.37 2.90 -49.07
CA PRO L 98 -20.41 3.94 -49.08
C PRO L 98 -20.14 5.06 -48.08
N ALA L 99 -21.01 6.07 -48.07
CA ALA L 99 -20.99 7.05 -47.01
C ALA L 99 -21.50 6.36 -45.74
N ARG L 100 -20.89 6.68 -44.61
CA ARG L 100 -21.16 5.94 -43.38
C ARG L 100 -21.24 6.83 -42.15
N ALA L 101 -22.21 6.50 -41.29
CA ALA L 101 -22.31 7.07 -39.96
C ALA L 101 -22.62 5.95 -38.96
N CYS L 102 -21.92 5.96 -37.83
CA CYS L 102 -22.17 5.03 -36.75
C CYS L 102 -22.43 5.78 -35.45
N VAL L 103 -23.56 5.51 -34.81
CA VAL L 103 -23.97 6.18 -33.57
C VAL L 103 -24.65 5.19 -32.62
N GLU L 104 -24.66 5.53 -31.33
CA GLU L 104 -25.22 4.64 -30.31
C GLU L 104 -26.69 4.92 -30.00
N ALA L 105 -27.56 3.95 -30.32
CA ALA L 105 -28.97 4.00 -29.97
C ALA L 105 -29.48 2.60 -29.63
N ARG L 106 -30.33 2.50 -28.60
CA ARG L 106 -30.95 1.23 -28.24
C ARG L 106 -31.98 0.88 -29.30
N LEU L 107 -32.22 -0.41 -29.50
CA LEU L 107 -33.10 -0.89 -30.56
C LEU L 107 -34.33 -1.56 -29.98
N ALA L 108 -35.23 -2.02 -30.86
CA ALA L 108 -36.57 -2.47 -30.45
C ALA L 108 -36.56 -3.59 -29.41
N ARG L 109 -35.58 -4.48 -29.50
CA ARG L 109 -35.41 -5.51 -28.48
C ARG L 109 -34.00 -5.44 -27.85
N PRO L 110 -33.89 -5.79 -26.56
CA PRO L 110 -32.64 -5.66 -25.81
C PRO L 110 -31.49 -6.54 -26.33
N GLU L 111 -31.81 -7.65 -26.98
CA GLU L 111 -30.78 -8.59 -27.44
C GLU L 111 -30.14 -8.14 -28.75
N TRP L 112 -30.81 -7.21 -29.43
CA TRP L 112 -30.32 -6.67 -30.70
C TRP L 112 -29.22 -5.67 -30.44
N ARG L 113 -28.03 -5.98 -30.97
CA ARG L 113 -26.83 -5.17 -30.73
C ARG L 113 -26.49 -4.22 -31.88
N VAL L 114 -27.15 -4.40 -33.02
CA VAL L 114 -26.86 -3.60 -34.23
C VAL L 114 -28.05 -3.48 -35.19
N GLU L 115 -28.24 -2.29 -35.73
CA GLU L 115 -29.22 -2.07 -36.78
C GLU L 115 -28.59 -1.23 -37.87
N ILE L 116 -28.69 -1.69 -39.11
CA ILE L 116 -28.07 -0.99 -40.24
C ILE L 116 -29.13 -0.53 -41.23
N LYS L 117 -29.06 0.76 -41.59
CA LYS L 117 -29.98 1.38 -42.53
C LYS L 117 -29.26 1.75 -43.81
N ILE L 118 -29.77 1.25 -44.93
CA ILE L 118 -29.10 1.38 -46.22
C ILE L 118 -29.90 2.21 -47.23
N THR L 119 -29.18 3.05 -47.97
CA THR L 119 -29.67 3.70 -49.19
C THR L 119 -28.74 3.30 -50.35
N ALA L 120 -29.32 2.78 -51.43
CA ALA L 120 -28.53 2.31 -52.59
C ALA L 120 -29.09 2.77 -53.92
N VAL L 121 -28.43 2.36 -55.00
CA VAL L 121 -28.93 2.58 -56.35
C VAL L 121 -29.06 1.29 -57.16
N LYS L 122 -30.10 1.20 -57.98
CA LYS L 122 -30.23 0.14 -58.98
C LYS L 122 -29.03 0.16 -59.93
N ARG L 123 -28.56 -1.00 -60.34
CA ARG L 123 -27.65 -1.09 -61.49
C ARG L 123 -28.45 -0.76 -62.73
N ASP L 124 -27.91 0.10 -63.59
CA ASP L 124 -28.61 0.52 -64.81
C ASP L 124 -28.78 -0.62 -65.80
N ALA L 125 -29.93 -0.62 -66.48
CA ALA L 125 -30.25 -1.66 -67.47
C ALA L 125 -29.74 -1.27 -68.86
#